data_5QS2
# 
_entry.id   5QS2 
# 
_audit_conform.dict_name       mmcif_pdbx.dic 
_audit_conform.dict_version    5.387 
_audit_conform.dict_location   http://mmcif.pdb.org/dictionaries/ascii/mmcif_pdbx.dic 
# 
loop_
_database_2.database_id 
_database_2.database_code 
_database_2.pdbx_database_accession 
_database_2.pdbx_DOI 
PDB   5QS2         pdb_00005qs2 10.2210/pdb5qs2/pdb 
WWPDB D_1001402335 ?            ?                   
# 
loop_
_pdbx_audit_revision_history.ordinal 
_pdbx_audit_revision_history.data_content_type 
_pdbx_audit_revision_history.major_revision 
_pdbx_audit_revision_history.minor_revision 
_pdbx_audit_revision_history.revision_date 
1 'Structure model' 1 0 2019-07-10 
2 'Structure model' 1 1 2019-08-07 
3 'Structure model' 1 2 2024-03-06 
# 
_pdbx_audit_revision_details.ordinal             1 
_pdbx_audit_revision_details.revision_ordinal    1 
_pdbx_audit_revision_details.data_content_type   'Structure model' 
_pdbx_audit_revision_details.provider            repository 
_pdbx_audit_revision_details.type                'Initial release' 
_pdbx_audit_revision_details.description         ? 
_pdbx_audit_revision_details.details             ? 
# 
loop_
_pdbx_audit_revision_group.ordinal 
_pdbx_audit_revision_group.revision_ordinal 
_pdbx_audit_revision_group.data_content_type 
_pdbx_audit_revision_group.group 
1 2 'Structure model' 'Author supporting evidence' 
2 2 'Structure model' 'Data collection'            
3 2 'Structure model' 'Structure summary'          
4 3 'Structure model' 'Data collection'            
5 3 'Structure model' 'Database references'        
6 3 'Structure model' 'Derived calculations'       
# 
loop_
_pdbx_audit_revision_category.ordinal 
_pdbx_audit_revision_category.revision_ordinal 
_pdbx_audit_revision_category.data_content_type 
_pdbx_audit_revision_category.category 
1 2 'Structure model' pdbx_entity_instance_feature 
2 2 'Structure model' pdbx_entry_details           
3 3 'Structure model' chem_comp_atom               
4 3 'Structure model' chem_comp_bond               
5 3 'Structure model' database_2                   
6 3 'Structure model' pdbx_struct_conn_angle       
7 3 'Structure model' struct_conn                  
# 
loop_
_pdbx_audit_revision_item.ordinal 
_pdbx_audit_revision_item.revision_ordinal 
_pdbx_audit_revision_item.data_content_type 
_pdbx_audit_revision_item.item 
1  3 'Structure model' '_database_2.pdbx_DOI'                        
2  3 'Structure model' '_database_2.pdbx_database_accession'         
3  3 'Structure model' '_pdbx_struct_conn_angle.ptnr1_auth_comp_id'  
4  3 'Structure model' '_pdbx_struct_conn_angle.ptnr1_auth_seq_id'   
5  3 'Structure model' '_pdbx_struct_conn_angle.ptnr1_label_alt_id'  
6  3 'Structure model' '_pdbx_struct_conn_angle.ptnr1_label_asym_id' 
7  3 'Structure model' '_pdbx_struct_conn_angle.ptnr1_label_atom_id' 
8  3 'Structure model' '_pdbx_struct_conn_angle.ptnr1_label_comp_id' 
9  3 'Structure model' '_pdbx_struct_conn_angle.ptnr1_label_seq_id'  
10 3 'Structure model' '_pdbx_struct_conn_angle.ptnr1_symmetry'      
11 3 'Structure model' '_pdbx_struct_conn_angle.ptnr3_auth_comp_id'  
12 3 'Structure model' '_pdbx_struct_conn_angle.ptnr3_auth_seq_id'   
13 3 'Structure model' '_pdbx_struct_conn_angle.ptnr3_label_alt_id'  
14 3 'Structure model' '_pdbx_struct_conn_angle.ptnr3_label_asym_id' 
15 3 'Structure model' '_pdbx_struct_conn_angle.ptnr3_label_atom_id' 
16 3 'Structure model' '_pdbx_struct_conn_angle.ptnr3_label_comp_id' 
17 3 'Structure model' '_pdbx_struct_conn_angle.ptnr3_label_seq_id'  
18 3 'Structure model' '_pdbx_struct_conn_angle.ptnr3_symmetry'      
19 3 'Structure model' '_pdbx_struct_conn_angle.value'               
20 3 'Structure model' '_struct_conn.pdbx_dist_value'                
21 3 'Structure model' '_struct_conn.pdbx_ptnr1_label_alt_id'        
22 3 'Structure model' '_struct_conn.ptnr1_auth_comp_id'             
23 3 'Structure model' '_struct_conn.ptnr1_auth_seq_id'              
24 3 'Structure model' '_struct_conn.ptnr1_label_asym_id'            
25 3 'Structure model' '_struct_conn.ptnr1_label_atom_id'            
26 3 'Structure model' '_struct_conn.ptnr1_label_comp_id'            
27 3 'Structure model' '_struct_conn.ptnr1_label_seq_id'             
28 3 'Structure model' '_struct_conn.ptnr2_auth_comp_id'             
29 3 'Structure model' '_struct_conn.ptnr2_auth_seq_id'              
30 3 'Structure model' '_struct_conn.ptnr2_label_asym_id'            
31 3 'Structure model' '_struct_conn.ptnr2_label_atom_id'            
32 3 'Structure model' '_struct_conn.ptnr2_label_comp_id'            
33 3 'Structure model' '_struct_conn.ptnr2_symmetry'                 
# 
_pdbx_database_status.entry_id                        5QS2 
_pdbx_database_status.status_code                     REL 
_pdbx_database_status.status_code_sf                  REL 
_pdbx_database_status.status_code_mr                  ? 
_pdbx_database_status.status_code_cs                  ? 
_pdbx_database_status.recvd_initial_deposition_date   2019-05-25 
_pdbx_database_status.deposit_site                    RCSB 
_pdbx_database_status.process_site                    RCSB 
_pdbx_database_status.SG_entry                        ? 
_pdbx_database_status.pdb_format_compatible           Y 
_pdbx_database_status.methods_development_category    ? 
_pdbx_database_status.status_code_nmr_data            ? 
# 
loop_
_audit_author.name 
_audit_author.pdbx_ordinal 
'Newman, J.A.'        1  
'Gavard, A.E.'        2  
'Fernandez-Cid, A.'   3  
'Sherestha, L.'       4  
'Burgess-Brown, N.A.' 5  
'von Delft, F.'       6  
'Arrowsmith, C.H.'    7  
'Edwards, A.'         8  
'Bountra, C.'         9  
'Gileadi, O.'         10 
# 
_citation.id                        primary 
_citation.title                     'PanDDA analysis group deposition' 
_citation.journal_abbrev            'To Be Published' 
_citation.journal_volume            ? 
_citation.page_first                ? 
_citation.page_last                 ? 
_citation.year                      ? 
_citation.journal_id_ASTM           ? 
_citation.country                   ? 
_citation.journal_id_ISSN           ? 
_citation.journal_id_CSD            0353 
_citation.book_publisher            ? 
_citation.pdbx_database_id_PubMed   ? 
_citation.pdbx_database_id_DOI      ? 
# 
loop_
_citation_author.citation_id 
_citation_author.name 
_citation_author.identifier_ORCID 
_citation_author.ordinal 
primary 'Newman, J.A.'        ? 1  
primary 'Gavard, A.E.'        ? 2  
primary 'Fernandez-Cid, A.'   ? 3  
primary 'Sherestha, L.'       ? 4  
primary 'Burgess-Brown, N.A.' ? 5  
primary 'von Delft, F.'       ? 6  
primary 'Arrowsmith, C.H.'    ? 7  
primary 'Edwards, A.'         ? 8  
primary 'Bountra, C.'         ? 9  
primary 'Gileadi, O.'         ? 10 
# 
loop_
_entity.id 
_entity.type 
_entity.src_method 
_entity.pdbx_description 
_entity.formula_weight 
_entity.pdbx_number_of_molecules 
_entity.pdbx_ec 
_entity.pdbx_mutation 
_entity.pdbx_fragment 
_entity.details 
1 polymer     man 'T-box transcription factor T'             19597.586 1  ? ? ? ? 
2 non-polymer syn 'CADMIUM ION'                              112.411   5  ? ? ? ? 
3 non-polymer syn '1-[2-(trifluoromethyloxy)phenyl]thiourea' 236.214   1  ? ? ? ? 
4 water       nat water                                      18.015    72 ? ? ? ? 
# 
_entity_name_com.entity_id   1 
_entity_name_com.name        'Brachyury protein,Protein T' 
# 
_entity_poly.entity_id                      1 
_entity_poly.type                           'polypeptide(L)' 
_entity_poly.nstd_linkage                   no 
_entity_poly.nstd_monomer                   no 
_entity_poly.pdbx_seq_one_letter_code       
;GELRVGLEESELWLRFKELTNEMIVTKNGRRMFPVLKVNVSGLDPNAMYSFLLDFVAADNHRWKYVNGEWVPGGKPEPQA
PSCVYIHPDSPNFGAHWMKAPVSFSKVKLTNKLNGGGQIMLNSLHKYEPRIHIVRVGGPQRMITSHCFPETQFIAVTAYQ
NEEITALKIKYN
;
_entity_poly.pdbx_seq_one_letter_code_can   
;GELRVGLEESELWLRFKELTNEMIVTKNGRRMFPVLKVNVSGLDPNAMYSFLLDFVAADNHRWKYVNGEWVPGGKPEPQA
PSCVYIHPDSPNFGAHWMKAPVSFSKVKLTNKLNGGGQIMLNSLHKYEPRIHIVRVGGPQRMITSHCFPETQFIAVTAYQ
NEEITALKIKYN
;
_entity_poly.pdbx_strand_id                 A 
_entity_poly.pdbx_target_identifier         ? 
# 
loop_
_pdbx_entity_nonpoly.entity_id 
_pdbx_entity_nonpoly.name 
_pdbx_entity_nonpoly.comp_id 
2 'CADMIUM ION'                              CD  
3 '1-[2-(trifluoromethyloxy)phenyl]thiourea' LV4 
4 water                                      HOH 
# 
loop_
_entity_poly_seq.entity_id 
_entity_poly_seq.num 
_entity_poly_seq.mon_id 
_entity_poly_seq.hetero 
1 1   GLY n 
1 2   GLU n 
1 3   LEU n 
1 4   ARG n 
1 5   VAL n 
1 6   GLY n 
1 7   LEU n 
1 8   GLU n 
1 9   GLU n 
1 10  SER n 
1 11  GLU n 
1 12  LEU n 
1 13  TRP n 
1 14  LEU n 
1 15  ARG n 
1 16  PHE n 
1 17  LYS n 
1 18  GLU n 
1 19  LEU n 
1 20  THR n 
1 21  ASN n 
1 22  GLU n 
1 23  MET n 
1 24  ILE n 
1 25  VAL n 
1 26  THR n 
1 27  LYS n 
1 28  ASN n 
1 29  GLY n 
1 30  ARG n 
1 31  ARG n 
1 32  MET n 
1 33  PHE n 
1 34  PRO n 
1 35  VAL n 
1 36  LEU n 
1 37  LYS n 
1 38  VAL n 
1 39  ASN n 
1 40  VAL n 
1 41  SER n 
1 42  GLY n 
1 43  LEU n 
1 44  ASP n 
1 45  PRO n 
1 46  ASN n 
1 47  ALA n 
1 48  MET n 
1 49  TYR n 
1 50  SER n 
1 51  PHE n 
1 52  LEU n 
1 53  LEU n 
1 54  ASP n 
1 55  PHE n 
1 56  VAL n 
1 57  ALA n 
1 58  ALA n 
1 59  ASP n 
1 60  ASN n 
1 61  HIS n 
1 62  ARG n 
1 63  TRP n 
1 64  LYS n 
1 65  TYR n 
1 66  VAL n 
1 67  ASN n 
1 68  GLY n 
1 69  GLU n 
1 70  TRP n 
1 71  VAL n 
1 72  PRO n 
1 73  GLY n 
1 74  GLY n 
1 75  LYS n 
1 76  PRO n 
1 77  GLU n 
1 78  PRO n 
1 79  GLN n 
1 80  ALA n 
1 81  PRO n 
1 82  SER n 
1 83  CYS n 
1 84  VAL n 
1 85  TYR n 
1 86  ILE n 
1 87  HIS n 
1 88  PRO n 
1 89  ASP n 
1 90  SER n 
1 91  PRO n 
1 92  ASN n 
1 93  PHE n 
1 94  GLY n 
1 95  ALA n 
1 96  HIS n 
1 97  TRP n 
1 98  MET n 
1 99  LYS n 
1 100 ALA n 
1 101 PRO n 
1 102 VAL n 
1 103 SER n 
1 104 PHE n 
1 105 SER n 
1 106 LYS n 
1 107 VAL n 
1 108 LYS n 
1 109 LEU n 
1 110 THR n 
1 111 ASN n 
1 112 LYS n 
1 113 LEU n 
1 114 ASN n 
1 115 GLY n 
1 116 GLY n 
1 117 GLY n 
1 118 GLN n 
1 119 ILE n 
1 120 MET n 
1 121 LEU n 
1 122 ASN n 
1 123 SER n 
1 124 LEU n 
1 125 HIS n 
1 126 LYS n 
1 127 TYR n 
1 128 GLU n 
1 129 PRO n 
1 130 ARG n 
1 131 ILE n 
1 132 HIS n 
1 133 ILE n 
1 134 VAL n 
1 135 ARG n 
1 136 VAL n 
1 137 GLY n 
1 138 GLY n 
1 139 PRO n 
1 140 GLN n 
1 141 ARG n 
1 142 MET n 
1 143 ILE n 
1 144 THR n 
1 145 SER n 
1 146 HIS n 
1 147 CYS n 
1 148 PHE n 
1 149 PRO n 
1 150 GLU n 
1 151 THR n 
1 152 GLN n 
1 153 PHE n 
1 154 ILE n 
1 155 ALA n 
1 156 VAL n 
1 157 THR n 
1 158 ALA n 
1 159 TYR n 
1 160 GLN n 
1 161 ASN n 
1 162 GLU n 
1 163 GLU n 
1 164 ILE n 
1 165 THR n 
1 166 ALA n 
1 167 LEU n 
1 168 LYS n 
1 169 ILE n 
1 170 LYS n 
1 171 TYR n 
1 172 ASN n 
# 
_entity_src_gen.entity_id                          1 
_entity_src_gen.pdbx_src_id                        1 
_entity_src_gen.pdbx_alt_source_flag               sample 
_entity_src_gen.pdbx_seq_type                      'Biological sequence' 
_entity_src_gen.pdbx_beg_seq_num                   1 
_entity_src_gen.pdbx_end_seq_num                   172 
_entity_src_gen.gene_src_common_name               Human 
_entity_src_gen.gene_src_genus                     ? 
_entity_src_gen.pdbx_gene_src_gene                 'TBXT, T' 
_entity_src_gen.gene_src_species                   ? 
_entity_src_gen.gene_src_strain                    ? 
_entity_src_gen.gene_src_tissue                    ? 
_entity_src_gen.gene_src_tissue_fraction           ? 
_entity_src_gen.gene_src_details                   ? 
_entity_src_gen.pdbx_gene_src_fragment             ? 
_entity_src_gen.pdbx_gene_src_scientific_name      'Homo sapiens' 
_entity_src_gen.pdbx_gene_src_ncbi_taxonomy_id     9606 
_entity_src_gen.pdbx_gene_src_variant              ? 
_entity_src_gen.pdbx_gene_src_cell_line            ? 
_entity_src_gen.pdbx_gene_src_atcc                 ? 
_entity_src_gen.pdbx_gene_src_organ                ? 
_entity_src_gen.pdbx_gene_src_organelle            ? 
_entity_src_gen.pdbx_gene_src_cell                 ? 
_entity_src_gen.pdbx_gene_src_cellular_location    ? 
_entity_src_gen.host_org_common_name               ? 
_entity_src_gen.pdbx_host_org_scientific_name      'Escherichia coli' 
_entity_src_gen.pdbx_host_org_ncbi_taxonomy_id     562 
_entity_src_gen.host_org_genus                     ? 
_entity_src_gen.pdbx_host_org_gene                 ? 
_entity_src_gen.pdbx_host_org_organ                ? 
_entity_src_gen.host_org_species                   ? 
_entity_src_gen.pdbx_host_org_tissue               ? 
_entity_src_gen.pdbx_host_org_tissue_fraction      ? 
_entity_src_gen.pdbx_host_org_strain               ? 
_entity_src_gen.pdbx_host_org_variant              ? 
_entity_src_gen.pdbx_host_org_cell_line            ? 
_entity_src_gen.pdbx_host_org_atcc                 ? 
_entity_src_gen.pdbx_host_org_culture_collection   ? 
_entity_src_gen.pdbx_host_org_cell                 ? 
_entity_src_gen.pdbx_host_org_organelle            ? 
_entity_src_gen.pdbx_host_org_cellular_location    ? 
_entity_src_gen.pdbx_host_org_vector_type          ? 
_entity_src_gen.pdbx_host_org_vector               ? 
_entity_src_gen.host_org_details                   ? 
_entity_src_gen.expression_system_id               ? 
_entity_src_gen.plasmid_name                       ? 
_entity_src_gen.plasmid_details                    ? 
_entity_src_gen.pdbx_description                   ? 
# 
loop_
_chem_comp.id 
_chem_comp.type 
_chem_comp.mon_nstd_flag 
_chem_comp.name 
_chem_comp.pdbx_synonyms 
_chem_comp.formula 
_chem_comp.formula_weight 
ALA 'L-peptide linking' y ALANINE                                    ? 'C3 H7 N O2'      89.093  
ARG 'L-peptide linking' y ARGININE                                   ? 'C6 H15 N4 O2 1'  175.209 
ASN 'L-peptide linking' y ASPARAGINE                                 ? 'C4 H8 N2 O3'     132.118 
ASP 'L-peptide linking' y 'ASPARTIC ACID'                            ? 'C4 H7 N O4'      133.103 
CD  non-polymer         . 'CADMIUM ION'                              ? 'Cd 2'            112.411 
CYS 'L-peptide linking' y CYSTEINE                                   ? 'C3 H7 N O2 S'    121.158 
GLN 'L-peptide linking' y GLUTAMINE                                  ? 'C5 H10 N2 O3'    146.144 
GLU 'L-peptide linking' y 'GLUTAMIC ACID'                            ? 'C5 H9 N O4'      147.129 
GLY 'peptide linking'   y GLYCINE                                    ? 'C2 H5 N O2'      75.067  
HIS 'L-peptide linking' y HISTIDINE                                  ? 'C6 H10 N3 O2 1'  156.162 
HOH non-polymer         . WATER                                      ? 'H2 O'            18.015  
ILE 'L-peptide linking' y ISOLEUCINE                                 ? 'C6 H13 N O2'     131.173 
LEU 'L-peptide linking' y LEUCINE                                    ? 'C6 H13 N O2'     131.173 
LV4 non-polymer         . '1-[2-(trifluoromethyloxy)phenyl]thiourea' ? 'C8 H7 F3 N2 O S' 236.214 
LYS 'L-peptide linking' y LYSINE                                     ? 'C6 H15 N2 O2 1'  147.195 
MET 'L-peptide linking' y METHIONINE                                 ? 'C5 H11 N O2 S'   149.211 
PHE 'L-peptide linking' y PHENYLALANINE                              ? 'C9 H11 N O2'     165.189 
PRO 'L-peptide linking' y PROLINE                                    ? 'C5 H9 N O2'      115.130 
SER 'L-peptide linking' y SERINE                                     ? 'C3 H7 N O3'      105.093 
THR 'L-peptide linking' y THREONINE                                  ? 'C4 H9 N O3'      119.119 
TRP 'L-peptide linking' y TRYPTOPHAN                                 ? 'C11 H12 N2 O2'   204.225 
TYR 'L-peptide linking' y TYROSINE                                   ? 'C9 H11 N O3'     181.189 
VAL 'L-peptide linking' y VALINE                                     ? 'C5 H11 N O2'     117.146 
# 
loop_
_pdbx_poly_seq_scheme.asym_id 
_pdbx_poly_seq_scheme.entity_id 
_pdbx_poly_seq_scheme.seq_id 
_pdbx_poly_seq_scheme.mon_id 
_pdbx_poly_seq_scheme.ndb_seq_num 
_pdbx_poly_seq_scheme.pdb_seq_num 
_pdbx_poly_seq_scheme.auth_seq_num 
_pdbx_poly_seq_scheme.pdb_mon_id 
_pdbx_poly_seq_scheme.auth_mon_id 
_pdbx_poly_seq_scheme.pdb_strand_id 
_pdbx_poly_seq_scheme.pdb_ins_code 
_pdbx_poly_seq_scheme.hetero 
A 1 1   GLY 1   40  ?   ?   ?   A . n 
A 1 2   GLU 2   41  41  GLU GLU A . n 
A 1 3   LEU 3   42  42  LEU LEU A . n 
A 1 4   ARG 4   43  43  ARG ARG A . n 
A 1 5   VAL 5   44  44  VAL VAL A . n 
A 1 6   GLY 6   45  45  GLY GLY A . n 
A 1 7   LEU 7   46  46  LEU LEU A . n 
A 1 8   GLU 8   47  47  GLU GLU A . n 
A 1 9   GLU 9   48  48  GLU GLU A . n 
A 1 10  SER 10  49  49  SER SER A . n 
A 1 11  GLU 11  50  50  GLU GLU A . n 
A 1 12  LEU 12  51  51  LEU LEU A . n 
A 1 13  TRP 13  52  52  TRP TRP A . n 
A 1 14  LEU 14  53  53  LEU LEU A . n 
A 1 15  ARG 15  54  54  ARG ARG A . n 
A 1 16  PHE 16  55  55  PHE PHE A . n 
A 1 17  LYS 17  56  56  LYS LYS A . n 
A 1 18  GLU 18  57  57  GLU GLU A . n 
A 1 19  LEU 19  58  58  LEU LEU A . n 
A 1 20  THR 20  59  59  THR THR A . n 
A 1 21  ASN 21  60  60  ASN ASN A . n 
A 1 22  GLU 22  61  61  GLU GLU A . n 
A 1 23  MET 23  62  62  MET MET A . n 
A 1 24  ILE 24  63  63  ILE ILE A . n 
A 1 25  VAL 25  64  64  VAL VAL A . n 
A 1 26  THR 26  65  65  THR THR A . n 
A 1 27  LYS 27  66  66  LYS LYS A . n 
A 1 28  ASN 28  67  67  ASN ASN A . n 
A 1 29  GLY 29  68  68  GLY GLY A . n 
A 1 30  ARG 30  69  69  ARG ARG A . n 
A 1 31  ARG 31  70  70  ARG ARG A . n 
A 1 32  MET 32  71  71  MET MET A . n 
A 1 33  PHE 33  72  72  PHE PHE A . n 
A 1 34  PRO 34  73  73  PRO PRO A . n 
A 1 35  VAL 35  74  74  VAL VAL A . n 
A 1 36  LEU 36  75  75  LEU LEU A . n 
A 1 37  LYS 37  76  76  LYS LYS A . n 
A 1 38  VAL 38  77  77  VAL VAL A . n 
A 1 39  ASN 39  78  78  ASN ASN A . n 
A 1 40  VAL 40  79  79  VAL VAL A . n 
A 1 41  SER 41  80  80  SER SER A . n 
A 1 42  GLY 42  81  81  GLY GLY A . n 
A 1 43  LEU 43  82  82  LEU LEU A . n 
A 1 44  ASP 44  83  83  ASP ASP A . n 
A 1 45  PRO 45  84  84  PRO PRO A . n 
A 1 46  ASN 46  85  85  ASN ASN A . n 
A 1 47  ALA 47  86  86  ALA ALA A . n 
A 1 48  MET 48  87  87  MET MET A . n 
A 1 49  TYR 49  88  88  TYR TYR A . n 
A 1 50  SER 50  89  89  SER SER A . n 
A 1 51  PHE 51  90  90  PHE PHE A . n 
A 1 52  LEU 52  91  91  LEU LEU A . n 
A 1 53  LEU 53  92  92  LEU LEU A . n 
A 1 54  ASP 54  93  93  ASP ASP A . n 
A 1 55  PHE 55  94  94  PHE PHE A . n 
A 1 56  VAL 56  95  95  VAL VAL A . n 
A 1 57  ALA 57  96  96  ALA ALA A . n 
A 1 58  ALA 58  97  97  ALA ALA A . n 
A 1 59  ASP 59  98  98  ASP ASP A . n 
A 1 60  ASN 60  99  99  ASN ASN A . n 
A 1 61  HIS 61  100 100 HIS HIS A . n 
A 1 62  ARG 62  101 101 ARG ARG A . n 
A 1 63  TRP 63  102 102 TRP TRP A . n 
A 1 64  LYS 64  103 103 LYS LYS A . n 
A 1 65  TYR 65  104 104 TYR TYR A . n 
A 1 66  VAL 66  105 105 VAL VAL A . n 
A 1 67  ASN 67  106 106 ASN ASN A . n 
A 1 68  GLY 68  107 107 GLY GLY A . n 
A 1 69  GLU 69  108 108 GLU GLU A . n 
A 1 70  TRP 70  109 109 TRP TRP A . n 
A 1 71  VAL 71  110 110 VAL VAL A . n 
A 1 72  PRO 72  111 111 PRO PRO A . n 
A 1 73  GLY 73  112 112 GLY GLY A . n 
A 1 74  GLY 74  113 113 GLY GLY A . n 
A 1 75  LYS 75  114 114 LYS LYS A . n 
A 1 76  PRO 76  115 115 PRO PRO A . n 
A 1 77  GLU 77  116 116 GLU GLU A . n 
A 1 78  PRO 78  117 117 PRO PRO A . n 
A 1 79  GLN 79  118 118 GLN GLN A . n 
A 1 80  ALA 80  119 119 ALA ALA A . n 
A 1 81  PRO 81  120 120 PRO PRO A . n 
A 1 82  SER 82  121 121 SER SER A . n 
A 1 83  CYS 83  122 122 CYS CYS A . n 
A 1 84  VAL 84  123 123 VAL VAL A . n 
A 1 85  TYR 85  124 124 TYR TYR A . n 
A 1 86  ILE 86  125 125 ILE ILE A . n 
A 1 87  HIS 87  126 126 HIS HIS A . n 
A 1 88  PRO 88  127 127 PRO PRO A . n 
A 1 89  ASP 89  128 128 ASP ASP A . n 
A 1 90  SER 90  129 129 SER SER A . n 
A 1 91  PRO 91  130 130 PRO PRO A . n 
A 1 92  ASN 92  131 131 ASN ASN A . n 
A 1 93  PHE 93  132 132 PHE PHE A . n 
A 1 94  GLY 94  133 133 GLY GLY A . n 
A 1 95  ALA 95  134 134 ALA ALA A . n 
A 1 96  HIS 96  135 135 HIS HIS A . n 
A 1 97  TRP 97  136 136 TRP TRP A . n 
A 1 98  MET 98  137 137 MET MET A . n 
A 1 99  LYS 99  138 138 LYS LYS A . n 
A 1 100 ALA 100 139 139 ALA ALA A . n 
A 1 101 PRO 101 140 140 PRO PRO A . n 
A 1 102 VAL 102 141 141 VAL VAL A . n 
A 1 103 SER 103 142 142 SER SER A . n 
A 1 104 PHE 104 143 143 PHE PHE A . n 
A 1 105 SER 105 144 144 SER SER A . n 
A 1 106 LYS 106 145 145 LYS LYS A . n 
A 1 107 VAL 107 146 146 VAL VAL A . n 
A 1 108 LYS 108 147 147 LYS LYS A . n 
A 1 109 LEU 109 148 148 LEU LEU A . n 
A 1 110 THR 110 149 149 THR THR A . n 
A 1 111 ASN 111 150 150 ASN ASN A . n 
A 1 112 LYS 112 151 151 LYS LYS A . n 
A 1 113 LEU 113 152 152 LEU LEU A . n 
A 1 114 ASN 114 153 153 ASN ASN A . n 
A 1 115 GLY 115 154 154 GLY GLY A . n 
A 1 116 GLY 116 155 155 GLY GLY A . n 
A 1 117 GLY 117 156 156 GLY GLY A . n 
A 1 118 GLN 118 157 157 GLN GLN A . n 
A 1 119 ILE 119 158 158 ILE ILE A . n 
A 1 120 MET 120 159 159 MET MET A . n 
A 1 121 LEU 121 160 160 LEU LEU A . n 
A 1 122 ASN 122 161 161 ASN ASN A . n 
A 1 123 SER 123 162 162 SER SER A . n 
A 1 124 LEU 124 163 163 LEU LEU A . n 
A 1 125 HIS 125 164 164 HIS HIS A . n 
A 1 126 LYS 126 165 165 LYS LYS A . n 
A 1 127 TYR 127 166 166 TYR TYR A . n 
A 1 128 GLU 128 167 167 GLU GLU A . n 
A 1 129 PRO 129 168 168 PRO PRO A . n 
A 1 130 ARG 130 169 169 ARG ARG A . n 
A 1 131 ILE 131 170 170 ILE ILE A . n 
A 1 132 HIS 132 171 171 HIS HIS A . n 
A 1 133 ILE 133 172 172 ILE ILE A . n 
A 1 134 VAL 134 173 173 VAL VAL A . n 
A 1 135 ARG 135 174 174 ARG ARG A . n 
A 1 136 VAL 136 175 175 VAL VAL A . n 
A 1 137 GLY 137 176 176 GLY GLY A . n 
A 1 138 GLY 138 177 177 GLY GLY A . n 
A 1 139 PRO 139 178 178 PRO PRO A . n 
A 1 140 GLN 140 179 179 GLN GLN A . n 
A 1 141 ARG 141 180 180 ARG ARG A . n 
A 1 142 MET 142 181 181 MET MET A . n 
A 1 143 ILE 143 182 182 ILE ILE A . n 
A 1 144 THR 144 183 183 THR THR A . n 
A 1 145 SER 145 184 184 SER SER A . n 
A 1 146 HIS 146 185 185 HIS HIS A . n 
A 1 147 CYS 147 186 186 CYS CYS A . n 
A 1 148 PHE 148 187 187 PHE PHE A . n 
A 1 149 PRO 149 188 188 PRO PRO A . n 
A 1 150 GLU 150 189 189 GLU GLU A . n 
A 1 151 THR 151 190 190 THR THR A . n 
A 1 152 GLN 152 191 191 GLN GLN A . n 
A 1 153 PHE 153 192 192 PHE PHE A . n 
A 1 154 ILE 154 193 193 ILE ILE A . n 
A 1 155 ALA 155 194 194 ALA ALA A . n 
A 1 156 VAL 156 195 195 VAL VAL A . n 
A 1 157 THR 157 196 196 THR THR A . n 
A 1 158 ALA 158 197 197 ALA ALA A . n 
A 1 159 TYR 159 198 198 TYR TYR A . n 
A 1 160 GLN 160 199 199 GLN GLN A . n 
A 1 161 ASN 161 200 200 ASN ASN A . n 
A 1 162 GLU 162 201 201 GLU GLU A . n 
A 1 163 GLU 163 202 202 GLU GLU A . n 
A 1 164 ILE 164 203 203 ILE ILE A . n 
A 1 165 THR 165 204 204 THR THR A . n 
A 1 166 ALA 166 205 205 ALA ALA A . n 
A 1 167 LEU 167 206 206 LEU LEU A . n 
A 1 168 LYS 168 207 207 LYS LYS A . n 
A 1 169 ILE 169 208 208 ILE ILE A . n 
A 1 170 LYS 170 209 209 LYS LYS A . n 
A 1 171 TYR 171 210 210 TYR TYR A . n 
A 1 172 ASN 172 211 211 ASN ASN A . n 
# 
loop_
_pdbx_nonpoly_scheme.asym_id 
_pdbx_nonpoly_scheme.entity_id 
_pdbx_nonpoly_scheme.mon_id 
_pdbx_nonpoly_scheme.ndb_seq_num 
_pdbx_nonpoly_scheme.pdb_seq_num 
_pdbx_nonpoly_scheme.auth_seq_num 
_pdbx_nonpoly_scheme.pdb_mon_id 
_pdbx_nonpoly_scheme.auth_mon_id 
_pdbx_nonpoly_scheme.pdb_strand_id 
_pdbx_nonpoly_scheme.pdb_ins_code 
B 2 CD  1  301 1  CD  CD  A . 
C 2 CD  1  302 2  CD  CD  A . 
D 2 CD  1  303 3  CD  CD  A . 
E 2 CD  1  304 4  CD  CD  A . 
F 2 CD  1  305 5  CD  CD  A . 
G 3 LV4 1  306 1  LV4 LIG A . 
H 4 HOH 1  401 48 HOH HOH A . 
H 4 HOH 2  402 42 HOH HOH A . 
H 4 HOH 3  403 79 HOH HOH A . 
H 4 HOH 4  404 24 HOH HOH A . 
H 4 HOH 5  405 76 HOH HOH A . 
H 4 HOH 6  406 61 HOH HOH A . 
H 4 HOH 7  407 70 HOH HOH A . 
H 4 HOH 8  408 53 HOH HOH A . 
H 4 HOH 9  409 21 HOH HOH A . 
H 4 HOH 10 410 55 HOH HOH A . 
H 4 HOH 11 411 58 HOH HOH A . 
H 4 HOH 12 412 44 HOH HOH A . 
H 4 HOH 13 413 16 HOH HOH A . 
H 4 HOH 14 414 51 HOH HOH A . 
H 4 HOH 15 415 14 HOH HOH A . 
H 4 HOH 16 416 68 HOH HOH A . 
H 4 HOH 17 417 45 HOH HOH A . 
H 4 HOH 18 418 54 HOH HOH A . 
H 4 HOH 19 419 56 HOH HOH A . 
H 4 HOH 20 420 17 HOH HOH A . 
H 4 HOH 21 421 4  HOH HOH A . 
H 4 HOH 22 422 32 HOH HOH A . 
H 4 HOH 23 423 33 HOH HOH A . 
H 4 HOH 24 424 71 HOH HOH A . 
H 4 HOH 25 425 41 HOH HOH A . 
H 4 HOH 26 426 31 HOH HOH A . 
H 4 HOH 27 427 10 HOH HOH A . 
H 4 HOH 28 428 50 HOH HOH A . 
H 4 HOH 29 429 7  HOH HOH A . 
H 4 HOH 30 430 1  HOH HOH A . 
H 4 HOH 31 431 49 HOH HOH A . 
H 4 HOH 32 432 52 HOH HOH A . 
H 4 HOH 33 433 67 HOH HOH A . 
H 4 HOH 34 434 47 HOH HOH A . 
H 4 HOH 35 435 69 HOH HOH A . 
H 4 HOH 36 436 6  HOH HOH A . 
H 4 HOH 37 437 75 HOH HOH A . 
H 4 HOH 38 438 57 HOH HOH A . 
H 4 HOH 39 439 66 HOH HOH A . 
H 4 HOH 40 440 63 HOH HOH A . 
H 4 HOH 41 441 60 HOH HOH A . 
H 4 HOH 42 442 45 HOH HOH A . 
H 4 HOH 43 443 30 HOH HOH A . 
H 4 HOH 44 444 28 HOH HOH A . 
H 4 HOH 45 445 64 HOH HOH A . 
H 4 HOH 46 446 73 HOH HOH A . 
H 4 HOH 47 447 8  HOH HOH A . 
H 4 HOH 48 448 8  HOH HOH A . 
H 4 HOH 49 449 18 HOH HOH A . 
H 4 HOH 50 450 52 HOH HOH A . 
H 4 HOH 51 451 11 HOH HOH A . 
H 4 HOH 52 452 12 HOH HOH A . 
H 4 HOH 53 453 77 HOH HOH A . 
H 4 HOH 54 454 46 HOH HOH A . 
H 4 HOH 55 455 14 HOH HOH A . 
H 4 HOH 56 456 2  HOH HOH A . 
H 4 HOH 57 457 4  HOH HOH A . 
H 4 HOH 58 458 15 HOH HOH A . 
H 4 HOH 59 459 1  HOH HOH A . 
H 4 HOH 60 460 65 HOH HOH A . 
H 4 HOH 61 461 6  HOH HOH A . 
H 4 HOH 62 462 72 HOH HOH A . 
H 4 HOH 63 463 3  HOH HOH A . 
H 4 HOH 64 464 3  HOH HOH A . 
H 4 HOH 65 465 10 HOH HOH A . 
H 4 HOH 66 466 62 HOH HOH A . 
H 4 HOH 67 467 13 HOH HOH A . 
H 4 HOH 68 468 78 HOH HOH A . 
H 4 HOH 69 469 43 HOH HOH A . 
H 4 HOH 70 470 16 HOH HOH A . 
H 4 HOH 71 471 17 HOH HOH A . 
H 4 HOH 72 472 18 HOH HOH A . 
# 
loop_
_pdbx_unobs_or_zero_occ_atoms.id 
_pdbx_unobs_or_zero_occ_atoms.PDB_model_num 
_pdbx_unobs_or_zero_occ_atoms.polymer_flag 
_pdbx_unobs_or_zero_occ_atoms.occupancy_flag 
_pdbx_unobs_or_zero_occ_atoms.auth_asym_id 
_pdbx_unobs_or_zero_occ_atoms.auth_comp_id 
_pdbx_unobs_or_zero_occ_atoms.auth_seq_id 
_pdbx_unobs_or_zero_occ_atoms.PDB_ins_code 
_pdbx_unobs_or_zero_occ_atoms.auth_atom_id 
_pdbx_unobs_or_zero_occ_atoms.label_alt_id 
_pdbx_unobs_or_zero_occ_atoms.label_asym_id 
_pdbx_unobs_or_zero_occ_atoms.label_comp_id 
_pdbx_unobs_or_zero_occ_atoms.label_seq_id 
_pdbx_unobs_or_zero_occ_atoms.label_atom_id 
1 1 Y 1 A ARG 43 ? CG  ? A ARG 4 CG  
2 1 Y 1 A ARG 43 ? CD  ? A ARG 4 CD  
3 1 Y 1 A ARG 43 ? NE  ? A ARG 4 NE  
4 1 Y 1 A ARG 43 ? CZ  ? A ARG 4 CZ  
5 1 Y 1 A ARG 43 ? NH1 ? A ARG 4 NH1 
6 1 Y 1 A ARG 43 ? NH2 ? A ARG 4 NH2 
# 
loop_
_software.pdbx_ordinal 
_software.name 
_software.version 
_software.date 
_software.type 
_software.contact_author 
_software.contact_author_email 
_software.classification 
_software.location 
_software.language 
_software.citation_id 
1 REFMAC      5.8.0238 ?               program 'Garib N. Murshudov' garib@ysbl.york.ac.uk    refinement        
http://www.ccp4.ac.uk/dist/html/refmac5.html        Fortran_77 ? 
2 Aimless     0.7.1    27/03/18        program 'Phil Evans'         ?                        'data scaling'    
http://www.mrc-lmb.cam.ac.uk/harry/pre/aimless.html ?          ? 
3 PDB_EXTRACT 3.23     'SEP. 23, 2016' package PDB                  deposit@deposit.rcsb.org 'data extraction' 
http://sw-tools.pdb.org/apps/PDB_EXTRACT/           C++        ? 
4 XDS         .        ?               program ?                    ?                        'data reduction'  ? ?          ? 
5 REFMAC      .        ?               program ?                    ?                        phasing           ? ?          ? 
# 
_cell.entry_id           5QS2 
_cell.length_a           60.290 
_cell.length_b           60.290 
_cell.length_c           110.020 
_cell.angle_alpha        90.000 
_cell.angle_beta         90.000 
_cell.angle_gamma        90.000 
_cell.Z_PDB              8 
_cell.pdbx_unique_axis   ? 
# 
_symmetry.entry_id                         5QS2 
_symmetry.Int_Tables_number                91 
_symmetry.space_group_name_H-M             'P 41 2 2' 
_symmetry.pdbx_full_space_group_name_H-M   ? 
_symmetry.cell_setting                     ? 
# 
_exptl.crystals_number   1 
_exptl.entry_id          5QS2 
_exptl.method            'X-RAY DIFFRACTION' 
# 
_exptl_crystal.id                    1 
_exptl_crystal.pdbx_mosaicity        0.000 
_exptl_crystal.pdbx_mosaicity_esd    ? 
_exptl_crystal.density_Matthews      2.55 
_exptl_crystal.density_diffrn        ? 
_exptl_crystal.density_meas          ? 
_exptl_crystal.density_meas_temp     ? 
_exptl_crystal.density_percent_sol   51.78 
_exptl_crystal.size_max              ? 
_exptl_crystal.size_mid              ? 
_exptl_crystal.size_min              ? 
_exptl_crystal.size_rad              ? 
_exptl_crystal.description           ? 
# 
_exptl_crystal_grow.crystal_id      1 
_exptl_crystal_grow.method          'VAPOR DIFFUSION, SITTING DROP' 
_exptl_crystal_grow.pH              4.5 
_exptl_crystal_grow.temp            298 
_exptl_crystal_grow.pdbx_details    '0.1 M CdCl, 0.1 M Acetate pH 4.5, 32% PEG 400' 
_exptl_crystal_grow.temp_details    ? 
_exptl_crystal_grow.pdbx_pH_range   ? 
# 
_diffrn.id                     1 
_diffrn.ambient_temp           100 
_diffrn.crystal_id             1 
_diffrn.ambient_temp_details   ? 
# 
_diffrn_detector.detector               PIXEL 
_diffrn_detector.type                   'DECTRIS PILATUS 6M' 
_diffrn_detector.pdbx_collection_date   2018-07-22 
_diffrn_detector.diffrn_id              1 
_diffrn_detector.details                ? 
# 
_diffrn_radiation.diffrn_id                        1 
_diffrn_radiation.wavelength_id                    1 
_diffrn_radiation.pdbx_diffrn_protocol             'SINGLE WAVELENGTH' 
_diffrn_radiation.pdbx_monochromatic_or_laue_m_l   M 
_diffrn_radiation.monochromator                    ? 
_diffrn_radiation.pdbx_scattering_type             x-ray 
# 
_diffrn_radiation_wavelength.id           1 
_diffrn_radiation_wavelength.wavelength   0.91587 
_diffrn_radiation_wavelength.wt           1.0 
# 
_diffrn_source.diffrn_id                   1 
_diffrn_source.source                      SYNCHROTRON 
_diffrn_source.type                        'DIAMOND BEAMLINE I04-1' 
_diffrn_source.pdbx_wavelength_list        0.91587 
_diffrn_source.pdbx_synchrotron_site       Diamond 
_diffrn_source.pdbx_synchrotron_beamline   I04-1 
_diffrn_source.pdbx_wavelength             ? 
# 
_reflns.entry_id                     5QS2 
_reflns.pdbx_diffrn_id               1 
_reflns.pdbx_ordinal                 1 
_reflns.observed_criterion_sigma_I   ? 
_reflns.observed_criterion_sigma_F   ? 
_reflns.d_resolution_low             55.010 
_reflns.d_resolution_high            1.680 
_reflns.number_obs                   23883 
_reflns.number_all                   ? 
_reflns.percent_possible_obs         99.800 
_reflns.pdbx_Rmerge_I_obs            0.111 
_reflns.pdbx_Rsym_value              ? 
_reflns.pdbx_netI_over_sigmaI        12.600 
_reflns.B_iso_Wilson_estimate        ? 
_reflns.pdbx_redundancy              12.700 
_reflns.pdbx_Rrim_I_all              0.116 
_reflns.pdbx_Rpim_I_all              0.033 
_reflns.pdbx_CC_half                 0.997 
_reflns.pdbx_netI_over_av_sigmaI     ? 
_reflns.pdbx_number_measured_all     303629 
_reflns.pdbx_scaling_rejects         18 
_reflns.pdbx_chi_squared             ? 
_reflns.Rmerge_F_all                 ? 
_reflns.Rmerge_F_obs                 ? 
_reflns.observed_criterion_F_max     ? 
_reflns.observed_criterion_F_min     ? 
_reflns.observed_criterion_I_max     ? 
_reflns.observed_criterion_I_min     ? 
_reflns.pdbx_d_res_high_opt          ? 
_reflns.pdbx_d_res_low_opt           ? 
_reflns.details                      ? 
# 
loop_
_reflns_shell.pdbx_diffrn_id 
_reflns_shell.pdbx_ordinal 
_reflns_shell.d_res_high 
_reflns_shell.d_res_low 
_reflns_shell.number_measured_obs 
_reflns_shell.number_measured_all 
_reflns_shell.number_unique_obs 
_reflns_shell.pdbx_rejects 
_reflns_shell.Rmerge_I_obs 
_reflns_shell.meanI_over_sigI_obs 
_reflns_shell.pdbx_Rsym_value 
_reflns_shell.pdbx_chi_squared 
_reflns_shell.pdbx_redundancy 
_reflns_shell.percent_possible_obs 
_reflns_shell.pdbx_netI_over_sigmaI_obs 
_reflns_shell.number_possible 
_reflns_shell.number_unique_all 
_reflns_shell.Rmerge_F_all 
_reflns_shell.Rmerge_F_obs 
_reflns_shell.Rmerge_I_all 
_reflns_shell.meanI_over_sigI_all 
_reflns_shell.percent_possible_all 
_reflns_shell.pdbx_Rrim_I_all 
_reflns_shell.pdbx_Rpim_I_all 
_reflns_shell.pdbx_CC_half 
1 1 1.680 1.720  ? 21242 ? ? 2.464 ? ? ? 12.300 ? 1.100  ? 1721 ? ? ? ? 99.500 2.571 0.729 0.647 
1 2 7.510 55.010 ? 3495  ? ? 0.062 ? ? ? 10.200 ? 35.400 ? 344  ? ? ? ? 99.800 0.066 0.021 0.994 
# 
_refine.entry_id                                 5QS2 
_refine.pdbx_refine_id                           'X-RAY DIFFRACTION' 
_refine.ls_d_res_high                            1.6800 
_refine.ls_d_res_low                             52.9300 
_refine.pdbx_ls_sigma_F                          0.000 
_refine.pdbx_data_cutoff_high_absF               ? 
_refine.pdbx_data_cutoff_low_absF                ? 
_refine.ls_percent_reflns_obs                    99.7200 
_refine.ls_number_reflns_obs                     22670 
_refine.ls_number_reflns_all                     ? 
_refine.pdbx_ls_cross_valid_method               THROUGHOUT 
_refine.ls_matrix_type                           ? 
_refine.pdbx_R_Free_selection_details            RANDOM 
_refine.details                                  
'HYDROGENS HAVE BEEN ADDED IN THE RIDING POSITIONS U VALUES      : REFINED INDIVIDUALLY' 
_refine.ls_R_factor_all                          ? 
_refine.ls_R_factor_obs                          0.2225 
_refine.ls_R_factor_R_work                       0.2214 
_refine.ls_wR_factor_R_work                      ? 
_refine.ls_R_factor_R_free                       0.2439 
_refine.ls_wR_factor_R_free                      ? 
_refine.ls_percent_reflns_R_free                 4.9000 
_refine.ls_number_reflns_R_free                  1165 
_refine.ls_number_reflns_R_work                  ? 
_refine.ls_R_factor_R_free_error                 ? 
_refine.B_iso_mean                               37.8850 
_refine.solvent_model_param_bsol                 ? 
_refine.solvent_model_param_ksol                 ? 
_refine.pdbx_isotropic_thermal_model             ? 
_refine.aniso_B[1][1]                            1.2200 
_refine.aniso_B[2][2]                            1.2200 
_refine.aniso_B[3][3]                            -2.4400 
_refine.aniso_B[1][2]                            0.0000 
_refine.aniso_B[1][3]                            -0.0000 
_refine.aniso_B[2][3]                            -0.0000 
_refine.correlation_coeff_Fo_to_Fc               0.9570 
_refine.correlation_coeff_Fo_to_Fc_free          0.9500 
_refine.overall_SU_R_Cruickshank_DPI             ? 
_refine.pdbx_overall_SU_R_free_Cruickshank_DPI   ? 
_refine.pdbx_overall_SU_R_Blow_DPI               ? 
_refine.pdbx_overall_SU_R_free_Blow_DPI          ? 
_refine.overall_SU_R_free                        ? 
_refine.pdbx_overall_ESU_R                       0.1310 
_refine.pdbx_overall_ESU_R_Free                  0.1190 
_refine.overall_SU_ML                            0.1080 
_refine.overall_SU_B                             3.5070 
_refine.solvent_model_details                    MASK 
_refine.pdbx_solvent_vdw_probe_radii             1.2000 
_refine.pdbx_solvent_ion_probe_radii             0.8000 
_refine.pdbx_solvent_shrinkage_radii             0.8000 
_refine.ls_number_parameters                     ? 
_refine.ls_number_restraints                     ? 
_refine.pdbx_starting_model                      6f58 
_refine.pdbx_method_to_determine_struct          'FOURIER SYNTHESIS' 
_refine.pdbx_stereochemistry_target_values       'MAXIMUM LIKELIHOOD' 
_refine.pdbx_stereochem_target_val_spec_case     ? 
_refine.overall_FOM_work_R_set                   ? 
_refine.B_iso_max                                102.310 
_refine.B_iso_min                                18.440 
_refine.pdbx_overall_phase_error                 ? 
_refine.occupancy_max                            ? 
_refine.occupancy_min                            ? 
_refine.pdbx_diffrn_id                           1 
_refine.pdbx_TLS_residual_ADP_flag               ? 
_refine.pdbx_ls_sigma_I                          ? 
_refine.pdbx_data_cutoff_high_rms_absF           ? 
_refine.ls_R_factor_R_free_error_details         ? 
# 
_refine_hist.cycle_id                         final 
_refine_hist.pdbx_refine_id                   'X-RAY DIFFRACTION' 
_refine_hist.d_res_high                       1.6800 
_refine_hist.d_res_low                        52.9300 
_refine_hist.pdbx_number_atoms_ligand         19 
_refine_hist.number_atoms_solvent             72 
_refine_hist.number_atoms_total               1460 
_refine_hist.pdbx_number_residues_total       172 
_refine_hist.pdbx_B_iso_mean_ligand           62.62 
_refine_hist.pdbx_B_iso_mean_solvent          36.63 
_refine_hist.pdbx_number_atoms_protein        1369 
_refine_hist.pdbx_number_atoms_nucleic_acid   0 
# 
loop_
_refine_ls_restr.pdbx_refine_id 
_refine_ls_restr.type 
_refine_ls_restr.number 
_refine_ls_restr.dev_ideal 
_refine_ls_restr.dev_ideal_target 
_refine_ls_restr.weight 
_refine_ls_restr.pdbx_restraint_function 
'X-RAY DIFFRACTION' r_bond_refined_d       2063 0.009  0.014  ? ? 
'X-RAY DIFFRACTION' r_bond_other_d         1638 0.001  0.017  ? ? 
'X-RAY DIFFRACTION' r_angle_refined_deg    2486 1.638  1.657  ? ? 
'X-RAY DIFFRACTION' r_angle_other_deg      3833 1.329  1.574  ? ? 
'X-RAY DIFFRACTION' r_dihedral_angle_1_deg 231  7.621  5.000  ? ? 
'X-RAY DIFFRACTION' r_dihedral_angle_2_deg 95   28.006 21.684 ? ? 
'X-RAY DIFFRACTION' r_dihedral_angle_3_deg 295  20.158 15.000 ? ? 
'X-RAY DIFFRACTION' r_dihedral_angle_4_deg 13   21.404 15.000 ? ? 
'X-RAY DIFFRACTION' r_chiral_restr         215  0.081  0.200  ? ? 
'X-RAY DIFFRACTION' r_gen_planes_refined   2112 0.009  0.020  ? ? 
'X-RAY DIFFRACTION' r_gen_planes_other     391  0.002  0.020  ? ? 
'X-RAY DIFFRACTION' r_mcbond_it            1004 3.069  3.876  ? ? 
'X-RAY DIFFRACTION' r_mcbond_other         1001 3.072  3.872  ? ? 
'X-RAY DIFFRACTION' r_mcangle_it           1127 4.988  5.699  ? ? 
# 
_refine_ls_shell.d_res_high                       1.6800 
_refine_ls_shell.d_res_low                        1.7240 
_refine_ls_shell.pdbx_total_number_of_bins_used   20 
_refine_ls_shell.percent_reflns_obs               99.4200 
_refine_ls_shell.number_reflns_R_work             1625 
_refine_ls_shell.R_factor_all                     ? 
_refine_ls_shell.R_factor_R_work                  0.3530 
_refine_ls_shell.R_factor_R_free                  0.3560 
_refine_ls_shell.percent_reflns_R_free            ? 
_refine_ls_shell.number_reflns_R_free             92 
_refine_ls_shell.R_factor_R_free_error            ? 
_refine_ls_shell.number_reflns_all                1717 
_refine_ls_shell.number_reflns_obs                ? 
_refine_ls_shell.pdbx_refine_id                   'X-RAY DIFFRACTION' 
# 
_struct.entry_id                  5QS2 
_struct.title                     
'PanDDA analysis group deposition -- Crystal Structure of human Brachyury in complex with Z291279160' 
_struct.pdbx_model_details        ? 
_struct.pdbx_CASP_flag            ? 
_struct.pdbx_model_type_details   ? 
# 
_struct_keywords.entry_id        5QS2 
_struct_keywords.text            'SGC - Diamond I04-1 fragment screening, PanDDA, XChemExplorer, TRANSCRIPTION' 
_struct_keywords.pdbx_keywords   TRANSCRIPTION 
# 
loop_
_struct_asym.id 
_struct_asym.pdbx_blank_PDB_chainid_flag 
_struct_asym.pdbx_modified 
_struct_asym.entity_id 
_struct_asym.details 
A N N 1 ? 
B N N 2 ? 
C N N 2 ? 
D N N 2 ? 
E N N 2 ? 
F N N 2 ? 
G N N 3 ? 
H N N 4 ? 
# 
_struct_ref.id                         1 
_struct_ref.db_name                    UNP 
_struct_ref.db_code                    TBXT_HUMAN 
_struct_ref.pdbx_db_accession          O15178 
_struct_ref.pdbx_db_isoform            ? 
_struct_ref.entity_id                  1 
_struct_ref.pdbx_seq_one_letter_code   
;ELRVGLEESELWLRFKELTNEMIVTKNGRRMFPVLKVNVSGLDPNAMYSFLLDFVAADNHRWKYVNGEWVPGGKPEPQAP
SCVYIHPDSPNFGAHWMKAPVSFSKVKLTNKLNGGGQIMLNSLHKYEPRIHIVRVGGPQRMITSHCFPETQFIAVTAYQN
EEITALKIKYN
;
_struct_ref.pdbx_align_begin           41 
# 
_struct_ref_seq.align_id                      1 
_struct_ref_seq.ref_id                        1 
_struct_ref_seq.pdbx_PDB_id_code              5QS2 
_struct_ref_seq.pdbx_strand_id                A 
_struct_ref_seq.seq_align_beg                 2 
_struct_ref_seq.pdbx_seq_align_beg_ins_code   ? 
_struct_ref_seq.seq_align_end                 172 
_struct_ref_seq.pdbx_seq_align_end_ins_code   ? 
_struct_ref_seq.pdbx_db_accession             O15178 
_struct_ref_seq.db_align_beg                  41 
_struct_ref_seq.pdbx_db_align_beg_ins_code    ? 
_struct_ref_seq.db_align_end                  211 
_struct_ref_seq.pdbx_db_align_end_ins_code    ? 
_struct_ref_seq.pdbx_auth_seq_align_beg       41 
_struct_ref_seq.pdbx_auth_seq_align_end       211 
# 
_struct_ref_seq_dif.align_id                     1 
_struct_ref_seq_dif.pdbx_pdb_id_code             5QS2 
_struct_ref_seq_dif.mon_id                       GLY 
_struct_ref_seq_dif.pdbx_pdb_strand_id           A 
_struct_ref_seq_dif.seq_num                      1 
_struct_ref_seq_dif.pdbx_pdb_ins_code            ? 
_struct_ref_seq_dif.pdbx_seq_db_name             UNP 
_struct_ref_seq_dif.pdbx_seq_db_accession_code   O15178 
_struct_ref_seq_dif.db_mon_id                    ? 
_struct_ref_seq_dif.pdbx_seq_db_seq_num          ? 
_struct_ref_seq_dif.details                      'expression tag' 
_struct_ref_seq_dif.pdbx_auth_seq_num            40 
_struct_ref_seq_dif.pdbx_ordinal                 1 
# 
_pdbx_struct_assembly.id                   1 
_pdbx_struct_assembly.details              author_defined_assembly 
_pdbx_struct_assembly.method_details       ? 
_pdbx_struct_assembly.oligomeric_details   monomeric 
_pdbx_struct_assembly.oligomeric_count     1 
# 
_pdbx_struct_assembly_gen.assembly_id       1 
_pdbx_struct_assembly_gen.oper_expression   1 
_pdbx_struct_assembly_gen.asym_id_list      A,B,C,D,E,F,G,H 
# 
_pdbx_struct_oper_list.id                   1 
_pdbx_struct_oper_list.type                 'identity operation' 
_pdbx_struct_oper_list.name                 1_555 
_pdbx_struct_oper_list.symmetry_operation   x,y,z 
_pdbx_struct_oper_list.matrix[1][1]         1.0000000000 
_pdbx_struct_oper_list.matrix[1][2]         0.0000000000 
_pdbx_struct_oper_list.matrix[1][3]         0.0000000000 
_pdbx_struct_oper_list.vector[1]            0.0000000000 
_pdbx_struct_oper_list.matrix[2][1]         0.0000000000 
_pdbx_struct_oper_list.matrix[2][2]         1.0000000000 
_pdbx_struct_oper_list.matrix[2][3]         0.0000000000 
_pdbx_struct_oper_list.vector[2]            0.0000000000 
_pdbx_struct_oper_list.matrix[3][1]         0.0000000000 
_pdbx_struct_oper_list.matrix[3][2]         0.0000000000 
_pdbx_struct_oper_list.matrix[3][3]         1.0000000000 
_pdbx_struct_oper_list.vector[3]            0.0000000000 
# 
loop_
_struct_conf.conf_type_id 
_struct_conf.id 
_struct_conf.pdbx_PDB_helix_id 
_struct_conf.beg_label_comp_id 
_struct_conf.beg_label_asym_id 
_struct_conf.beg_label_seq_id 
_struct_conf.pdbx_beg_PDB_ins_code 
_struct_conf.end_label_comp_id 
_struct_conf.end_label_asym_id 
_struct_conf.end_label_seq_id 
_struct_conf.pdbx_end_PDB_ins_code 
_struct_conf.beg_auth_comp_id 
_struct_conf.beg_auth_asym_id 
_struct_conf.beg_auth_seq_id 
_struct_conf.end_auth_comp_id 
_struct_conf.end_auth_asym_id 
_struct_conf.end_auth_seq_id 
_struct_conf.pdbx_PDB_helix_class 
_struct_conf.details 
_struct_conf.pdbx_PDB_helix_length 
HELX_P HELX_P1 AA1 GLU A 9   ? LEU A 19  ? GLU A 48  LEU A 58  1 ? 11 
HELX_P HELX_P2 AA2 GLY A 94  ? LYS A 99  ? GLY A 133 LYS A 138 1 ? 6  
HELX_P HELX_P3 AA3 PRO A 149 ? GLN A 152 ? PRO A 188 GLN A 191 5 ? 4  
HELX_P HELX_P4 AA4 ASN A 161 ? ASN A 172 ? ASN A 200 ASN A 211 1 ? 12 
# 
_struct_conf_type.id          HELX_P 
_struct_conf_type.criteria    ? 
_struct_conf_type.reference   ? 
# 
loop_
_struct_conn.id 
_struct_conn.conn_type_id 
_struct_conn.pdbx_leaving_atom_flag 
_struct_conn.pdbx_PDB_id 
_struct_conn.ptnr1_label_asym_id 
_struct_conn.ptnr1_label_comp_id 
_struct_conn.ptnr1_label_seq_id 
_struct_conn.ptnr1_label_atom_id 
_struct_conn.pdbx_ptnr1_label_alt_id 
_struct_conn.pdbx_ptnr1_PDB_ins_code 
_struct_conn.pdbx_ptnr1_standard_comp_id 
_struct_conn.ptnr1_symmetry 
_struct_conn.ptnr2_label_asym_id 
_struct_conn.ptnr2_label_comp_id 
_struct_conn.ptnr2_label_seq_id 
_struct_conn.ptnr2_label_atom_id 
_struct_conn.pdbx_ptnr2_label_alt_id 
_struct_conn.pdbx_ptnr2_PDB_ins_code 
_struct_conn.ptnr1_auth_asym_id 
_struct_conn.ptnr1_auth_comp_id 
_struct_conn.ptnr1_auth_seq_id 
_struct_conn.ptnr2_auth_asym_id 
_struct_conn.ptnr2_auth_comp_id 
_struct_conn.ptnr2_auth_seq_id 
_struct_conn.ptnr2_symmetry 
_struct_conn.pdbx_ptnr3_label_atom_id 
_struct_conn.pdbx_ptnr3_label_seq_id 
_struct_conn.pdbx_ptnr3_label_comp_id 
_struct_conn.pdbx_ptnr3_label_asym_id 
_struct_conn.pdbx_ptnr3_label_alt_id 
_struct_conn.pdbx_ptnr3_PDB_ins_code 
_struct_conn.details 
_struct_conn.pdbx_dist_value 
_struct_conn.pdbx_value_order 
_struct_conn.pdbx_role 
metalc1  metalc ? ? A HIS 61  NE2 ? ? ? 1_555 E CD  . CD ? ? A HIS 100 A CD  304 1_555 ? ? ? ? ? ? ? 2.267 ? ? 
metalc2  metalc ? ? A CYS 83  SG  ? ? ? 1_555 D CD  . CD ? ? A CYS 122 A CD  303 1_555 ? ? ? ? ? ? ? 2.561 ? ? 
metalc3  metalc ? ? A CYS 83  SG  ? ? ? 1_555 F CD  . CD ? ? A CYS 122 A CD  305 1_555 ? ? ? ? ? ? ? 2.550 ? ? 
metalc4  metalc ? ? A GLU 128 OE1 ? ? ? 1_555 B CD  . CD ? ? A GLU 167 A CD  301 1_555 ? ? ? ? ? ? ? 2.527 ? ? 
metalc5  metalc ? ? A GLU 128 OE1 ? ? ? 1_555 B CD  . CD ? ? A GLU 167 A CD  301 5_655 ? ? ? ? ? ? ? 2.527 ? ? 
metalc6  metalc ? ? A GLU 128 OE2 ? ? ? 1_555 C CD  . CD ? ? A GLU 167 A CD  302 1_555 ? ? ? ? ? ? ? 2.261 ? ? 
metalc7  metalc ? ? A CYS 147 SG  A ? ? 1_555 B CD  . CD ? ? A CYS 186 A CD  301 1_555 ? ? ? ? ? ? ? 2.505 ? ? 
metalc8  metalc ? ? A CYS 147 SG  B ? ? 1_555 B CD  . CD ? ? A CYS 186 A CD  301 1_555 ? ? ? ? ? ? ? 2.426 ? ? 
metalc9  metalc ? ? A CYS 147 SG  A ? ? 1_555 B CD  . CD ? ? A CYS 186 A CD  301 5_655 ? ? ? ? ? ? ? 2.505 ? ? 
metalc10 metalc ? ? A CYS 147 SG  B ? ? 1_555 B CD  . CD ? ? A CYS 186 A CD  301 5_655 ? ? ? ? ? ? ? 2.426 ? ? 
metalc11 metalc ? ? A CYS 147 SG  A ? ? 1_555 C CD  . CD ? ? A CYS 186 A CD  302 5_655 ? ? ? ? ? ? ? 2.578 ? ? 
metalc12 metalc ? ? A CYS 147 SG  B ? ? 1_555 C CD  . CD ? ? A CYS 186 A CD  302 5_655 ? ? ? ? ? ? ? 2.520 ? ? 
metalc13 metalc ? ? B CD  .   CD  ? ? ? 1_555 H HOH . O  ? ? A CD  301 A HOH 459 1_555 ? ? ? ? ? ? ? 2.366 ? ? 
metalc14 metalc ? ? B CD  .   CD  ? ? ? 1_555 H HOH . O  ? ? A CD  301 A HOH 459 5_655 ? ? ? ? ? ? ? 2.366 ? ? 
metalc15 metalc ? ? C CD  .   CD  ? ? ? 1_555 H HOH . O  ? ? A CD  302 A HOH 457 5_655 ? ? ? ? ? ? ? 2.470 ? ? 
metalc16 metalc ? ? C CD  .   CD  ? ? ? 1_555 H HOH . O  ? ? A CD  302 A HOH 463 1_555 ? ? ? ? ? ? ? 2.340 ? ? 
metalc17 metalc ? ? D CD  .   CD  ? ? ? 1_555 H HOH . O  ? ? A CD  303 A HOH 453 1_555 ? ? ? ? ? ? ? 2.530 ? ? 
metalc18 metalc ? ? E CD  .   CD  ? ? ? 1_555 G LV4 . N1 ? ? A CD  304 A LV4 306 5_655 ? ? ? ? ? ? ? 2.693 ? ? 
metalc19 metalc ? ? E CD  .   CD  ? ? ? 1_555 H HOH . O  ? ? A CD  304 A HOH 429 5_655 ? ? ? ? ? ? ? 2.438 ? ? 
metalc20 metalc ? ? E CD  .   CD  ? ? ? 1_555 H HOH . O  ? ? A CD  304 A HOH 461 1_555 ? ? ? ? ? ? ? 2.176 ? ? 
# 
_struct_conn_type.id          metalc 
_struct_conn_type.criteria    ? 
_struct_conn_type.reference   ? 
# 
loop_
_pdbx_struct_conn_angle.id 
_pdbx_struct_conn_angle.ptnr1_label_atom_id 
_pdbx_struct_conn_angle.ptnr1_label_alt_id 
_pdbx_struct_conn_angle.ptnr1_label_asym_id 
_pdbx_struct_conn_angle.ptnr1_label_comp_id 
_pdbx_struct_conn_angle.ptnr1_label_seq_id 
_pdbx_struct_conn_angle.ptnr1_auth_atom_id 
_pdbx_struct_conn_angle.ptnr1_auth_asym_id 
_pdbx_struct_conn_angle.ptnr1_auth_comp_id 
_pdbx_struct_conn_angle.ptnr1_auth_seq_id 
_pdbx_struct_conn_angle.ptnr1_PDB_ins_code 
_pdbx_struct_conn_angle.ptnr1_symmetry 
_pdbx_struct_conn_angle.ptnr2_label_atom_id 
_pdbx_struct_conn_angle.ptnr2_label_alt_id 
_pdbx_struct_conn_angle.ptnr2_label_asym_id 
_pdbx_struct_conn_angle.ptnr2_label_comp_id 
_pdbx_struct_conn_angle.ptnr2_label_seq_id 
_pdbx_struct_conn_angle.ptnr2_auth_atom_id 
_pdbx_struct_conn_angle.ptnr2_auth_asym_id 
_pdbx_struct_conn_angle.ptnr2_auth_comp_id 
_pdbx_struct_conn_angle.ptnr2_auth_seq_id 
_pdbx_struct_conn_angle.ptnr2_PDB_ins_code 
_pdbx_struct_conn_angle.ptnr2_symmetry 
_pdbx_struct_conn_angle.ptnr3_label_atom_id 
_pdbx_struct_conn_angle.ptnr3_label_alt_id 
_pdbx_struct_conn_angle.ptnr3_label_asym_id 
_pdbx_struct_conn_angle.ptnr3_label_comp_id 
_pdbx_struct_conn_angle.ptnr3_label_seq_id 
_pdbx_struct_conn_angle.ptnr3_auth_atom_id 
_pdbx_struct_conn_angle.ptnr3_auth_asym_id 
_pdbx_struct_conn_angle.ptnr3_auth_comp_id 
_pdbx_struct_conn_angle.ptnr3_auth_seq_id 
_pdbx_struct_conn_angle.ptnr3_PDB_ins_code 
_pdbx_struct_conn_angle.ptnr3_symmetry 
_pdbx_struct_conn_angle.value 
_pdbx_struct_conn_angle.value_esd 
1  NE2 ? A HIS 61  ? A HIS 100 ? 1_555 CD ? E CD . ? A CD 304 ? 1_555 N1  ? G LV4 .   ? A LV4 306 ? 5_655 104.4 ? 
2  NE2 ? A HIS 61  ? A HIS 100 ? 1_555 CD ? E CD . ? A CD 304 ? 1_555 O   ? H HOH .   ? A HOH 429 ? 5_655 100.8 ? 
3  N1  ? G LV4 .   ? A LV4 306 ? 5_655 CD ? E CD . ? A CD 304 ? 1_555 O   ? H HOH .   ? A HOH 429 ? 5_655 92.0  ? 
4  NE2 ? A HIS 61  ? A HIS 100 ? 1_555 CD ? E CD . ? A CD 304 ? 1_555 O   ? H HOH .   ? A HOH 461 ? 1_555 101.0 ? 
5  N1  ? G LV4 .   ? A LV4 306 ? 5_655 CD ? E CD . ? A CD 304 ? 1_555 O   ? H HOH .   ? A HOH 461 ? 1_555 116.8 ? 
6  O   ? H HOH .   ? A HOH 429 ? 5_655 CD ? E CD . ? A CD 304 ? 1_555 O   ? H HOH .   ? A HOH 461 ? 1_555 137.6 ? 
7  SG  ? A CYS 83  ? A CYS 122 ? 1_555 CD ? D CD . ? A CD 303 ? 1_555 O   ? H HOH .   ? A HOH 453 ? 1_555 85.1  ? 
8  OE1 ? A GLU 128 ? A GLU 167 ? 1_555 CD ? B CD . ? A CD 301 ? 1_555 OE1 ? A GLU 128 ? A GLU 167 ? 1_555 0.0   ? 
9  OE1 ? A GLU 128 ? A GLU 167 ? 1_555 CD ? B CD . ? A CD 301 ? 1_555 SG  A A CYS 147 ? A CYS 186 ? 1_555 91.8  ? 
10 OE1 ? A GLU 128 ? A GLU 167 ? 1_555 CD ? B CD . ? A CD 301 ? 1_555 SG  A A CYS 147 ? A CYS 186 ? 1_555 91.8  ? 
11 OE1 ? A GLU 128 ? A GLU 167 ? 1_555 CD ? B CD . ? A CD 301 ? 1_555 SG  B A CYS 147 ? A CYS 186 ? 1_555 88.2  ? 
12 OE1 ? A GLU 128 ? A GLU 167 ? 1_555 CD ? B CD . ? A CD 301 ? 1_555 SG  B A CYS 147 ? A CYS 186 ? 1_555 88.2  ? 
13 SG  A A CYS 147 ? A CYS 186 ? 1_555 CD ? B CD . ? A CD 301 ? 1_555 SG  B A CYS 147 ? A CYS 186 ? 1_555 38.8  ? 
14 OE1 ? A GLU 128 ? A GLU 167 ? 1_555 CD ? B CD . ? A CD 301 ? 1_555 SG  A A CYS 147 ? A CYS 186 ? 1_555 91.8  ? 
15 OE1 ? A GLU 128 ? A GLU 167 ? 1_555 CD ? B CD . ? A CD 301 ? 1_555 SG  A A CYS 147 ? A CYS 186 ? 1_555 91.8  ? 
16 SG  A A CYS 147 ? A CYS 186 ? 1_555 CD ? B CD . ? A CD 301 ? 1_555 SG  A A CYS 147 ? A CYS 186 ? 1_555 0.0   ? 
17 SG  B A CYS 147 ? A CYS 186 ? 1_555 CD ? B CD . ? A CD 301 ? 1_555 SG  A A CYS 147 ? A CYS 186 ? 1_555 38.8  ? 
18 OE1 ? A GLU 128 ? A GLU 167 ? 1_555 CD ? B CD . ? A CD 301 ? 1_555 SG  B A CYS 147 ? A CYS 186 ? 1_555 88.2  ? 
19 OE1 ? A GLU 128 ? A GLU 167 ? 1_555 CD ? B CD . ? A CD 301 ? 1_555 SG  B A CYS 147 ? A CYS 186 ? 1_555 88.2  ? 
20 SG  A A CYS 147 ? A CYS 186 ? 1_555 CD ? B CD . ? A CD 301 ? 1_555 SG  B A CYS 147 ? A CYS 186 ? 1_555 38.8  ? 
21 SG  B A CYS 147 ? A CYS 186 ? 1_555 CD ? B CD . ? A CD 301 ? 1_555 SG  B A CYS 147 ? A CYS 186 ? 1_555 0.0   ? 
22 SG  A A CYS 147 ? A CYS 186 ? 1_555 CD ? B CD . ? A CD 301 ? 1_555 SG  B A CYS 147 ? A CYS 186 ? 1_555 38.8  ? 
23 OE1 ? A GLU 128 ? A GLU 167 ? 1_555 CD ? B CD . ? A CD 301 ? 1_555 O   ? H HOH .   ? A HOH 459 ? 1_555 86.0  ? 
24 OE1 ? A GLU 128 ? A GLU 167 ? 1_555 CD ? B CD . ? A CD 301 ? 1_555 O   ? H HOH .   ? A HOH 459 ? 1_555 86.0  ? 
25 SG  A A CYS 147 ? A CYS 186 ? 1_555 CD ? B CD . ? A CD 301 ? 1_555 O   ? H HOH .   ? A HOH 459 ? 1_555 77.4  ? 
26 SG  B A CYS 147 ? A CYS 186 ? 1_555 CD ? B CD . ? A CD 301 ? 1_555 O   ? H HOH .   ? A HOH 459 ? 1_555 115.7 ? 
27 SG  A A CYS 147 ? A CYS 186 ? 1_555 CD ? B CD . ? A CD 301 ? 1_555 O   ? H HOH .   ? A HOH 459 ? 1_555 77.4  ? 
28 SG  B A CYS 147 ? A CYS 186 ? 1_555 CD ? B CD . ? A CD 301 ? 1_555 O   ? H HOH .   ? A HOH 459 ? 1_555 115.7 ? 
29 OE1 ? A GLU 128 ? A GLU 167 ? 1_555 CD ? B CD . ? A CD 301 ? 1_555 O   ? H HOH .   ? A HOH 459 ? 5_655 95.4  ? 
30 OE1 ? A GLU 128 ? A GLU 167 ? 1_555 CD ? B CD . ? A CD 301 ? 1_555 O   ? H HOH .   ? A HOH 459 ? 5_655 95.4  ? 
31 SG  A A CYS 147 ? A CYS 186 ? 1_555 CD ? B CD . ? A CD 301 ? 1_555 O   ? H HOH .   ? A HOH 459 ? 5_655 113.0 ? 
32 SG  B A CYS 147 ? A CYS 186 ? 1_555 CD ? B CD . ? A CD 301 ? 1_555 O   ? H HOH .   ? A HOH 459 ? 5_655 151.8 ? 
33 SG  A A CYS 147 ? A CYS 186 ? 1_555 CD ? B CD . ? A CD 301 ? 1_555 O   ? H HOH .   ? A HOH 459 ? 5_655 113.0 ? 
34 SG  B A CYS 147 ? A CYS 186 ? 1_555 CD ? B CD . ? A CD 301 ? 1_555 O   ? H HOH .   ? A HOH 459 ? 5_655 151.8 ? 
35 O   ? H HOH .   ? A HOH 459 ? 1_555 CD ? B CD . ? A CD 301 ? 1_555 O   ? H HOH .   ? A HOH 459 ? 5_655 37.2  ? 
36 OE2 ? A GLU 128 ? A GLU 167 ? 1_555 CD ? C CD . ? A CD 302 ? 1_555 SG  A A CYS 147 ? A CYS 186 ? 1_555 73.5  ? 
37 OE2 ? A GLU 128 ? A GLU 167 ? 1_555 CD ? C CD . ? A CD 302 ? 1_555 SG  B A CYS 147 ? A CYS 186 ? 1_555 75.5  ? 
38 SG  A A CYS 147 ? A CYS 186 ? 1_555 CD ? C CD . ? A CD 302 ? 1_555 SG  B A CYS 147 ? A CYS 186 ? 1_555 15.8  ? 
39 OE2 ? A GLU 128 ? A GLU 167 ? 1_555 CD ? C CD . ? A CD 302 ? 1_555 O   ? H HOH .   ? A HOH 457 ? 5_655 102.3 ? 
40 SG  A A CYS 147 ? A CYS 186 ? 1_555 CD ? C CD . ? A CD 302 ? 1_555 O   ? H HOH .   ? A HOH 457 ? 5_655 125.2 ? 
41 SG  B A CYS 147 ? A CYS 186 ? 1_555 CD ? C CD . ? A CD 302 ? 1_555 O   ? H HOH .   ? A HOH 457 ? 5_655 109.3 ? 
42 OE2 ? A GLU 128 ? A GLU 167 ? 1_555 CD ? C CD . ? A CD 302 ? 1_555 O   ? H HOH .   ? A HOH 463 ? 1_555 107.2 ? 
43 SG  A A CYS 147 ? A CYS 186 ? 1_555 CD ? C CD . ? A CD 302 ? 1_555 O   ? H HOH .   ? A HOH 463 ? 1_555 129.5 ? 
44 SG  B A CYS 147 ? A CYS 186 ? 1_555 CD ? C CD . ? A CD 302 ? 1_555 O   ? H HOH .   ? A HOH 463 ? 1_555 144.7 ? 
45 O   ? H HOH .   ? A HOH 457 ? 5_655 CD ? C CD . ? A CD 302 ? 1_555 O   ? H HOH .   ? A HOH 463 ? 1_555 104.4 ? 
# 
loop_
_struct_mon_prot_cis.pdbx_id 
_struct_mon_prot_cis.label_comp_id 
_struct_mon_prot_cis.label_seq_id 
_struct_mon_prot_cis.label_asym_id 
_struct_mon_prot_cis.label_alt_id 
_struct_mon_prot_cis.pdbx_PDB_ins_code 
_struct_mon_prot_cis.auth_comp_id 
_struct_mon_prot_cis.auth_seq_id 
_struct_mon_prot_cis.auth_asym_id 
_struct_mon_prot_cis.pdbx_label_comp_id_2 
_struct_mon_prot_cis.pdbx_label_seq_id_2 
_struct_mon_prot_cis.pdbx_label_asym_id_2 
_struct_mon_prot_cis.pdbx_PDB_ins_code_2 
_struct_mon_prot_cis.pdbx_auth_comp_id_2 
_struct_mon_prot_cis.pdbx_auth_seq_id_2 
_struct_mon_prot_cis.pdbx_auth_asym_id_2 
_struct_mon_prot_cis.pdbx_PDB_model_num 
_struct_mon_prot_cis.pdbx_omega_angle 
1 PHE 33 A . ? PHE 72  A PRO 34 A ? PRO 73  A 1 -7.58  
2 SER 90 A . ? SER 129 A PRO 91 A ? PRO 130 A 1 -13.99 
# 
loop_
_struct_sheet.id 
_struct_sheet.type 
_struct_sheet.number_strands 
_struct_sheet.details 
AA1 ? 3 ? 
AA2 ? 5 ? 
AA3 ? 4 ? 
AA4 ? 3 ? 
AA5 ? 2 ? 
# 
loop_
_struct_sheet_order.sheet_id 
_struct_sheet_order.range_id_1 
_struct_sheet_order.range_id_2 
_struct_sheet_order.offset 
_struct_sheet_order.sense 
AA1 1 2 ? anti-parallel 
AA1 2 3 ? anti-parallel 
AA2 1 2 ? parallel      
AA2 2 3 ? anti-parallel 
AA2 3 4 ? anti-parallel 
AA2 4 5 ? anti-parallel 
AA3 1 2 ? anti-parallel 
AA3 2 3 ? anti-parallel 
AA3 3 4 ? anti-parallel 
AA4 1 2 ? anti-parallel 
AA4 2 3 ? parallel      
AA5 1 2 ? anti-parallel 
# 
loop_
_struct_sheet_range.sheet_id 
_struct_sheet_range.id 
_struct_sheet_range.beg_label_comp_id 
_struct_sheet_range.beg_label_asym_id 
_struct_sheet_range.beg_label_seq_id 
_struct_sheet_range.pdbx_beg_PDB_ins_code 
_struct_sheet_range.end_label_comp_id 
_struct_sheet_range.end_label_asym_id 
_struct_sheet_range.end_label_seq_id 
_struct_sheet_range.pdbx_end_PDB_ins_code 
_struct_sheet_range.beg_auth_comp_id 
_struct_sheet_range.beg_auth_asym_id 
_struct_sheet_range.beg_auth_seq_id 
_struct_sheet_range.end_auth_comp_id 
_struct_sheet_range.end_auth_asym_id 
_struct_sheet_range.end_auth_seq_id 
AA1 1 ARG A 4   ? LEU A 7   ? ARG A 43  LEU A 46  
AA1 2 LYS A 37  ? SER A 41  ? LYS A 76  SER A 80  
AA1 3 VAL A 102 ? SER A 103 ? VAL A 141 SER A 142 
AA2 1 GLU A 22  ? ILE A 24  ? GLU A 61  ILE A 63  
AA2 2 PHE A 153 ? VAL A 156 ? PHE A 192 VAL A 195 
AA2 3 LYS A 126 ? VAL A 136 ? LYS A 165 VAL A 175 
AA2 4 MET A 48  ? ALA A 57  ? MET A 87  ALA A 96  
AA2 5 ASN A 92  ? PHE A 93  ? ASN A 131 PHE A 132 
AA3 1 TYR A 85  ? ILE A 86  ? TYR A 124 ILE A 125 
AA3 2 MET A 48  ? ALA A 57  ? MET A 87  ALA A 96  
AA3 3 LYS A 126 ? VAL A 136 ? LYS A 165 VAL A 175 
AA3 4 MET A 142 ? CYS A 147 ? MET A 181 CYS A 186 
AA4 1 ARG A 30  ? ARG A 31  ? ARG A 69  ARG A 70  
AA4 2 LYS A 108 ? THR A 110 ? LYS A 147 THR A 149 
AA4 3 ILE A 119 ? MET A 120 ? ILE A 158 MET A 159 
AA5 1 TRP A 63  ? VAL A 66  ? TRP A 102 VAL A 105 
AA5 2 GLU A 69  ? PRO A 72  ? GLU A 108 PRO A 111 
# 
loop_
_pdbx_struct_sheet_hbond.sheet_id 
_pdbx_struct_sheet_hbond.range_id_1 
_pdbx_struct_sheet_hbond.range_id_2 
_pdbx_struct_sheet_hbond.range_1_label_atom_id 
_pdbx_struct_sheet_hbond.range_1_label_comp_id 
_pdbx_struct_sheet_hbond.range_1_label_asym_id 
_pdbx_struct_sheet_hbond.range_1_label_seq_id 
_pdbx_struct_sheet_hbond.range_1_PDB_ins_code 
_pdbx_struct_sheet_hbond.range_1_auth_atom_id 
_pdbx_struct_sheet_hbond.range_1_auth_comp_id 
_pdbx_struct_sheet_hbond.range_1_auth_asym_id 
_pdbx_struct_sheet_hbond.range_1_auth_seq_id 
_pdbx_struct_sheet_hbond.range_2_label_atom_id 
_pdbx_struct_sheet_hbond.range_2_label_comp_id 
_pdbx_struct_sheet_hbond.range_2_label_asym_id 
_pdbx_struct_sheet_hbond.range_2_label_seq_id 
_pdbx_struct_sheet_hbond.range_2_PDB_ins_code 
_pdbx_struct_sheet_hbond.range_2_auth_atom_id 
_pdbx_struct_sheet_hbond.range_2_auth_comp_id 
_pdbx_struct_sheet_hbond.range_2_auth_asym_id 
_pdbx_struct_sheet_hbond.range_2_auth_seq_id 
AA1 1 2 N GLY A 6   ? N GLY A 45  O ASN A 39  ? O ASN A 78  
AA1 2 3 N VAL A 38  ? N VAL A 77  O VAL A 102 ? O VAL A 141 
AA2 1 2 N MET A 23  ? N MET A 62  O VAL A 156 ? O VAL A 195 
AA2 2 3 O PHE A 153 ? O PHE A 192 N TYR A 127 ? N TYR A 166 
AA2 3 4 O ARG A 130 ? O ARG A 169 N ASP A 54  ? N ASP A 93  
AA2 4 5 N TYR A 49  ? N TYR A 88  O ASN A 92  ? O ASN A 131 
AA3 1 2 O TYR A 85  ? O TYR A 124 N LEU A 53  ? N LEU A 92  
AA3 2 3 N ASP A 54  ? N ASP A 93  O ARG A 130 ? O ARG A 169 
AA3 3 4 N ILE A 133 ? N ILE A 172 O THR A 144 ? O THR A 183 
AA4 1 2 N ARG A 30  ? N ARG A 69  O LEU A 109 ? O LEU A 148 
AA4 2 3 N LYS A 108 ? N LYS A 147 O ILE A 119 ? O ILE A 158 
AA5 1 2 N VAL A 66  ? N VAL A 105 O GLU A 69  ? O GLU A 108 
# 
loop_
_struct_site.id 
_struct_site.pdbx_evidence_code 
_struct_site.pdbx_auth_asym_id 
_struct_site.pdbx_auth_comp_id 
_struct_site.pdbx_auth_seq_id 
_struct_site.pdbx_auth_ins_code 
_struct_site.pdbx_num_residues 
_struct_site.details 
AC1 Software A CD  301 ? 8 'binding site for residue CD A 301'  
AC2 Software A CD  302 ? 6 'binding site for residue CD A 302'  
AC3 Software A CD  303 ? 2 'binding site for residue CD A 303'  
AC4 Software A CD  304 ? 5 'binding site for residue CD A 304'  
AC5 Software A CD  305 ? 3 'binding site for residue CD A 305'  
AC6 Software A LV4 306 ? 5 'binding site for residue LV4 A 306' 
# 
loop_
_struct_site_gen.id 
_struct_site_gen.site_id 
_struct_site_gen.pdbx_num_res 
_struct_site_gen.label_comp_id 
_struct_site_gen.label_asym_id 
_struct_site_gen.label_seq_id 
_struct_site_gen.pdbx_auth_ins_code 
_struct_site_gen.auth_comp_id 
_struct_site_gen.auth_asym_id 
_struct_site_gen.auth_seq_id 
_struct_site_gen.label_atom_id 
_struct_site_gen.label_alt_id 
_struct_site_gen.symmetry 
_struct_site_gen.details 
1  AC1 8 GLU A 128 ? GLU A 167 . ? 1_555 ? 
2  AC1 8 GLU A 128 ? GLU A 167 . ? 5_655 ? 
3  AC1 8 CYS A 147 ? CYS A 186 . ? 1_555 ? 
4  AC1 8 CYS A 147 ? CYS A 186 . ? 5_655 ? 
5  AC1 8 CD  C .   ? CD  A 302 . ? 1_555 ? 
6  AC1 8 CD  C .   ? CD  A 302 . ? 5_655 ? 
7  AC1 8 HOH H .   ? HOH A 459 . ? 5_655 ? 
8  AC1 8 HOH H .   ? HOH A 459 . ? 1_555 ? 
9  AC2 6 GLU A 128 ? GLU A 167 . ? 1_555 ? 
10 AC2 6 CYS A 147 ? CYS A 186 . ? 5_655 ? 
11 AC2 6 CD  B .   ? CD  A 301 . ? 5_655 ? 
12 AC2 6 CD  B .   ? CD  A 301 . ? 1_555 ? 
13 AC2 6 HOH H .   ? HOH A 457 . ? 5_655 ? 
14 AC2 6 HOH H .   ? HOH A 463 . ? 1_555 ? 
15 AC3 2 CYS A 83  ? CYS A 122 . ? 1_555 ? 
16 AC3 2 HOH H .   ? HOH A 453 . ? 1_555 ? 
17 AC4 5 LEU A 52  ? LEU A 91  . ? 5_655 ? 
18 AC4 5 HIS A 61  ? HIS A 100 . ? 1_555 ? 
19 AC4 5 LV4 G .   ? LV4 A 306 . ? 5_655 ? 
20 AC4 5 HOH H .   ? HOH A 429 . ? 5_655 ? 
21 AC4 5 HOH H .   ? HOH A 461 . ? 1_555 ? 
22 AC5 3 CYS A 83  ? CYS A 122 . ? 1_555 ? 
23 AC5 3 HOH H .   ? HOH A 452 . ? 1_555 ? 
24 AC5 3 HOH H .   ? HOH A 472 . ? 1_555 ? 
25 AC6 5 GLY A 74  ? GLY A 113 . ? 5_655 ? 
26 AC6 5 PRO A 76  ? PRO A 115 . ? 5_655 ? 
27 AC6 5 ARG A 141 ? ARG A 180 . ? 1_555 ? 
28 AC6 5 CD  E .   ? CD  A 304 . ? 5_655 ? 
29 AC6 5 HOH H .   ? HOH A 429 . ? 1_555 ? 
# 
loop_
_pdbx_validate_torsion.id 
_pdbx_validate_torsion.PDB_model_num 
_pdbx_validate_torsion.auth_comp_id 
_pdbx_validate_torsion.auth_asym_id 
_pdbx_validate_torsion.auth_seq_id 
_pdbx_validate_torsion.PDB_ins_code 
_pdbx_validate_torsion.label_alt_id 
_pdbx_validate_torsion.phi 
_pdbx_validate_torsion.psi 
1 1 THR A 59  ? ? 71.98  104.46 
2 1 PHE A 143 ? ? -92.35 58.03  
# 
loop_
_pdbx_struct_special_symmetry.id 
_pdbx_struct_special_symmetry.PDB_model_num 
_pdbx_struct_special_symmetry.auth_asym_id 
_pdbx_struct_special_symmetry.auth_comp_id 
_pdbx_struct_special_symmetry.auth_seq_id 
_pdbx_struct_special_symmetry.PDB_ins_code 
_pdbx_struct_special_symmetry.label_asym_id 
_pdbx_struct_special_symmetry.label_comp_id 
_pdbx_struct_special_symmetry.label_seq_id 
1 1 A CD  301 ? B CD  . 
2 1 A HOH 417 ? H HOH . 
# 
_phasing.method   MR 
# 
_pdbx_entry_details.entry_id                 5QS2 
_pdbx_entry_details.has_ligand_of_interest   Y 
_pdbx_entry_details.compound_details         ? 
_pdbx_entry_details.source_details           ? 
_pdbx_entry_details.nonpolymer_details       ? 
_pdbx_entry_details.sequence_details         ? 
# 
loop_
_pdbx_distant_solvent_atoms.id 
_pdbx_distant_solvent_atoms.PDB_model_num 
_pdbx_distant_solvent_atoms.auth_atom_id 
_pdbx_distant_solvent_atoms.label_alt_id 
_pdbx_distant_solvent_atoms.auth_asym_id 
_pdbx_distant_solvent_atoms.auth_comp_id 
_pdbx_distant_solvent_atoms.auth_seq_id 
_pdbx_distant_solvent_atoms.PDB_ins_code 
_pdbx_distant_solvent_atoms.neighbor_macromolecule_distance 
_pdbx_distant_solvent_atoms.neighbor_ligand_distance 
1 1 O ? A HOH 471 ? 6.46 . 
2 1 O ? A HOH 472 ? 7.38 . 
# 
_pdbx_unobs_or_zero_occ_residues.id               1 
_pdbx_unobs_or_zero_occ_residues.PDB_model_num    1 
_pdbx_unobs_or_zero_occ_residues.polymer_flag     Y 
_pdbx_unobs_or_zero_occ_residues.occupancy_flag   1 
_pdbx_unobs_or_zero_occ_residues.auth_asym_id     A 
_pdbx_unobs_or_zero_occ_residues.auth_comp_id     GLY 
_pdbx_unobs_or_zero_occ_residues.auth_seq_id      40 
_pdbx_unobs_or_zero_occ_residues.PDB_ins_code     ? 
_pdbx_unobs_or_zero_occ_residues.label_asym_id    A 
_pdbx_unobs_or_zero_occ_residues.label_comp_id    GLY 
_pdbx_unobs_or_zero_occ_residues.label_seq_id     1 
# 
loop_
_chem_comp_atom.comp_id 
_chem_comp_atom.atom_id 
_chem_comp_atom.type_symbol 
_chem_comp_atom.pdbx_aromatic_flag 
_chem_comp_atom.pdbx_stereo_config 
_chem_comp_atom.pdbx_ordinal 
ALA N    N  N N 1   
ALA CA   C  N S 2   
ALA C    C  N N 3   
ALA O    O  N N 4   
ALA CB   C  N N 5   
ALA OXT  O  N N 6   
ALA H    H  N N 7   
ALA H2   H  N N 8   
ALA HA   H  N N 9   
ALA HB1  H  N N 10  
ALA HB2  H  N N 11  
ALA HB3  H  N N 12  
ALA HXT  H  N N 13  
ARG N    N  N N 14  
ARG CA   C  N S 15  
ARG C    C  N N 16  
ARG O    O  N N 17  
ARG CB   C  N N 18  
ARG CG   C  N N 19  
ARG CD   C  N N 20  
ARG NE   N  N N 21  
ARG CZ   C  N N 22  
ARG NH1  N  N N 23  
ARG NH2  N  N N 24  
ARG OXT  O  N N 25  
ARG H    H  N N 26  
ARG H2   H  N N 27  
ARG HA   H  N N 28  
ARG HB2  H  N N 29  
ARG HB3  H  N N 30  
ARG HG2  H  N N 31  
ARG HG3  H  N N 32  
ARG HD2  H  N N 33  
ARG HD3  H  N N 34  
ARG HE   H  N N 35  
ARG HH11 H  N N 36  
ARG HH12 H  N N 37  
ARG HH21 H  N N 38  
ARG HH22 H  N N 39  
ARG HXT  H  N N 40  
ASN N    N  N N 41  
ASN CA   C  N S 42  
ASN C    C  N N 43  
ASN O    O  N N 44  
ASN CB   C  N N 45  
ASN CG   C  N N 46  
ASN OD1  O  N N 47  
ASN ND2  N  N N 48  
ASN OXT  O  N N 49  
ASN H    H  N N 50  
ASN H2   H  N N 51  
ASN HA   H  N N 52  
ASN HB2  H  N N 53  
ASN HB3  H  N N 54  
ASN HD21 H  N N 55  
ASN HD22 H  N N 56  
ASN HXT  H  N N 57  
ASP N    N  N N 58  
ASP CA   C  N S 59  
ASP C    C  N N 60  
ASP O    O  N N 61  
ASP CB   C  N N 62  
ASP CG   C  N N 63  
ASP OD1  O  N N 64  
ASP OD2  O  N N 65  
ASP OXT  O  N N 66  
ASP H    H  N N 67  
ASP H2   H  N N 68  
ASP HA   H  N N 69  
ASP HB2  H  N N 70  
ASP HB3  H  N N 71  
ASP HD2  H  N N 72  
ASP HXT  H  N N 73  
CD  CD   CD N N 74  
CYS N    N  N N 75  
CYS CA   C  N R 76  
CYS C    C  N N 77  
CYS O    O  N N 78  
CYS CB   C  N N 79  
CYS SG   S  N N 80  
CYS OXT  O  N N 81  
CYS H    H  N N 82  
CYS H2   H  N N 83  
CYS HA   H  N N 84  
CYS HB2  H  N N 85  
CYS HB3  H  N N 86  
CYS HG   H  N N 87  
CYS HXT  H  N N 88  
GLN N    N  N N 89  
GLN CA   C  N S 90  
GLN C    C  N N 91  
GLN O    O  N N 92  
GLN CB   C  N N 93  
GLN CG   C  N N 94  
GLN CD   C  N N 95  
GLN OE1  O  N N 96  
GLN NE2  N  N N 97  
GLN OXT  O  N N 98  
GLN H    H  N N 99  
GLN H2   H  N N 100 
GLN HA   H  N N 101 
GLN HB2  H  N N 102 
GLN HB3  H  N N 103 
GLN HG2  H  N N 104 
GLN HG3  H  N N 105 
GLN HE21 H  N N 106 
GLN HE22 H  N N 107 
GLN HXT  H  N N 108 
GLU N    N  N N 109 
GLU CA   C  N S 110 
GLU C    C  N N 111 
GLU O    O  N N 112 
GLU CB   C  N N 113 
GLU CG   C  N N 114 
GLU CD   C  N N 115 
GLU OE1  O  N N 116 
GLU OE2  O  N N 117 
GLU OXT  O  N N 118 
GLU H    H  N N 119 
GLU H2   H  N N 120 
GLU HA   H  N N 121 
GLU HB2  H  N N 122 
GLU HB3  H  N N 123 
GLU HG2  H  N N 124 
GLU HG3  H  N N 125 
GLU HE2  H  N N 126 
GLU HXT  H  N N 127 
GLY N    N  N N 128 
GLY CA   C  N N 129 
GLY C    C  N N 130 
GLY O    O  N N 131 
GLY OXT  O  N N 132 
GLY H    H  N N 133 
GLY H2   H  N N 134 
GLY HA2  H  N N 135 
GLY HA3  H  N N 136 
GLY HXT  H  N N 137 
HIS N    N  N N 138 
HIS CA   C  N S 139 
HIS C    C  N N 140 
HIS O    O  N N 141 
HIS CB   C  N N 142 
HIS CG   C  Y N 143 
HIS ND1  N  Y N 144 
HIS CD2  C  Y N 145 
HIS CE1  C  Y N 146 
HIS NE2  N  Y N 147 
HIS OXT  O  N N 148 
HIS H    H  N N 149 
HIS H2   H  N N 150 
HIS HA   H  N N 151 
HIS HB2  H  N N 152 
HIS HB3  H  N N 153 
HIS HD1  H  N N 154 
HIS HD2  H  N N 155 
HIS HE1  H  N N 156 
HIS HE2  H  N N 157 
HIS HXT  H  N N 158 
HOH O    O  N N 159 
HOH H1   H  N N 160 
HOH H2   H  N N 161 
ILE N    N  N N 162 
ILE CA   C  N S 163 
ILE C    C  N N 164 
ILE O    O  N N 165 
ILE CB   C  N S 166 
ILE CG1  C  N N 167 
ILE CG2  C  N N 168 
ILE CD1  C  N N 169 
ILE OXT  O  N N 170 
ILE H    H  N N 171 
ILE H2   H  N N 172 
ILE HA   H  N N 173 
ILE HB   H  N N 174 
ILE HG12 H  N N 175 
ILE HG13 H  N N 176 
ILE HG21 H  N N 177 
ILE HG22 H  N N 178 
ILE HG23 H  N N 179 
ILE HD11 H  N N 180 
ILE HD12 H  N N 181 
ILE HD13 H  N N 182 
ILE HXT  H  N N 183 
LEU N    N  N N 184 
LEU CA   C  N S 185 
LEU C    C  N N 186 
LEU O    O  N N 187 
LEU CB   C  N N 188 
LEU CG   C  N N 189 
LEU CD1  C  N N 190 
LEU CD2  C  N N 191 
LEU OXT  O  N N 192 
LEU H    H  N N 193 
LEU H2   H  N N 194 
LEU HA   H  N N 195 
LEU HB2  H  N N 196 
LEU HB3  H  N N 197 
LEU HG   H  N N 198 
LEU HD11 H  N N 199 
LEU HD12 H  N N 200 
LEU HD13 H  N N 201 
LEU HD21 H  N N 202 
LEU HD22 H  N N 203 
LEU HD23 H  N N 204 
LEU HXT  H  N N 205 
LV4 N1   N  N N 206 
LV4 C4   C  Y N 207 
LV4 C5   C  Y N 208 
LV4 C6   C  N N 209 
LV4 C7   C  N N 210 
LV4 N    N  N N 211 
LV4 C    C  Y N 212 
LV4 O    O  N N 213 
LV4 C1   C  Y N 214 
LV4 C2   C  Y N 215 
LV4 C3   C  Y N 216 
LV4 F    F  N N 217 
LV4 F1   F  N N 218 
LV4 F2   F  N N 219 
LV4 S    S  N N 220 
LV4 H1   H  N N 221 
LV4 H2   H  N N 222 
LV4 H3   H  N N 223 
LV4 H4   H  N N 224 
LV4 H5   H  N N 225 
LV4 H6   H  N N 226 
LV4 H7   H  N N 227 
LYS N    N  N N 228 
LYS CA   C  N S 229 
LYS C    C  N N 230 
LYS O    O  N N 231 
LYS CB   C  N N 232 
LYS CG   C  N N 233 
LYS CD   C  N N 234 
LYS CE   C  N N 235 
LYS NZ   N  N N 236 
LYS OXT  O  N N 237 
LYS H    H  N N 238 
LYS H2   H  N N 239 
LYS HA   H  N N 240 
LYS HB2  H  N N 241 
LYS HB3  H  N N 242 
LYS HG2  H  N N 243 
LYS HG3  H  N N 244 
LYS HD2  H  N N 245 
LYS HD3  H  N N 246 
LYS HE2  H  N N 247 
LYS HE3  H  N N 248 
LYS HZ1  H  N N 249 
LYS HZ2  H  N N 250 
LYS HZ3  H  N N 251 
LYS HXT  H  N N 252 
MET N    N  N N 253 
MET CA   C  N S 254 
MET C    C  N N 255 
MET O    O  N N 256 
MET CB   C  N N 257 
MET CG   C  N N 258 
MET SD   S  N N 259 
MET CE   C  N N 260 
MET OXT  O  N N 261 
MET H    H  N N 262 
MET H2   H  N N 263 
MET HA   H  N N 264 
MET HB2  H  N N 265 
MET HB3  H  N N 266 
MET HG2  H  N N 267 
MET HG3  H  N N 268 
MET HE1  H  N N 269 
MET HE2  H  N N 270 
MET HE3  H  N N 271 
MET HXT  H  N N 272 
PHE N    N  N N 273 
PHE CA   C  N S 274 
PHE C    C  N N 275 
PHE O    O  N N 276 
PHE CB   C  N N 277 
PHE CG   C  Y N 278 
PHE CD1  C  Y N 279 
PHE CD2  C  Y N 280 
PHE CE1  C  Y N 281 
PHE CE2  C  Y N 282 
PHE CZ   C  Y N 283 
PHE OXT  O  N N 284 
PHE H    H  N N 285 
PHE H2   H  N N 286 
PHE HA   H  N N 287 
PHE HB2  H  N N 288 
PHE HB3  H  N N 289 
PHE HD1  H  N N 290 
PHE HD2  H  N N 291 
PHE HE1  H  N N 292 
PHE HE2  H  N N 293 
PHE HZ   H  N N 294 
PHE HXT  H  N N 295 
PRO N    N  N N 296 
PRO CA   C  N S 297 
PRO C    C  N N 298 
PRO O    O  N N 299 
PRO CB   C  N N 300 
PRO CG   C  N N 301 
PRO CD   C  N N 302 
PRO OXT  O  N N 303 
PRO H    H  N N 304 
PRO HA   H  N N 305 
PRO HB2  H  N N 306 
PRO HB3  H  N N 307 
PRO HG2  H  N N 308 
PRO HG3  H  N N 309 
PRO HD2  H  N N 310 
PRO HD3  H  N N 311 
PRO HXT  H  N N 312 
SER N    N  N N 313 
SER CA   C  N S 314 
SER C    C  N N 315 
SER O    O  N N 316 
SER CB   C  N N 317 
SER OG   O  N N 318 
SER OXT  O  N N 319 
SER H    H  N N 320 
SER H2   H  N N 321 
SER HA   H  N N 322 
SER HB2  H  N N 323 
SER HB3  H  N N 324 
SER HG   H  N N 325 
SER HXT  H  N N 326 
THR N    N  N N 327 
THR CA   C  N S 328 
THR C    C  N N 329 
THR O    O  N N 330 
THR CB   C  N R 331 
THR OG1  O  N N 332 
THR CG2  C  N N 333 
THR OXT  O  N N 334 
THR H    H  N N 335 
THR H2   H  N N 336 
THR HA   H  N N 337 
THR HB   H  N N 338 
THR HG1  H  N N 339 
THR HG21 H  N N 340 
THR HG22 H  N N 341 
THR HG23 H  N N 342 
THR HXT  H  N N 343 
TRP N    N  N N 344 
TRP CA   C  N S 345 
TRP C    C  N N 346 
TRP O    O  N N 347 
TRP CB   C  N N 348 
TRP CG   C  Y N 349 
TRP CD1  C  Y N 350 
TRP CD2  C  Y N 351 
TRP NE1  N  Y N 352 
TRP CE2  C  Y N 353 
TRP CE3  C  Y N 354 
TRP CZ2  C  Y N 355 
TRP CZ3  C  Y N 356 
TRP CH2  C  Y N 357 
TRP OXT  O  N N 358 
TRP H    H  N N 359 
TRP H2   H  N N 360 
TRP HA   H  N N 361 
TRP HB2  H  N N 362 
TRP HB3  H  N N 363 
TRP HD1  H  N N 364 
TRP HE1  H  N N 365 
TRP HE3  H  N N 366 
TRP HZ2  H  N N 367 
TRP HZ3  H  N N 368 
TRP HH2  H  N N 369 
TRP HXT  H  N N 370 
TYR N    N  N N 371 
TYR CA   C  N S 372 
TYR C    C  N N 373 
TYR O    O  N N 374 
TYR CB   C  N N 375 
TYR CG   C  Y N 376 
TYR CD1  C  Y N 377 
TYR CD2  C  Y N 378 
TYR CE1  C  Y N 379 
TYR CE2  C  Y N 380 
TYR CZ   C  Y N 381 
TYR OH   O  N N 382 
TYR OXT  O  N N 383 
TYR H    H  N N 384 
TYR H2   H  N N 385 
TYR HA   H  N N 386 
TYR HB2  H  N N 387 
TYR HB3  H  N N 388 
TYR HD1  H  N N 389 
TYR HD2  H  N N 390 
TYR HE1  H  N N 391 
TYR HE2  H  N N 392 
TYR HH   H  N N 393 
TYR HXT  H  N N 394 
VAL N    N  N N 395 
VAL CA   C  N S 396 
VAL C    C  N N 397 
VAL O    O  N N 398 
VAL CB   C  N N 399 
VAL CG1  C  N N 400 
VAL CG2  C  N N 401 
VAL OXT  O  N N 402 
VAL H    H  N N 403 
VAL H2   H  N N 404 
VAL HA   H  N N 405 
VAL HB   H  N N 406 
VAL HG11 H  N N 407 
VAL HG12 H  N N 408 
VAL HG13 H  N N 409 
VAL HG21 H  N N 410 
VAL HG22 H  N N 411 
VAL HG23 H  N N 412 
VAL HXT  H  N N 413 
# 
loop_
_chem_comp_bond.comp_id 
_chem_comp_bond.atom_id_1 
_chem_comp_bond.atom_id_2 
_chem_comp_bond.value_order 
_chem_comp_bond.pdbx_aromatic_flag 
_chem_comp_bond.pdbx_stereo_config 
_chem_comp_bond.pdbx_ordinal 
ALA N   CA   sing N N 1   
ALA N   H    sing N N 2   
ALA N   H2   sing N N 3   
ALA CA  C    sing N N 4   
ALA CA  CB   sing N N 5   
ALA CA  HA   sing N N 6   
ALA C   O    doub N N 7   
ALA C   OXT  sing N N 8   
ALA CB  HB1  sing N N 9   
ALA CB  HB2  sing N N 10  
ALA CB  HB3  sing N N 11  
ALA OXT HXT  sing N N 12  
ARG N   CA   sing N N 13  
ARG N   H    sing N N 14  
ARG N   H2   sing N N 15  
ARG CA  C    sing N N 16  
ARG CA  CB   sing N N 17  
ARG CA  HA   sing N N 18  
ARG C   O    doub N N 19  
ARG C   OXT  sing N N 20  
ARG CB  CG   sing N N 21  
ARG CB  HB2  sing N N 22  
ARG CB  HB3  sing N N 23  
ARG CG  CD   sing N N 24  
ARG CG  HG2  sing N N 25  
ARG CG  HG3  sing N N 26  
ARG CD  NE   sing N N 27  
ARG CD  HD2  sing N N 28  
ARG CD  HD3  sing N N 29  
ARG NE  CZ   sing N N 30  
ARG NE  HE   sing N N 31  
ARG CZ  NH1  sing N N 32  
ARG CZ  NH2  doub N N 33  
ARG NH1 HH11 sing N N 34  
ARG NH1 HH12 sing N N 35  
ARG NH2 HH21 sing N N 36  
ARG NH2 HH22 sing N N 37  
ARG OXT HXT  sing N N 38  
ASN N   CA   sing N N 39  
ASN N   H    sing N N 40  
ASN N   H2   sing N N 41  
ASN CA  C    sing N N 42  
ASN CA  CB   sing N N 43  
ASN CA  HA   sing N N 44  
ASN C   O    doub N N 45  
ASN C   OXT  sing N N 46  
ASN CB  CG   sing N N 47  
ASN CB  HB2  sing N N 48  
ASN CB  HB3  sing N N 49  
ASN CG  OD1  doub N N 50  
ASN CG  ND2  sing N N 51  
ASN ND2 HD21 sing N N 52  
ASN ND2 HD22 sing N N 53  
ASN OXT HXT  sing N N 54  
ASP N   CA   sing N N 55  
ASP N   H    sing N N 56  
ASP N   H2   sing N N 57  
ASP CA  C    sing N N 58  
ASP CA  CB   sing N N 59  
ASP CA  HA   sing N N 60  
ASP C   O    doub N N 61  
ASP C   OXT  sing N N 62  
ASP CB  CG   sing N N 63  
ASP CB  HB2  sing N N 64  
ASP CB  HB3  sing N N 65  
ASP CG  OD1  doub N N 66  
ASP CG  OD2  sing N N 67  
ASP OD2 HD2  sing N N 68  
ASP OXT HXT  sing N N 69  
CYS N   CA   sing N N 70  
CYS N   H    sing N N 71  
CYS N   H2   sing N N 72  
CYS CA  C    sing N N 73  
CYS CA  CB   sing N N 74  
CYS CA  HA   sing N N 75  
CYS C   O    doub N N 76  
CYS C   OXT  sing N N 77  
CYS CB  SG   sing N N 78  
CYS CB  HB2  sing N N 79  
CYS CB  HB3  sing N N 80  
CYS SG  HG   sing N N 81  
CYS OXT HXT  sing N N 82  
GLN N   CA   sing N N 83  
GLN N   H    sing N N 84  
GLN N   H2   sing N N 85  
GLN CA  C    sing N N 86  
GLN CA  CB   sing N N 87  
GLN CA  HA   sing N N 88  
GLN C   O    doub N N 89  
GLN C   OXT  sing N N 90  
GLN CB  CG   sing N N 91  
GLN CB  HB2  sing N N 92  
GLN CB  HB3  sing N N 93  
GLN CG  CD   sing N N 94  
GLN CG  HG2  sing N N 95  
GLN CG  HG3  sing N N 96  
GLN CD  OE1  doub N N 97  
GLN CD  NE2  sing N N 98  
GLN NE2 HE21 sing N N 99  
GLN NE2 HE22 sing N N 100 
GLN OXT HXT  sing N N 101 
GLU N   CA   sing N N 102 
GLU N   H    sing N N 103 
GLU N   H2   sing N N 104 
GLU CA  C    sing N N 105 
GLU CA  CB   sing N N 106 
GLU CA  HA   sing N N 107 
GLU C   O    doub N N 108 
GLU C   OXT  sing N N 109 
GLU CB  CG   sing N N 110 
GLU CB  HB2  sing N N 111 
GLU CB  HB3  sing N N 112 
GLU CG  CD   sing N N 113 
GLU CG  HG2  sing N N 114 
GLU CG  HG3  sing N N 115 
GLU CD  OE1  doub N N 116 
GLU CD  OE2  sing N N 117 
GLU OE2 HE2  sing N N 118 
GLU OXT HXT  sing N N 119 
GLY N   CA   sing N N 120 
GLY N   H    sing N N 121 
GLY N   H2   sing N N 122 
GLY CA  C    sing N N 123 
GLY CA  HA2  sing N N 124 
GLY CA  HA3  sing N N 125 
GLY C   O    doub N N 126 
GLY C   OXT  sing N N 127 
GLY OXT HXT  sing N N 128 
HIS N   CA   sing N N 129 
HIS N   H    sing N N 130 
HIS N   H2   sing N N 131 
HIS CA  C    sing N N 132 
HIS CA  CB   sing N N 133 
HIS CA  HA   sing N N 134 
HIS C   O    doub N N 135 
HIS C   OXT  sing N N 136 
HIS CB  CG   sing N N 137 
HIS CB  HB2  sing N N 138 
HIS CB  HB3  sing N N 139 
HIS CG  ND1  sing Y N 140 
HIS CG  CD2  doub Y N 141 
HIS ND1 CE1  doub Y N 142 
HIS ND1 HD1  sing N N 143 
HIS CD2 NE2  sing Y N 144 
HIS CD2 HD2  sing N N 145 
HIS CE1 NE2  sing Y N 146 
HIS CE1 HE1  sing N N 147 
HIS NE2 HE2  sing N N 148 
HIS OXT HXT  sing N N 149 
HOH O   H1   sing N N 150 
HOH O   H2   sing N N 151 
ILE N   CA   sing N N 152 
ILE N   H    sing N N 153 
ILE N   H2   sing N N 154 
ILE CA  C    sing N N 155 
ILE CA  CB   sing N N 156 
ILE CA  HA   sing N N 157 
ILE C   O    doub N N 158 
ILE C   OXT  sing N N 159 
ILE CB  CG1  sing N N 160 
ILE CB  CG2  sing N N 161 
ILE CB  HB   sing N N 162 
ILE CG1 CD1  sing N N 163 
ILE CG1 HG12 sing N N 164 
ILE CG1 HG13 sing N N 165 
ILE CG2 HG21 sing N N 166 
ILE CG2 HG22 sing N N 167 
ILE CG2 HG23 sing N N 168 
ILE CD1 HD11 sing N N 169 
ILE CD1 HD12 sing N N 170 
ILE CD1 HD13 sing N N 171 
ILE OXT HXT  sing N N 172 
LEU N   CA   sing N N 173 
LEU N   H    sing N N 174 
LEU N   H2   sing N N 175 
LEU CA  C    sing N N 176 
LEU CA  CB   sing N N 177 
LEU CA  HA   sing N N 178 
LEU C   O    doub N N 179 
LEU C   OXT  sing N N 180 
LEU CB  CG   sing N N 181 
LEU CB  HB2  sing N N 182 
LEU CB  HB3  sing N N 183 
LEU CG  CD1  sing N N 184 
LEU CG  CD2  sing N N 185 
LEU CG  HG   sing N N 186 
LEU CD1 HD11 sing N N 187 
LEU CD1 HD12 sing N N 188 
LEU CD1 HD13 sing N N 189 
LEU CD2 HD21 sing N N 190 
LEU CD2 HD22 sing N N 191 
LEU CD2 HD23 sing N N 192 
LEU OXT HXT  sing N N 193 
LV4 N1  C6   sing N N 194 
LV4 F2  C7   sing N N 195 
LV4 N   C6   sing N N 196 
LV4 N   C4   sing N N 197 
LV4 C6  S    doub N N 198 
LV4 C4  C5   doub Y N 199 
LV4 C4  C3   sing Y N 200 
LV4 C7  F    sing N N 201 
LV4 C7  O    sing N N 202 
LV4 C7  F1   sing N N 203 
LV4 C5  C    sing Y N 204 
LV4 O   C3   sing N N 205 
LV4 C3  C2   doub Y N 206 
LV4 C   C1   doub Y N 207 
LV4 C2  C1   sing Y N 208 
LV4 N1  H1   sing N N 209 
LV4 N1  H2   sing N N 210 
LV4 C5  H3   sing N N 211 
LV4 N   H4   sing N N 212 
LV4 C   H5   sing N N 213 
LV4 C1  H6   sing N N 214 
LV4 C2  H7   sing N N 215 
LYS N   CA   sing N N 216 
LYS N   H    sing N N 217 
LYS N   H2   sing N N 218 
LYS CA  C    sing N N 219 
LYS CA  CB   sing N N 220 
LYS CA  HA   sing N N 221 
LYS C   O    doub N N 222 
LYS C   OXT  sing N N 223 
LYS CB  CG   sing N N 224 
LYS CB  HB2  sing N N 225 
LYS CB  HB3  sing N N 226 
LYS CG  CD   sing N N 227 
LYS CG  HG2  sing N N 228 
LYS CG  HG3  sing N N 229 
LYS CD  CE   sing N N 230 
LYS CD  HD2  sing N N 231 
LYS CD  HD3  sing N N 232 
LYS CE  NZ   sing N N 233 
LYS CE  HE2  sing N N 234 
LYS CE  HE3  sing N N 235 
LYS NZ  HZ1  sing N N 236 
LYS NZ  HZ2  sing N N 237 
LYS NZ  HZ3  sing N N 238 
LYS OXT HXT  sing N N 239 
MET N   CA   sing N N 240 
MET N   H    sing N N 241 
MET N   H2   sing N N 242 
MET CA  C    sing N N 243 
MET CA  CB   sing N N 244 
MET CA  HA   sing N N 245 
MET C   O    doub N N 246 
MET C   OXT  sing N N 247 
MET CB  CG   sing N N 248 
MET CB  HB2  sing N N 249 
MET CB  HB3  sing N N 250 
MET CG  SD   sing N N 251 
MET CG  HG2  sing N N 252 
MET CG  HG3  sing N N 253 
MET SD  CE   sing N N 254 
MET CE  HE1  sing N N 255 
MET CE  HE2  sing N N 256 
MET CE  HE3  sing N N 257 
MET OXT HXT  sing N N 258 
PHE N   CA   sing N N 259 
PHE N   H    sing N N 260 
PHE N   H2   sing N N 261 
PHE CA  C    sing N N 262 
PHE CA  CB   sing N N 263 
PHE CA  HA   sing N N 264 
PHE C   O    doub N N 265 
PHE C   OXT  sing N N 266 
PHE CB  CG   sing N N 267 
PHE CB  HB2  sing N N 268 
PHE CB  HB3  sing N N 269 
PHE CG  CD1  doub Y N 270 
PHE CG  CD2  sing Y N 271 
PHE CD1 CE1  sing Y N 272 
PHE CD1 HD1  sing N N 273 
PHE CD2 CE2  doub Y N 274 
PHE CD2 HD2  sing N N 275 
PHE CE1 CZ   doub Y N 276 
PHE CE1 HE1  sing N N 277 
PHE CE2 CZ   sing Y N 278 
PHE CE2 HE2  sing N N 279 
PHE CZ  HZ   sing N N 280 
PHE OXT HXT  sing N N 281 
PRO N   CA   sing N N 282 
PRO N   CD   sing N N 283 
PRO N   H    sing N N 284 
PRO CA  C    sing N N 285 
PRO CA  CB   sing N N 286 
PRO CA  HA   sing N N 287 
PRO C   O    doub N N 288 
PRO C   OXT  sing N N 289 
PRO CB  CG   sing N N 290 
PRO CB  HB2  sing N N 291 
PRO CB  HB3  sing N N 292 
PRO CG  CD   sing N N 293 
PRO CG  HG2  sing N N 294 
PRO CG  HG3  sing N N 295 
PRO CD  HD2  sing N N 296 
PRO CD  HD3  sing N N 297 
PRO OXT HXT  sing N N 298 
SER N   CA   sing N N 299 
SER N   H    sing N N 300 
SER N   H2   sing N N 301 
SER CA  C    sing N N 302 
SER CA  CB   sing N N 303 
SER CA  HA   sing N N 304 
SER C   O    doub N N 305 
SER C   OXT  sing N N 306 
SER CB  OG   sing N N 307 
SER CB  HB2  sing N N 308 
SER CB  HB3  sing N N 309 
SER OG  HG   sing N N 310 
SER OXT HXT  sing N N 311 
THR N   CA   sing N N 312 
THR N   H    sing N N 313 
THR N   H2   sing N N 314 
THR CA  C    sing N N 315 
THR CA  CB   sing N N 316 
THR CA  HA   sing N N 317 
THR C   O    doub N N 318 
THR C   OXT  sing N N 319 
THR CB  OG1  sing N N 320 
THR CB  CG2  sing N N 321 
THR CB  HB   sing N N 322 
THR OG1 HG1  sing N N 323 
THR CG2 HG21 sing N N 324 
THR CG2 HG22 sing N N 325 
THR CG2 HG23 sing N N 326 
THR OXT HXT  sing N N 327 
TRP N   CA   sing N N 328 
TRP N   H    sing N N 329 
TRP N   H2   sing N N 330 
TRP CA  C    sing N N 331 
TRP CA  CB   sing N N 332 
TRP CA  HA   sing N N 333 
TRP C   O    doub N N 334 
TRP C   OXT  sing N N 335 
TRP CB  CG   sing N N 336 
TRP CB  HB2  sing N N 337 
TRP CB  HB3  sing N N 338 
TRP CG  CD1  doub Y N 339 
TRP CG  CD2  sing Y N 340 
TRP CD1 NE1  sing Y N 341 
TRP CD1 HD1  sing N N 342 
TRP CD2 CE2  doub Y N 343 
TRP CD2 CE3  sing Y N 344 
TRP NE1 CE2  sing Y N 345 
TRP NE1 HE1  sing N N 346 
TRP CE2 CZ2  sing Y N 347 
TRP CE3 CZ3  doub Y N 348 
TRP CE3 HE3  sing N N 349 
TRP CZ2 CH2  doub Y N 350 
TRP CZ2 HZ2  sing N N 351 
TRP CZ3 CH2  sing Y N 352 
TRP CZ3 HZ3  sing N N 353 
TRP CH2 HH2  sing N N 354 
TRP OXT HXT  sing N N 355 
TYR N   CA   sing N N 356 
TYR N   H    sing N N 357 
TYR N   H2   sing N N 358 
TYR CA  C    sing N N 359 
TYR CA  CB   sing N N 360 
TYR CA  HA   sing N N 361 
TYR C   O    doub N N 362 
TYR C   OXT  sing N N 363 
TYR CB  CG   sing N N 364 
TYR CB  HB2  sing N N 365 
TYR CB  HB3  sing N N 366 
TYR CG  CD1  doub Y N 367 
TYR CG  CD2  sing Y N 368 
TYR CD1 CE1  sing Y N 369 
TYR CD1 HD1  sing N N 370 
TYR CD2 CE2  doub Y N 371 
TYR CD2 HD2  sing N N 372 
TYR CE1 CZ   doub Y N 373 
TYR CE1 HE1  sing N N 374 
TYR CE2 CZ   sing Y N 375 
TYR CE2 HE2  sing N N 376 
TYR CZ  OH   sing N N 377 
TYR OH  HH   sing N N 378 
TYR OXT HXT  sing N N 379 
VAL N   CA   sing N N 380 
VAL N   H    sing N N 381 
VAL N   H2   sing N N 382 
VAL CA  C    sing N N 383 
VAL CA  CB   sing N N 384 
VAL CA  HA   sing N N 385 
VAL C   O    doub N N 386 
VAL C   OXT  sing N N 387 
VAL CB  CG1  sing N N 388 
VAL CB  CG2  sing N N 389 
VAL CB  HB   sing N N 390 
VAL CG1 HG11 sing N N 391 
VAL CG1 HG12 sing N N 392 
VAL CG1 HG13 sing N N 393 
VAL CG2 HG21 sing N N 394 
VAL CG2 HG22 sing N N 395 
VAL CG2 HG23 sing N N 396 
VAL OXT HXT  sing N N 397 
# 
_pdbx_deposit_group.group_id            G_1002080 
_pdbx_deposit_group.group_description   
;Human Brachyury screened against the DSI-poised Fragment Library by X-ray Crystallography at the XChem facility of Diamond Light Source beamline I04-1
;
_pdbx_deposit_group.group_title         'PanDDA analysis group deposition' 
_pdbx_deposit_group.group_type          'changed state' 
# 
_pdbx_entity_instance_feature.ordinal        1 
_pdbx_entity_instance_feature.comp_id        LV4 
_pdbx_entity_instance_feature.asym_id        ? 
_pdbx_entity_instance_feature.seq_num        ? 
_pdbx_entity_instance_feature.auth_comp_id   LV4 
_pdbx_entity_instance_feature.auth_asym_id   ? 
_pdbx_entity_instance_feature.auth_seq_num   ? 
_pdbx_entity_instance_feature.feature_type   'SUBJECT OF INVESTIGATION' 
_pdbx_entity_instance_feature.details        ? 
# 
_atom_sites.entry_id                    5QS2 
_atom_sites.fract_transf_matrix[1][1]   0.01416703 
_atom_sites.fract_transf_matrix[1][2]   -0.00724496 
_atom_sites.fract_transf_matrix[1][3]   -0.00467988 
_atom_sites.fract_transf_matrix[2][1]   0.00102179 
_atom_sites.fract_transf_matrix[2][2]   -0.00752630 
_atom_sites.fract_transf_matrix[2][3]   0.01474470 
_atom_sites.fract_transf_matrix[3][1]   -0.00469315 
_atom_sites.fract_transf_matrix[3][2]   -0.00705955 
_atom_sites.fract_transf_matrix[3][3]   -0.00327826 
_atom_sites.fract_transf_vector[1]      0.343683 
_atom_sites.fract_transf_vector[2]      -0.024727 
_atom_sites.fract_transf_vector[3]      0.059981 
# 
loop_
_atom_type.symbol 
C  
CD 
F  
N  
O  
S  
# 
loop_
_atom_site.group_PDB 
_atom_site.id 
_atom_site.type_symbol 
_atom_site.label_atom_id 
_atom_site.label_alt_id 
_atom_site.label_comp_id 
_atom_site.label_asym_id 
_atom_site.label_entity_id 
_atom_site.label_seq_id 
_atom_site.pdbx_PDB_ins_code 
_atom_site.Cartn_x 
_atom_site.Cartn_y 
_atom_site.Cartn_z 
_atom_site.occupancy 
_atom_site.B_iso_or_equiv 
_atom_site.pdbx_formal_charge 
_atom_site.auth_seq_id 
_atom_site.auth_comp_id 
_atom_site.auth_asym_id 
_atom_site.auth_atom_id 
_atom_site.pdbx_PDB_model_num 
ATOM   1    N  N   . GLU A 1 2   ? 10.565  -8.056  -20.619 1.00 85.11  ? 41  GLU A N   1 
ATOM   2    C  CA  . GLU A 1 2   ? 10.851  -7.455  -19.280 1.00 78.22  ? 41  GLU A CA  1 
ATOM   3    C  C   . GLU A 1 2   ? 9.499   -7.213  -18.576 1.00 67.61  ? 41  GLU A C   1 
ATOM   4    O  O   . GLU A 1 2   ? 8.569   -6.654  -19.197 1.00 57.51  ? 41  GLU A O   1 
ATOM   5    C  CB  . GLU A 1 2   ? 11.738  -6.204  -19.432 1.00 83.40  ? 41  GLU A CB  1 
ATOM   6    C  CG  . GLU A 1 2   ? 12.924  -6.127  -18.460 1.00 83.54  ? 41  GLU A CG  1 
ATOM   7    C  CD  . GLU A 1 2   ? 14.281  -6.636  -18.950 1.00 92.34  ? 41  GLU A CD  1 
ATOM   8    O  OE1 . GLU A 1 2   ? 15.292  -5.889  -18.831 1.00 89.13  ? 41  GLU A OE1 1 
ATOM   9    O  OE2 . GLU A 1 2   ? 14.348  -7.791  -19.429 1.00 88.56  ? 41  GLU A OE2 1 
ATOM   10   N  N   . LEU A 1 3   ? 9.383   -7.700  -17.341 1.00 55.82  ? 42  LEU A N   1 
ATOM   11   C  CA  . LEU A 1 3   ? 8.251   -7.466  -16.408 1.00 57.14  ? 42  LEU A CA  1 
ATOM   12   C  C   . LEU A 1 3   ? 8.113   -5.958  -16.112 1.00 50.82  ? 42  LEU A C   1 
ATOM   13   O  O   . LEU A 1 3   ? 9.015   -5.421  -15.484 1.00 51.70  ? 42  LEU A O   1 
ATOM   14   C  CB  . LEU A 1 3   ? 8.577   -8.280  -15.154 1.00 53.17  ? 42  LEU A CB  1 
ATOM   15   C  CG  . LEU A 1 3   ? 7.543   -8.280  -14.038 1.00 57.30  ? 42  LEU A CG  1 
ATOM   16   C  CD1 . LEU A 1 3   ? 6.143   -7.990  -14.561 1.00 59.99  ? 42  LEU A CD1 1 
ATOM   17   C  CD2 . LEU A 1 3   ? 7.582   -9.622  -13.307 1.00 58.54  ? 42  LEU A CD2 1 
ATOM   18   N  N   . ARG A 1 4   ? 7.056   -5.301  -16.605 1.00 43.92  ? 43  ARG A N   1 
ATOM   19   C  CA  . ARG A 1 4   ? 6.748   -3.864  -16.369 1.00 38.54  ? 43  ARG A CA  1 
ATOM   20   C  C   . ARG A 1 4   ? 5.604   -3.739  -15.347 1.00 46.58  ? 43  ARG A C   1 
ATOM   21   O  O   . ARG A 1 4   ? 4.554   -4.388  -15.524 1.00 41.67  ? 43  ARG A O   1 
ATOM   22   C  CB  . ARG A 1 4   ? 6.378   -3.182  -17.686 1.00 39.68  ? 43  ARG A CB  1 
ATOM   23   N  N   . VAL A 1 5   ? 5.788   -2.912  -14.319 1.00 45.14  ? 44  VAL A N   1 
ATOM   24   C  CA  . VAL A 1 5   ? 4.782   -2.631  -13.251 1.00 42.01  ? 44  VAL A CA  1 
ATOM   25   C  C   . VAL A 1 5   ? 4.499   -1.127  -13.268 1.00 46.45  ? 44  VAL A C   1 
ATOM   26   O  O   . VAL A 1 5   ? 5.465   -0.389  -13.065 1.00 45.69  ? 44  VAL A O   1 
ATOM   27   C  CB  . VAL A 1 5   ? 5.330   -3.055  -11.877 1.00 46.18  ? 44  VAL A CB  1 
ATOM   28   C  CG1 . VAL A 1 5   ? 4.343   -2.749  -10.758 1.00 45.27  ? 44  VAL A CG1 1 
ATOM   29   C  CG2 . VAL A 1 5   ? 5.722   -4.516  -11.846 1.00 44.07  ? 44  VAL A CG2 1 
ATOM   30   N  N   . GLY A 1 6   ? 3.250   -0.709  -13.502 1.00 43.09  ? 45  GLY A N   1 
ATOM   31   C  CA  . GLY A 1 6   ? 2.800   0.695   -13.470 1.00 42.29  ? 45  GLY A CA  1 
ATOM   32   C  C   . GLY A 1 6   ? 1.733   0.921   -12.408 1.00 42.16  ? 45  GLY A C   1 
ATOM   33   O  O   . GLY A 1 6   ? 0.984   -0.010  -12.074 1.00 36.42  ? 45  GLY A O   1 
ATOM   34   N  N   . LEU A 1 7   ? 1.666   2.132   -11.872 1.00 37.66  ? 46  LEU A N   1 
ATOM   35   C  CA  . LEU A 1 7   ? 0.582   2.543   -10.957 1.00 36.77  ? 46  LEU A CA  1 
ATOM   36   C  C   . LEU A 1 7   ? -0.571  3.051   -11.824 1.00 36.76  ? 46  LEU A C   1 
ATOM   37   O  O   . LEU A 1 7   ? -0.292  3.876   -12.710 1.00 36.36  ? 46  LEU A O   1 
ATOM   38   C  CB  . LEU A 1 7   ? 1.144   3.637   -10.042 1.00 35.06  ? 46  LEU A CB  1 
ATOM   39   C  CG  . LEU A 1 7   ? 0.151   4.282   -9.089  1.00 30.35  ? 46  LEU A CG  1 
ATOM   40   C  CD1 . LEU A 1 7   ? -0.437  3.247   -8.156  1.00 28.39  ? 46  LEU A CD1 1 
ATOM   41   C  CD2 . LEU A 1 7   ? 0.790   5.411   -8.312  1.00 31.17  ? 46  LEU A CD2 1 
ATOM   42   N  N   . GLU A 1 8   ? -1.785  2.547   -11.614 1.00 34.53  ? 47  GLU A N   1 
ATOM   43   C  CA  . GLU A 1 8   ? -3.022  3.047   -12.257 1.00 33.86  ? 47  GLU A CA  1 
ATOM   44   C  C   . GLU A 1 8   ? -3.479  4.295   -11.491 1.00 38.18  ? 47  GLU A C   1 
ATOM   45   O  O   . GLU A 1 8   ? -3.280  4.357   -10.234 1.00 35.30  ? 47  GLU A O   1 
ATOM   46   C  CB  . GLU A 1 8   ? -4.041  1.909   -12.367 1.00 42.89  ? 47  GLU A CB  1 
ATOM   47   C  CG  . GLU A 1 8   ? -5.403  2.312   -12.933 1.00 50.87  ? 47  GLU A CG  1 
ATOM   48   C  CD  . GLU A 1 8   ? -5.530  2.393   -14.454 1.00 54.19  ? 47  GLU A CD  1 
ATOM   49   O  OE1 . GLU A 1 8   ? -4.505  2.248   -15.134 1.00 53.42  ? 47  GLU A OE1 1 
ATOM   50   O  OE2 . GLU A 1 8   ? -6.660  2.622   -14.964 1.00 60.25  ? 47  GLU A OE2 1 
ATOM   51   N  N   . GLU A 1 9   ? -3.992  5.291   -12.220 1.00 36.42  ? 48  GLU A N   1 
ATOM   52   C  CA  . GLU A 1 9   ? -4.499  6.572   -11.658 1.00 39.63  ? 48  GLU A CA  1 
ATOM   53   C  C   . GLU A 1 9   ? -3.403  7.264   -10.833 1.00 38.75  ? 48  GLU A C   1 
ATOM   54   O  O   . GLU A 1 9   ? -3.695  7.743   -9.706  1.00 34.89  ? 48  GLU A O   1 
ATOM   55   C  CB  . GLU A 1 9   ? -5.676  6.358   -10.704 1.00 45.16  ? 48  GLU A CB  1 
ATOM   56   C  CG  . GLU A 1 9   ? -6.801  5.460   -11.200 1.00 53.84  ? 48  GLU A CG  1 
ATOM   57   C  CD  . GLU A 1 9   ? -7.829  5.179   -10.108 1.00 59.31  ? 48  GLU A CD  1 
ATOM   58   O  OE1 . GLU A 1 9   ? -8.012  6.050   -9.222  1.00 68.96  ? 48  GLU A OE1 1 
ATOM   59   O  OE2 . GLU A 1 9   ? -8.422  4.079   -10.109 1.00 61.27  ? 48  GLU A OE2 1 
ATOM   60   N  N   . SER A 1 10  ? -2.202  7.400   -11.382 1.00 33.14  ? 49  SER A N   1 
ATOM   61   C  CA  . SER A 1 10  ? -1.093  8.105   -10.698 1.00 36.73  ? 49  SER A CA  1 
ATOM   62   C  C   . SER A 1 10  ? -1.457  9.590   -10.534 1.00 30.31  ? 49  SER A C   1 
ATOM   63   O  O   . SER A 1 10  ? -1.168  10.111  -9.463  1.00 32.57  ? 49  SER A O   1 
ATOM   64   C  CB  . SER A 1 10  ? 0.235   7.868   -11.402 1.00 38.92  ? 49  SER A CB  1 
ATOM   65   O  OG  . SER A 1 10  ? 0.253   8.562   -12.626 1.00 48.17  ? 49  SER A OG  1 
ATOM   66   N  N   . GLU A 1 11  ? -2.139  10.214  -11.515 1.00 35.82  ? 50  GLU A N   1 
ATOM   67   C  CA  . GLU A 1 11  ? -2.678  11.608  -11.469 1.00 37.74  ? 50  GLU A CA  1 
ATOM   68   C  C   . GLU A 1 11  ? -3.285  11.878  -10.081 1.00 35.40  ? 50  GLU A C   1 
ATOM   69   O  O   . GLU A 1 11  ? -2.921  12.881  -9.455  1.00 41.35  ? 50  GLU A O   1 
ATOM   70   C  CB  . GLU A 1 11  ? -3.752  11.830  -12.545 1.00 39.38  ? 50  GLU A CB  1 
ATOM   71   C  CG  . GLU A 1 11  ? -5.021  12.557  -12.067 1.00 48.17  ? 50  GLU A CG  1 
ATOM   72   C  CD  . GLU A 1 11  ? -4.909  14.074  -12.045 1.00 49.90  ? 50  GLU A CD  1 
ATOM   73   O  OE1 . GLU A 1 11  ? -5.880  14.750  -11.679 1.00 55.90  ? 50  GLU A OE1 1 
ATOM   74   O  OE2 . GLU A 1 11  ? -3.836  14.578  -12.405 1.00 63.67  ? 50  GLU A OE2 1 
ATOM   75   N  N   . LEU A 1 12  ? -4.173  10.992  -9.653  1.00 33.78  ? 51  LEU A N   1 
ATOM   76   C  CA  . LEU A 1 12  ? -5.013  11.159  -8.436  1.00 38.44  ? 51  LEU A CA  1 
ATOM   77   C  C   . LEU A 1 12  ? -4.154  10.929  -7.189  1.00 35.38  ? 51  LEU A C   1 
ATOM   78   O  O   . LEU A 1 12  ? -4.235  11.716  -6.220  1.00 36.26  ? 51  LEU A O   1 
ATOM   79   C  CB  . LEU A 1 12  ? -6.180  10.170  -8.466  1.00 42.55  ? 51  LEU A CB  1 
ATOM   80   C  CG  . LEU A 1 12  ? -7.084  10.275  -7.230  1.00 46.95  ? 51  LEU A CG  1 
ATOM   81   C  CD1 . LEU A 1 12  ? -7.631  11.682  -7.093  1.00 47.24  ? 51  LEU A CD1 1 
ATOM   82   C  CD2 . LEU A 1 12  ? -8.198  9.249   -7.234  1.00 46.95  ? 51  LEU A CD2 1 
ATOM   83   N  N   . TRP A 1 13  ? -3.355  9.862   -7.176  1.00 30.22  ? 52  TRP A N   1 
ATOM   84   C  CA  . TRP A 1 13  ? -2.420  9.632   -6.045  1.00 28.16  ? 52  TRP A CA  1 
ATOM   85   C  C   . TRP A 1 13  ? -1.554  10.881  -5.861  1.00 29.65  ? 52  TRP A C   1 
ATOM   86   O  O   . TRP A 1 13  ? -1.358  11.277  -4.712  1.00 29.68  ? 52  TRP A O   1 
ATOM   87   C  CB  . TRP A 1 13  ? -1.551  8.407   -6.281  1.00 25.74  ? 52  TRP A CB  1 
ATOM   88   C  CG  . TRP A 1 13  ? -2.224  7.117   -5.972  1.00 24.06  ? 52  TRP A CG  1 
ATOM   89   C  CD1 . TRP A 1 13  ? -2.682  6.210   -6.882  1.00 25.45  ? 52  TRP A CD1 1 
ATOM   90   C  CD2 . TRP A 1 13  ? -2.388  6.518   -4.676  1.00 24.05  ? 52  TRP A CD2 1 
ATOM   91   N  NE1 . TRP A 1 13  ? -3.173  5.112   -6.229  1.00 26.29  ? 52  TRP A NE1 1 
ATOM   92   C  CE2 . TRP A 1 13  ? -3.028  5.285   -4.876  1.00 23.38  ? 52  TRP A CE2 1 
ATOM   93   C  CE3 . TRP A 1 13  ? -2.190  6.962   -3.362  1.00 22.49  ? 52  TRP A CE3 1 
ATOM   94   C  CZ2 . TRP A 1 13  ? -3.377  4.442   -3.823  1.00 24.37  ? 52  TRP A CZ2 1 
ATOM   95   C  CZ3 . TRP A 1 13  ? -2.519  6.129   -2.324  1.00 23.24  ? 52  TRP A CZ3 1 
ATOM   96   C  CH2 . TRP A 1 13  ? -3.103  4.874   -2.549  1.00 24.60  ? 52  TRP A CH2 1 
ATOM   97   N  N   . LEU A 1 14  ? -1.060  11.497  -6.947  1.00 30.34  ? 53  LEU A N   1 
ATOM   98   C  CA  . LEU A 1 14  ? -0.137  12.663  -6.797  1.00 35.64  ? 53  LEU A CA  1 
ATOM   99   C  C   . LEU A 1 14  ? -0.865  13.852  -6.130  1.00 33.81  ? 53  LEU A C   1 
ATOM   100  O  O   . LEU A 1 14  ? -0.182  14.620  -5.407  1.00 37.65  ? 53  LEU A O   1 
ATOM   101  C  CB  . LEU A 1 14  ? 0.484   13.067  -8.145  1.00 36.75  ? 53  LEU A CB  1 
ATOM   102  C  CG  . LEU A 1 14  ? 1.837   12.444  -8.531  1.00 43.96  ? 53  LEU A CG  1 
ATOM   103  C  CD1 . LEU A 1 14  ? 2.304   11.328  -7.608  1.00 52.33  ? 53  LEU A CD1 1 
ATOM   104  C  CD2 . LEU A 1 14  ? 1.815   11.958  -9.974  1.00 48.37  ? 53  LEU A CD2 1 
ATOM   105  N  N   . ARG A 1 15  ? -2.168  14.021  -6.345  1.00 35.95  ? 54  ARG A N   1 
ATOM   106  C  CA  . ARG A 1 15  ? -2.953  15.092  -5.657  1.00 40.23  ? 54  ARG A CA  1 
ATOM   107  C  C   . ARG A 1 15  ? -2.935  14.821  -4.153  1.00 32.40  ? 54  ARG A C   1 
ATOM   108  O  O   . ARG A 1 15  ? -2.799  15.809  -3.413  1.00 36.68  ? 54  ARG A O   1 
ATOM   109  C  CB  . ARG A 1 15  ? -4.419  15.194  -6.092  1.00 46.85  ? 54  ARG A CB  1 
ATOM   110  C  CG  . ARG A 1 15  ? -4.660  15.149  -7.596  1.00 56.83  ? 54  ARG A CG  1 
ATOM   111  C  CD  . ARG A 1 15  ? -5.061  16.455  -8.252  1.00 61.59  ? 54  ARG A CD  1 
ATOM   112  N  NE  . ARG A 1 15  ? -6.306  17.047  -7.767  1.00 62.60  ? 54  ARG A NE  1 
ATOM   113  C  CZ  . ARG A 1 15  ? -7.526  16.803  -8.256  1.00 62.52  ? 54  ARG A CZ  1 
ATOM   114  N  NH1 . ARG A 1 15  ? -7.722  15.917  -9.222  1.00 57.31  ? 54  ARG A NH1 1 
ATOM   115  N  NH2 . ARG A 1 15  ? -8.557  17.435  -7.732  1.00 66.56  ? 54  ARG A NH2 1 
ATOM   116  N  N   . PHE A 1 16  ? -3.054  13.563  -3.719  1.00 27.64  ? 55  PHE A N   1 
ATOM   117  C  CA  . PHE A 1 16  ? -3.024  13.202  -2.272  1.00 28.76  ? 55  PHE A CA  1 
ATOM   118  C  C   . PHE A 1 16  ? -1.613  13.415  -1.748  1.00 28.82  ? 55  PHE A C   1 
ATOM   119  O  O   . PHE A 1 16  ? -1.427  14.046  -0.728  1.00 29.10  ? 55  PHE A O   1 
ATOM   120  C  CB  . PHE A 1 16  ? -3.468  11.771  -2.007  1.00 27.38  ? 55  PHE A CB  1 
ATOM   121  C  CG  . PHE A 1 16  ? -4.966  11.602  -2.092  1.00 29.35  ? 55  PHE A CG  1 
ATOM   122  C  CD1 . PHE A 1 16  ? -5.751  11.812  -0.970  1.00 29.63  ? 55  PHE A CD1 1 
ATOM   123  C  CD2 . PHE A 1 16  ? -5.589  11.300  -3.294  1.00 27.67  ? 55  PHE A CD2 1 
ATOM   124  C  CE1 . PHE A 1 16  ? -7.134  11.708  -1.055  1.00 28.45  ? 55  PHE A CE1 1 
ATOM   125  C  CE2 . PHE A 1 16  ? -6.965  11.169  -3.376  1.00 27.32  ? 55  PHE A CE2 1 
ATOM   126  C  CZ  . PHE A 1 16  ? -7.730  11.375  -2.252  1.00 28.50  ? 55  PHE A CZ  1 
ATOM   127  N  N   . LYS A 1 17  ? -0.618  12.888  -2.487  1.00 28.47  ? 56  LYS A N   1 
ATOM   128  C  CA  . LYS A 1 17  ? 0.800   13.022  -2.080  1.00 28.88  ? 56  LYS A CA  1 
ATOM   129  C  C   . LYS A 1 17  ? 1.178   14.487  -1.933  1.00 29.06  ? 56  LYS A C   1 
ATOM   130  O  O   . LYS A 1 17  ? 1.927   14.768  -0.984  1.00 32.26  ? 56  LYS A O   1 
ATOM   131  C  CB  . LYS A 1 17  ? 1.757   12.311  -3.044  1.00 31.77  ? 56  LYS A CB  1 
ATOM   132  C  CG  . LYS A 1 17  ? 3.197   12.431  -2.576  1.00 34.88  ? 56  LYS A CG  1 
ATOM   133  C  CD  . LYS A 1 17  ? 4.031   11.226  -2.697  1.00 39.40  ? 56  LYS A CD  1 
ATOM   134  C  CE  . LYS A 1 17  ? 5.451   11.514  -2.265  1.00 36.53  ? 56  LYS A CE  1 
ATOM   135  N  NZ  . LYS A 1 17  ? 6.359   10.763  -3.138  1.00 38.74  ? 56  LYS A NZ  1 
ATOM   136  N  N   . GLU A 1 18  ? 0.731   15.402  -2.803  1.00 30.30  ? 57  GLU A N   1 
ATOM   137  C  CA  . GLU A 1 18  ? 1.218   16.809  -2.686  1.00 34.61  ? 57  GLU A CA  1 
ATOM   138  C  C   . GLU A 1 18  ? 0.650   17.431  -1.399  1.00 32.12  ? 57  GLU A C   1 
ATOM   139  O  O   . GLU A 1 18  ? 1.327   18.297  -0.859  1.00 34.20  ? 57  GLU A O   1 
ATOM   140  C  CB  . GLU A 1 18  ? 1.079   17.606  -3.980  1.00 43.94  ? 57  GLU A CB  1 
ATOM   141  C  CG  . GLU A 1 18  ? -0.302  18.068  -4.377  1.00 55.59  ? 57  GLU A CG  1 
ATOM   142  C  CD  . GLU A 1 18  ? -0.440  18.306  -5.882  1.00 63.14  ? 57  GLU A CD  1 
ATOM   143  O  OE1 . GLU A 1 18  ? 0.587   18.178  -6.608  1.00 63.34  ? 57  GLU A OE1 1 
ATOM   144  O  OE2 . GLU A 1 18  ? -1.578  18.593  -6.347  1.00 53.94  ? 57  GLU A OE2 1 
ATOM   145  N  N   . LEU A 1 19  ? -0.404  16.882  -0.791  1.00 32.60  ? 58  LEU A N   1 
ATOM   146  C  CA  . LEU A 1 19  ? -0.932  17.389  0.526   1.00 37.41  ? 58  LEU A CA  1 
ATOM   147  C  C   . LEU A 1 19  ? -0.357  16.637  1.718   1.00 33.50  ? 58  LEU A C   1 
ATOM   148  O  O   . LEU A 1 19  ? -0.733  16.978  2.874   1.00 32.35  ? 58  LEU A O   1 
ATOM   149  C  CB  . LEU A 1 19  ? -2.452  17.235  0.545   1.00 37.12  ? 58  LEU A CB  1 
ATOM   150  C  CG  . LEU A 1 19  ? -3.179  17.910  -0.610  1.00 39.85  ? 58  LEU A CG  1 
ATOM   151  C  CD1 . LEU A 1 19  ? -4.666  17.548  -0.588  1.00 44.48  ? 58  LEU A CD1 1 
ATOM   152  C  CD2 . LEU A 1 19  ? -2.986  19.414  -0.586  1.00 41.37  ? 58  LEU A CD2 1 
ATOM   153  N  N   . THR A 1 20  ? 0.448   15.597  1.479   1.00 28.08  ? 59  THR A N   1 
ATOM   154  C  CA  . THR A 1 20  ? 0.795   14.537  2.462   1.00 27.09  ? 59  THR A CA  1 
ATOM   155  C  C   . THR A 1 20  ? -0.415  13.622  2.700   1.00 28.88  ? 59  THR A C   1 
ATOM   156  O  O   . THR A 1 20  ? -1.393  14.020  3.388   1.00 26.98  ? 59  THR A O   1 
ATOM   157  C  CB  . THR A 1 20  ? 1.333   15.081  3.792   1.00 29.15  ? 59  THR A CB  1 
ATOM   158  O  OG1 . THR A 1 20  ? 2.377   15.994  3.483   1.00 33.48  ? 59  THR A OG1 1 
ATOM   159  C  CG2 . THR A 1 20  ? 1.860   14.011  4.711   1.00 31.34  ? 59  THR A CG2 1 
ATOM   160  N  N   . ASN A 1 21  ? -0.377  12.422  2.124   1.00 27.95  ? 60  ASN A N   1 
ATOM   161  C  CA  . ASN A 1 21  ? -1.543  11.515  2.155   1.00 25.88  ? 60  ASN A CA  1 
ATOM   162  C  C   . ASN A 1 21  ? -1.674  10.954  3.571   1.00 26.13  ? 60  ASN A C   1 
ATOM   163  O  O   . ASN A 1 21  ? -0.663  10.825  4.301   1.00 26.41  ? 60  ASN A O   1 
ATOM   164  C  CB  . ASN A 1 21  ? -1.407  10.444  1.069   1.00 26.50  ? 60  ASN A CB  1 
ATOM   165  C  CG  . ASN A 1 21  ? -2.697  9.749   0.716   1.00 32.71  ? 60  ASN A CG  1 
ATOM   166  O  OD1 . ASN A 1 21  ? -3.758  10.012  1.315   1.00 28.24  ? 60  ASN A OD1 1 
ATOM   167  N  ND2 . ASN A 1 21  ? -2.605  8.901   -0.307  1.00 25.90  ? 60  ASN A ND2 1 
ATOM   168  N  N   . GLU A 1 22  ? -2.890  10.615  3.966   1.00 26.10  ? 61  GLU A N   1 
ATOM   169  C  CA  . GLU A 1 22  ? -3.162  10.013  5.279   1.00 23.42  ? 61  GLU A CA  1 
ATOM   170  C  C   . GLU A 1 22  ? -4.092  8.833   5.035   1.00 26.19  ? 61  GLU A C   1 
ATOM   171  O  O   . GLU A 1 22  ? -4.995  9.003   4.162   1.00 27.93  ? 61  GLU A O   1 
ATOM   172  C  CB  . GLU A 1 22  ? -3.867  11.018  6.205   1.00 26.02  ? 61  GLU A CB  1 
ATOM   173  C  CG  . GLU A 1 22  ? -3.158  12.339  6.362   1.00 26.64  ? 61  GLU A CG  1 
ATOM   174  C  CD  . GLU A 1 22  ? -3.908  13.312  7.286   1.00 28.90  ? 61  GLU A CD  1 
ATOM   175  O  OE1 . GLU A 1 22  ? -3.768  14.512  7.116   1.00 30.29  ? 61  GLU A OE1 1 
ATOM   176  O  OE2 . GLU A 1 22  ? -4.618  12.835  8.158   1.00 33.07  ? 61  GLU A OE2 1 
ATOM   177  N  N   . MET A 1 23  ? -3.891  7.723   5.734   1.00 25.09  ? 62  MET A N   1 
ATOM   178  C  CA  . MET A 1 23  ? -4.781  6.540   5.684   1.00 27.53  ? 62  MET A CA  1 
ATOM   179  C  C   . MET A 1 23  ? -5.241  6.201   7.095   1.00 30.85  ? 62  MET A C   1 
ATOM   180  O  O   . MET A 1 23  ? -4.431  6.124   7.992   1.00 26.86  ? 62  MET A O   1 
ATOM   181  C  CB  . MET A 1 23  ? -4.149  5.258   5.117   1.00 28.02  ? 62  MET A CB  1 
ATOM   182  C  CG  . MET A 1 23  ? -3.799  5.341   3.690   1.00 28.29  ? 62  MET A CG  1 
ATOM   183  S  SD  . MET A 1 23  ? -5.222  5.309   2.504   1.00 27.98  ? 62  MET A SD  1 
ATOM   184  C  CE  . MET A 1 23  ? -4.268  5.725   1.047   1.00 29.23  ? 62  MET A CE  1 
ATOM   185  N  N   . ILE A 1 24  ? -6.550  6.000   7.264   1.00 30.52  ? 63  ILE A N   1 
ATOM   186  C  CA  . ILE A 1 24  ? -7.103  5.668   8.602   1.00 29.31  ? 63  ILE A CA  1 
ATOM   187  C  C   . ILE A 1 24  ? -6.816  4.211   8.936   1.00 30.88  ? 63  ILE A C   1 
ATOM   188  O  O   . ILE A 1 24  ? -6.973  3.347   8.041   1.00 33.67  ? 63  ILE A O   1 
ATOM   189  C  CB  . ILE A 1 24  ? -8.618  5.924   8.641   1.00 36.78  ? 63  ILE A CB  1 
ATOM   190  C  CG1 . ILE A 1 24  ? -8.962  7.332   8.150   1.00 41.79  ? 63  ILE A CG1 1 
ATOM   191  C  CG2 . ILE A 1 24  ? -9.111  5.616   10.053  1.00 36.44  ? 63  ILE A CG2 1 
ATOM   192  C  CD1 . ILE A 1 24  ? -9.198  8.331   9.225   1.00 45.40  ? 63  ILE A CD1 1 
ATOM   193  N  N   . VAL A 1 25  ? -6.400  3.973   10.172  1.00 32.24  ? 64  VAL A N   1 
ATOM   194  C  CA  . VAL A 1 25  ? -6.273  2.626   10.774  1.00 35.95  ? 64  VAL A CA  1 
ATOM   195  C  C   . VAL A 1 25  ? -7.320  2.549   11.888  1.00 41.53  ? 64  VAL A C   1 
ATOM   196  O  O   . VAL A 1 25  ? -7.566  3.562   12.511  1.00 40.26  ? 64  VAL A O   1 
ATOM   197  C  CB  . VAL A 1 25  ? -4.838  2.403   11.255  1.00 36.75  ? 64  VAL A CB  1 
ATOM   198  C  CG1 . VAL A 1 25  ? -3.896  2.402   10.068  1.00 37.28  ? 64  VAL A CG1 1 
ATOM   199  C  CG2 . VAL A 1 25  ? -4.387  3.461   12.259  1.00 39.42  ? 64  VAL A CG2 1 
ATOM   200  N  N   . THR A 1 26  ? -7.954  1.400   12.059  1.00 44.96  ? 65  THR A N   1 
ATOM   201  C  CA  . THR A 1 26  ? -8.971  1.144   13.117  1.00 46.35  ? 65  THR A CA  1 
ATOM   202  C  C   . THR A 1 26  ? -8.625  -0.212  13.715  1.00 53.53  ? 65  THR A C   1 
ATOM   203  O  O   . THR A 1 26  ? -7.804  -0.924  13.102  1.00 43.03  ? 65  THR A O   1 
ATOM   204  C  CB  . THR A 1 26  ? -10.406 1.121   12.578  1.00 39.92  ? 65  THR A CB  1 
ATOM   205  O  OG1 . THR A 1 26  ? -10.549 -0.057  11.787  1.00 43.28  ? 65  THR A OG1 1 
ATOM   206  C  CG2 . THR A 1 26  ? -10.790 2.356   11.794  1.00 39.45  ? 65  THR A CG2 1 
ATOM   207  N  N   . LYS A 1 27  ? -9.205  -0.567  14.860  1.00 51.51  ? 66  LYS A N   1 
ATOM   208  C  CA  . LYS A 1 27  ? -8.883  -1.862  15.511  1.00 52.38  ? 66  LYS A CA  1 
ATOM   209  C  C   . LYS A 1 27  ? -9.346  -3.007  14.598  1.00 51.69  ? 66  LYS A C   1 
ATOM   210  O  O   . LYS A 1 27  ? -8.635  -4.026  14.551  1.00 54.77  ? 66  LYS A O   1 
ATOM   211  C  CB  . LYS A 1 27  ? -9.493  -1.937  16.913  1.00 59.46  ? 66  LYS A CB  1 
ATOM   212  C  CG  . LYS A 1 27  ? -9.406  -3.299  17.590  1.00 64.09  ? 66  LYS A CG  1 
ATOM   213  C  CD  . LYS A 1 27  ? -9.572  -3.218  19.101  1.00 78.75  ? 66  LYS A CD  1 
ATOM   214  C  CE  . LYS A 1 27  ? -10.456 -4.312  19.662  1.00 81.12  ? 66  LYS A CE  1 
ATOM   215  N  NZ  . LYS A 1 27  ? -11.875 -4.121  19.271  1.00 81.60  ? 66  LYS A NZ  1 
ATOM   216  N  N   . ASN A 1 28  ? -10.456 -2.818  13.875  1.00 51.04  ? 67  ASN A N   1 
ATOM   217  C  CA  . ASN A 1 28  ? -11.117 -3.861  13.041  1.00 57.51  ? 67  ASN A CA  1 
ATOM   218  C  C   . ASN A 1 28  ? -10.555 -3.813  11.617  1.00 49.89  ? 67  ASN A C   1 
ATOM   219  O  O   . ASN A 1 28  ? -10.648 -4.817  10.900  1.00 43.27  ? 67  ASN A O   1 
ATOM   220  C  CB  . ASN A 1 28  ? -12.639 -3.696  13.047  1.00 65.45  ? 67  ASN A CB  1 
ATOM   221  C  CG  . ASN A 1 28  ? -13.318 -4.569  14.081  1.00 71.78  ? 67  ASN A CG  1 
ATOM   222  O  OD1 . ASN A 1 28  ? -12.833 -4.718  15.204  1.00 62.04  ? 67  ASN A OD1 1 
ATOM   223  N  ND2 . ASN A 1 28  ? -14.435 -5.168  13.697  1.00 80.12  ? 67  ASN A ND2 1 
ATOM   224  N  N   . GLY A 1 29  ? -9.982  -2.671  11.233  1.00 47.85  ? 68  GLY A N   1 
ATOM   225  C  CA  . GLY A 1 29  ? -9.294  -2.525  9.944   1.00 40.63  ? 68  GLY A CA  1 
ATOM   226  C  C   . GLY A 1 29  ? -10.143 -1.722  9.003   1.00 39.48  ? 68  GLY A C   1 
ATOM   227  O  O   . GLY A 1 29  ? -11.384 -1.901  9.011   1.00 45.04  ? 68  GLY A O   1 
ATOM   228  N  N   . ARG A 1 30  ? -9.501  -0.854  8.239   1.00 32.09  ? 69  ARG A N   1 
ATOM   229  C  CA  . ARG A 1 30  ? -10.140 0.091   7.314   1.00 32.24  ? 69  ARG A CA  1 
ATOM   230  C  C   . ARG A 1 30  ? -9.531  -0.080  5.933   1.00 33.23  ? 69  ARG A C   1 
ATOM   231  O  O   . ARG A 1 30  ? -8.274  -0.124  5.811   1.00 32.34  ? 69  ARG A O   1 
ATOM   232  C  CB  . ARG A 1 30  ? -9.978  1.507   7.859   1.00 33.54  ? 69  ARG A CB  1 
ATOM   233  C  CG  . ARG A 1 30  ? -10.590 2.576   6.977   1.00 37.67  ? 69  ARG A CG  1 
ATOM   234  C  CD  . ARG A 1 30  ? -12.117 2.466   6.989   1.00 42.59  ? 69  ARG A CD  1 
ATOM   235  N  NE  . ARG A 1 30  ? -12.646 2.702   8.324   1.00 46.72  ? 69  ARG A NE  1 
ATOM   236  C  CZ  . ARG A 1 30  ? -12.885 3.906   8.852   1.00 51.61  ? 69  ARG A CZ  1 
ATOM   237  N  NH1 . ARG A 1 30  ? -13.365 4.000   10.084  1.00 54.48  ? 69  ARG A NH1 1 
ATOM   238  N  NH2 . ARG A 1 30  ? -12.654 5.004   8.151   1.00 49.21  ? 69  ARG A NH2 1 
ATOM   239  N  N   . ARG A 1 31  ? -10.384 -0.166  4.924   1.00 33.16  ? 70  ARG A N   1 
ATOM   240  C  CA  . ARG A 1 31  ? -9.923  -0.220  3.522   1.00 33.61  ? 70  ARG A CA  1 
ATOM   241  C  C   . ARG A 1 31  ? -9.368  1.148   3.122   1.00 30.03  ? 70  ARG A C   1 
ATOM   242  O  O   . ARG A 1 31  ? -9.666  2.172   3.768   1.00 30.93  ? 70  ARG A O   1 
ATOM   243  C  CB  . ARG A 1 31  ? -11.024 -0.726  2.592   1.00 35.22  ? 70  ARG A CB  1 
ATOM   244  C  CG  . ARG A 1 31  ? -11.064 -2.245  2.568   1.00 45.95  ? 70  ARG A CG  1 
ATOM   245  C  CD  . ARG A 1 31  ? -12.441 -2.834  2.675   1.00 56.34  ? 70  ARG A CD  1 
ATOM   246  N  NE  . ARG A 1 31  ? -13.122 -3.024  1.405   1.00 60.51  ? 70  ARG A NE  1 
ATOM   247  C  CZ  . ARG A 1 31  ? -14.452 -3.143  1.282   1.00 72.15  ? 70  ARG A CZ  1 
ATOM   248  N  NH1 . ARG A 1 31  ? -15.245 -3.051  2.345   1.00 73.35  ? 70  ARG A NH1 1 
ATOM   249  N  NH2 . ARG A 1 31  ? -14.991 -3.343  0.091   1.00 69.52  ? 70  ARG A NH2 1 
ATOM   250  N  N   . MET A 1 32  ? -8.438  1.101   2.179   1.00 28.73  ? 71  MET A N   1 
ATOM   251  C  CA  . MET A 1 32  ? -7.701  2.245   1.614   1.00 28.08  ? 71  MET A CA  1 
ATOM   252  C  C   . MET A 1 32  ? -8.565  2.960   0.587   1.00 27.35  ? 71  MET A C   1 
ATOM   253  O  O   . MET A 1 32  ? -9.270  2.289   -0.172  1.00 28.33  ? 71  MET A O   1 
ATOM   254  C  CB  . MET A 1 32  ? -6.429  1.740   0.900   1.00 28.08  ? 71  MET A CB  1 
ATOM   255  C  CG  . MET A 1 32  ? -5.448  1.093   1.893   1.00 30.24  ? 71  MET A CG  1 
ATOM   256  S  SD  . MET A 1 32  ? -3.928  0.489   1.121   1.00 28.27  ? 71  MET A SD  1 
ATOM   257  C  CE  . MET A 1 32  ? -3.246  2.007   0.474   1.00 32.48  ? 71  MET A CE  1 
ATOM   258  N  N   . PHE A 1 33  ? -8.418  4.274   0.544   1.00 28.46  ? 72  PHE A N   1 
ATOM   259  C  CA  . PHE A 1 33  ? -8.816  5.151   -0.571  1.00 28.53  ? 72  PHE A CA  1 
ATOM   260  C  C   . PHE A 1 33  ? -7.739  6.206   -0.675  1.00 30.04  ? 72  PHE A C   1 
ATOM   261  O  O   . PHE A 1 33  ? -7.453  6.884   0.316   1.00 33.66  ? 72  PHE A O   1 
ATOM   262  C  CB  . PHE A 1 33  ? -10.164 5.862   -0.364  1.00 30.86  ? 72  PHE A CB  1 
ATOM   263  C  CG  . PHE A 1 33  ? -10.553 6.616   -1.610  1.00 33.13  ? 72  PHE A CG  1 
ATOM   264  C  CD1 . PHE A 1 33  ? -11.118 5.941   -2.679  1.00 34.02  ? 72  PHE A CD1 1 
ATOM   265  C  CD2 . PHE A 1 33  ? -10.160 7.931   -1.806  1.00 36.05  ? 72  PHE A CD2 1 
ATOM   266  C  CE1 . PHE A 1 33  ? -11.372 6.590   -3.883  1.00 31.49  ? 72  PHE A CE1 1 
ATOM   267  C  CE2 . PHE A 1 33  ? -10.453 8.595   -2.992  1.00 35.86  ? 72  PHE A CE2 1 
ATOM   268  C  CZ  . PHE A 1 33  ? -11.074 7.927   -4.025  1.00 35.03  ? 72  PHE A CZ  1 
ATOM   269  N  N   . PRO A 1 34  ? -7.148  6.413   -1.855  1.00 28.00  ? 73  PRO A N   1 
ATOM   270  C  CA  . PRO A 1 34  ? -7.375  5.559   -3.025  1.00 30.03  ? 73  PRO A CA  1 
ATOM   271  C  C   . PRO A 1 34  ? -6.897  4.107   -2.824  1.00 25.19  ? 73  PRO A C   1 
ATOM   272  O  O   . PRO A 1 34  ? -6.177  3.822   -1.906  1.00 26.64  ? 73  PRO A O   1 
ATOM   273  C  CB  . PRO A 1 34  ? -6.628  6.242   -4.168  1.00 34.77  ? 73  PRO A CB  1 
ATOM   274  C  CG  . PRO A 1 34  ? -6.260  7.617   -3.639  1.00 31.93  ? 73  PRO A CG  1 
ATOM   275  C  CD  . PRO A 1 34  ? -6.238  7.521   -2.135  1.00 31.07  ? 73  PRO A CD  1 
ATOM   276  N  N   . VAL A 1 35  ? -7.455  3.224   -3.636  1.00 27.94  ? 74  VAL A N   1 
ATOM   277  C  CA  . VAL A 1 35  ? -7.091  1.798   -3.746  1.00 28.36  ? 74  VAL A CA  1 
ATOM   278  C  C   . VAL A 1 35  ? -5.798  1.729   -4.566  1.00 24.81  ? 74  VAL A C   1 
ATOM   279  O  O   . VAL A 1 35  ? -5.729  2.332   -5.633  1.00 28.16  ? 74  VAL A O   1 
ATOM   280  C  CB  . VAL A 1 35  ? -8.200  0.997   -4.447  1.00 30.55  ? 74  VAL A CB  1 
ATOM   281  C  CG1 . VAL A 1 35  ? -7.732  -0.405  -4.773  1.00 32.45  ? 74  VAL A CG1 1 
ATOM   282  C  CG2 . VAL A 1 35  ? -9.483  0.948   -3.608  1.00 34.36  ? 74  VAL A CG2 1 
ATOM   283  N  N   . LEU A 1 36  ? -4.868  0.929   -4.135  1.00 28.00  ? 75  LEU A N   1 
ATOM   284  C  CA  . LEU A 1 36  ? -3.697  0.676   -4.993  1.00 27.06  ? 75  LEU A CA  1 
ATOM   285  C  C   . LEU A 1 36  ? -4.118  -0.246  -6.144  1.00 27.26  ? 75  LEU A C   1 
ATOM   286  O  O   . LEU A 1 36  ? -4.539  -1.411  -5.885  1.00 26.65  ? 75  LEU A O   1 
ATOM   287  C  CB  . LEU A 1 36  ? -2.597  0.071   -4.141  1.00 28.92  ? 75  LEU A CB  1 
ATOM   288  C  CG  . LEU A 1 36  ? -1.315  -0.270  -4.891  1.00 32.33  ? 75  LEU A CG  1 
ATOM   289  C  CD1 . LEU A 1 36  ? -0.690  0.966   -5.477  1.00 36.64  ? 75  LEU A CD1 1 
ATOM   290  C  CD2 . LEU A 1 36  ? -0.322  -0.940  -3.960  1.00 34.85  ? 75  LEU A CD2 1 
ATOM   291  N  N   . LYS A 1 37  ? -3.971  0.228   -7.378  1.00 28.32  ? 76  LYS A N   1 
ATOM   292  C  CA  . LYS A 1 37  ? -4.265  -0.565  -8.605  1.00 28.76  ? 76  LYS A CA  1 
ATOM   293  C  C   . LYS A 1 37  ? -3.011  -0.548  -9.463  1.00 30.54  ? 76  LYS A C   1 
ATOM   294  O  O   . LYS A 1 37  ? -2.472  0.577   -9.711  1.00 31.52  ? 76  LYS A O   1 
ATOM   295  C  CB  . LYS A 1 37  ? -5.456  0.045   -9.353  1.00 33.31  ? 76  LYS A CB  1 
ATOM   296  C  CG  . LYS A 1 37  ? -6.738  0.055   -8.537  1.00 36.83  ? 76  LYS A CG  1 
ATOM   297  C  CD  . LYS A 1 37  ? -7.848  0.850   -9.179  1.00 39.46  ? 76  LYS A CD  1 
ATOM   298  C  CE  . LYS A 1 37  ? -9.068  0.890   -8.281  1.00 44.59  ? 76  LYS A CE  1 
ATOM   299  N  NZ  . LYS A 1 37  ? -10.301 1.033   -9.083  1.00 51.40  ? 76  LYS A NZ  1 
ATOM   300  N  N   . VAL A 1 38  ? -2.521  -1.726  -9.845  1.00 33.24  ? 77  VAL A N   1 
ATOM   301  C  CA  . VAL A 1 38  ? -1.225  -1.823  -10.569 1.00 35.34  ? 77  VAL A CA  1 
ATOM   302  C  C   . VAL A 1 38  ? -1.487  -2.392  -11.972 1.00 35.61  ? 77  VAL A C   1 
ATOM   303  O  O   . VAL A 1 38  ? -2.186  -3.382  -12.074 1.00 30.12  ? 77  VAL A O   1 
ATOM   304  C  CB  . VAL A 1 38  ? -0.223  -2.625  -9.738  1.00 39.78  ? 77  VAL A CB  1 
ATOM   305  C  CG1 . VAL A 1 38  ? -0.459  -2.401  -8.255  1.00 41.77  ? 77  VAL A CG1 1 
ATOM   306  C  CG2 . VAL A 1 38  ? -0.261  -4.090  -10.042 1.00 46.80  ? 77  VAL A CG2 1 
ATOM   307  N  N   . ASN A 1 39  ? -0.903  -1.778  -12.996 1.00 34.32  ? 78  ASN A N   1 
ATOM   308  C  CA  . ASN A 1 39  ? -0.854  -2.339  -14.359 1.00 38.89  ? 78  ASN A CA  1 
ATOM   309  C  C   . ASN A 1 39  ? 0.392   -3.224  -14.433 1.00 34.90  ? 78  ASN A C   1 
ATOM   310  O  O   . ASN A 1 39  ? 1.498   -2.804  -14.010 1.00 35.49  ? 78  ASN A O   1 
ATOM   311  C  CB  . ASN A 1 39  ? -1.004  -1.215  -15.386 1.00 46.87  ? 78  ASN A CB  1 
ATOM   312  C  CG  . ASN A 1 39  ? -2.363  -0.546  -15.303 1.00 54.56  ? 78  ASN A CG  1 
ATOM   313  O  OD1 . ASN A 1 39  ? -3.398  -1.208  -15.207 1.00 52.30  ? 78  ASN A OD1 1 
ATOM   314  N  ND2 . ASN A 1 39  ? -2.385  0.776   -15.345 1.00 56.23  ? 78  ASN A ND2 1 
ATOM   315  N  N   . VAL A 1 40  ? 0.214   -4.463  -14.883 1.00 34.73  ? 79  VAL A N   1 
ATOM   316  C  CA  . VAL A 1 40  ? 1.349   -5.400  -15.075 1.00 35.83  ? 79  VAL A CA  1 
ATOM   317  C  C   . VAL A 1 40  ? 1.306   -5.955  -16.503 1.00 38.72  ? 79  VAL A C   1 
ATOM   318  O  O   . VAL A 1 40  ? 0.228   -6.401  -16.950 1.00 42.22  ? 79  VAL A O   1 
ATOM   319  C  CB  . VAL A 1 40  ? 1.325   -6.507  -14.026 1.00 37.89  ? 79  VAL A CB  1 
ATOM   320  C  CG1 . VAL A 1 40  ? 2.400   -7.523  -14.266 1.00 36.02  ? 79  VAL A CG1 1 
ATOM   321  C  CG2 . VAL A 1 40  ? 1.470   -5.918  -12.635 1.00 41.97  ? 79  VAL A CG2 1 
ATOM   322  N  N   . SER A 1 41  ? 2.442   -5.852  -17.193 1.00 38.84  ? 80  SER A N   1 
ATOM   323  C  CA  . SER A 1 41  ? 2.701   -6.511  -18.495 1.00 39.51  ? 80  SER A CA  1 
ATOM   324  C  C   . SER A 1 41  ? 3.995   -7.312  -18.391 1.00 36.94  ? 80  SER A C   1 
ATOM   325  O  O   . SER A 1 41  ? 4.766   -7.125  -17.431 1.00 40.61  ? 80  SER A O   1 
ATOM   326  C  CB  . SER A 1 41  ? 2.724   -5.497  -19.637 1.00 42.57  ? 80  SER A CB  1 
ATOM   327  O  OG  . SER A 1 41  ? 3.680   -4.472  -19.419 1.00 42.33  ? 80  SER A OG  1 
ATOM   328  N  N   . GLY A 1 42  ? 4.205   -8.234  -19.324 1.00 43.15  ? 81  GLY A N   1 
ATOM   329  C  CA  . GLY A 1 42  ? 5.481   -8.950  -19.439 1.00 37.20  ? 81  GLY A CA  1 
ATOM   330  C  C   . GLY A 1 42  ? 5.504   -10.222 -18.624 1.00 42.48  ? 81  GLY A C   1 
ATOM   331  O  O   . GLY A 1 42  ? 6.550   -10.864 -18.587 1.00 37.35  ? 81  GLY A O   1 
ATOM   332  N  N   . LEU A 1 43  ? 4.409   -10.600 -17.960 1.00 37.72  ? 82  LEU A N   1 
ATOM   333  C  CA  . LEU A 1 43  ? 4.358   -11.944 -17.341 1.00 37.32  ? 82  LEU A CA  1 
ATOM   334  C  C   . LEU A 1 43  ? 4.208   -12.977 -18.472 1.00 35.19  ? 82  LEU A C   1 
ATOM   335  O  O   . LEU A 1 43  ? 3.761   -12.596 -19.566 1.00 37.39  ? 82  LEU A O   1 
ATOM   336  C  CB  . LEU A 1 43  ? 3.180   -12.052 -16.367 1.00 39.95  ? 82  LEU A CB  1 
ATOM   337  C  CG  . LEU A 1 43  ? 3.235   -11.175 -15.113 1.00 40.48  ? 82  LEU A CG  1 
ATOM   338  C  CD1 . LEU A 1 43  ? 1.967   -11.378 -14.290 1.00 41.88  ? 82  LEU A CD1 1 
ATOM   339  C  CD2 . LEU A 1 43  ? 4.464   -11.481 -14.277 1.00 40.38  ? 82  LEU A CD2 1 
ATOM   340  N  N   . ASP A 1 44  ? 4.600   -14.212 -18.177 1.00 39.30  ? 83  ASP A N   1 
ATOM   341  C  CA  . ASP A 1 44  ? 4.277   -15.442 -18.942 1.00 39.31  ? 83  ASP A CA  1 
ATOM   342  C  C   . ASP A 1 44  ? 2.800   -15.748 -18.710 1.00 41.77  ? 83  ASP A C   1 
ATOM   343  O  O   . ASP A 1 44  ? 2.412   -16.111 -17.605 1.00 40.62  ? 83  ASP A O   1 
ATOM   344  C  CB  . ASP A 1 44  ? 5.152   -16.588 -18.447 1.00 43.64  ? 83  ASP A CB  1 
ATOM   345  C  CG  . ASP A 1 44  ? 5.027   -17.875 -19.248 1.00 48.58  ? 83  ASP A CG  1 
ATOM   346  O  OD1 . ASP A 1 44  ? 3.901   -18.233 -19.636 1.00 45.36  ? 83  ASP A OD1 1 
ATOM   347  O  OD2 . ASP A 1 44  ? 6.061   -18.516 -19.449 1.00 48.01  ? 83  ASP A OD2 1 
ATOM   348  N  N   . PRO A 1 45  ? 1.935   -15.586 -19.726 1.00 40.75  ? 84  PRO A N   1 
ATOM   349  C  CA  . PRO A 1 45  ? 0.499   -15.745 -19.530 1.00 41.21  ? 84  PRO A CA  1 
ATOM   350  C  C   . PRO A 1 45  ? 0.195   -17.106 -18.897 1.00 42.08  ? 84  PRO A C   1 
ATOM   351  O  O   . PRO A 1 45  ? -0.788  -17.223 -18.202 1.00 42.06  ? 84  PRO A O   1 
ATOM   352  C  CB  . PRO A 1 45  ? -0.111  -15.611 -20.940 1.00 42.74  ? 84  PRO A CB  1 
ATOM   353  C  CG  . PRO A 1 45  ? 0.988   -15.085 -21.845 1.00 43.04  ? 84  PRO A CG  1 
ATOM   354  C  CD  . PRO A 1 45  ? 2.298   -15.234 -21.107 1.00 42.94  ? 84  PRO A CD  1 
ATOM   355  N  N   . ASN A 1 46  ? 1.083   -18.081 -19.105 1.00 45.97  ? 85  ASN A N   1 
ATOM   356  C  CA  . ASN A 1 46  ? 0.869   -19.505 -18.741 1.00 43.00  ? 85  ASN A CA  1 
ATOM   357  C  C   . ASN A 1 46  ? 1.499   -19.849 -17.398 1.00 38.77  ? 85  ASN A C   1 
ATOM   358  O  O   . ASN A 1 46  ? 1.199   -20.936 -16.895 1.00 42.23  ? 85  ASN A O   1 
ATOM   359  C  CB  . ASN A 1 46  ? 1.348   -20.405 -19.881 1.00 46.15  ? 85  ASN A CB  1 
ATOM   360  C  CG  . ASN A 1 46  ? 0.278   -20.427 -20.936 1.00 45.80  ? 85  ASN A CG  1 
ATOM   361  O  OD1 . ASN A 1 46  ? -0.845  -20.795 -20.616 1.00 52.94  ? 85  ASN A OD1 1 
ATOM   362  N  ND2 . ASN A 1 46  ? 0.580   -19.931 -22.128 1.00 51.16  ? 85  ASN A ND2 1 
ATOM   363  N  N   . ALA A 1 47  ? 2.359   -18.981 -16.856 1.00 38.18  ? 86  ALA A N   1 
ATOM   364  C  CA  . ALA A 1 47  ? 3.039   -19.204 -15.563 1.00 36.22  ? 86  ALA A CA  1 
ATOM   365  C  C   . ALA A 1 47  ? 2.093   -18.791 -14.440 1.00 33.24  ? 86  ALA A C   1 
ATOM   366  O  O   . ALA A 1 47  ? 1.075   -18.100 -14.691 1.00 34.14  ? 86  ALA A O   1 
ATOM   367  C  CB  . ALA A 1 47  ? 4.359   -18.463 -15.487 1.00 38.07  ? 86  ALA A CB  1 
ATOM   368  N  N   . MET A 1 48  ? 2.392   -19.253 -13.242 1.00 35.02  ? 87  MET A N   1 
ATOM   369  C  CA  . MET A 1 48  ? 1.532   -19.063 -12.050 1.00 35.14  ? 87  MET A CA  1 
ATOM   370  C  C   . MET A 1 48  ? 2.195   -18.002 -11.159 1.00 33.26  ? 87  MET A C   1 
ATOM   371  O  O   . MET A 1 48  ? 3.387   -18.102 -10.971 1.00 31.65  ? 87  MET A O   1 
ATOM   372  C  CB  . MET A 1 48  ? 1.427   -20.384 -11.290 1.00 43.17  ? 87  MET A CB  1 
ATOM   373  C  CG  . MET A 1 48  ? 0.917   -21.533 -12.174 1.00 55.01  ? 87  MET A CG  1 
ATOM   374  S  SD  . MET A 1 48  ? -0.696  -22.096 -11.637 1.00 56.62  ? 87  MET A SD  1 
ATOM   375  C  CE  . MET A 1 48  ? -1.330  -20.493 -11.142 1.00 39.44  ? 87  MET A CE  1 
ATOM   376  N  N   . TYR A 1 49  ? 1.443   -17.011 -10.677 1.00 29.77  ? 88  TYR A N   1 
ATOM   377  C  CA  . TYR A 1 49  ? 1.986   -15.963 -9.773  1.00 29.45  ? 88  TYR A CA  1 
ATOM   378  C  C   . TYR A 1 49  ? 1.054   -15.720 -8.575  1.00 29.89  ? 88  TYR A C   1 
ATOM   379  O  O   . TYR A 1 49  ? -0.169  -15.910 -8.687  1.00 30.69  ? 88  TYR A O   1 
ATOM   380  C  CB  . TYR A 1 49  ? 2.173   -14.677 -10.568 1.00 28.96  ? 88  TYR A CB  1 
ATOM   381  C  CG  . TYR A 1 49  ? 3.034   -14.774 -11.802 1.00 34.57  ? 88  TYR A CG  1 
ATOM   382  C  CD1 . TYR A 1 49  ? 4.396   -14.478 -11.775 1.00 35.83  ? 88  TYR A CD1 1 
ATOM   383  C  CD2 . TYR A 1 49  ? 2.479   -15.126 -13.021 1.00 36.63  ? 88  TYR A CD2 1 
ATOM   384  C  CE1 . TYR A 1 49  ? 5.176   -14.565 -12.922 1.00 39.04  ? 88  TYR A CE1 1 
ATOM   385  C  CE2 . TYR A 1 49  ? 3.247   -15.222 -14.175 1.00 38.79  ? 88  TYR A CE2 1 
ATOM   386  C  CZ  . TYR A 1 49  ? 4.606   -14.954 -14.127 1.00 39.34  ? 88  TYR A CZ  1 
ATOM   387  O  OH  . TYR A 1 49  ? 5.332   -15.034 -15.283 1.00 37.96  ? 88  TYR A OH  1 
ATOM   388  N  N   . SER A 1 50  ? 1.622   -15.264 -7.457  1.00 29.55  ? 89  SER A N   1 
ATOM   389  C  CA  . SER A 1 50  ? 0.899   -14.622 -6.339  1.00 26.82  ? 89  SER A CA  1 
ATOM   390  C  C   . SER A 1 50  ? 1.335   -13.154 -6.236  1.00 29.49  ? 89  SER A C   1 
ATOM   391  O  O   . SER A 1 50  ? 2.524   -12.861 -6.573  1.00 26.57  ? 89  SER A O   1 
ATOM   392  C  CB  . SER A 1 50  ? 1.076   -15.390 -5.109  1.00 32.31  ? 89  SER A CB  1 
ATOM   393  O  OG  . SER A 1 50  ? 0.588   -16.695 -5.329  1.00 33.68  ? 89  SER A OG  1 
ATOM   394  N  N   . PHE A 1 51  ? 0.381   -12.255 -5.974  1.00 26.68  ? 90  PHE A N   1 
ATOM   395  C  CA  . PHE A 1 51  ? 0.645   -10.812 -5.808  1.00 26.24  ? 90  PHE A CA  1 
ATOM   396  C  C   . PHE A 1 51  ? 0.531   -10.511 -4.329  1.00 31.29  ? 90  PHE A C   1 
ATOM   397  O  O   . PHE A 1 51  ? -0.560  -10.757 -3.693  1.00 28.40  ? 90  PHE A O   1 
ATOM   398  C  CB  . PHE A 1 51  ? -0.293  -9.946  -6.621  1.00 27.79  ? 90  PHE A CB  1 
ATOM   399  C  CG  . PHE A 1 51  ? 0.163   -9.727  -8.031  1.00 27.03  ? 90  PHE A CG  1 
ATOM   400  C  CD1 . PHE A 1 51  ? 0.396   -8.448  -8.496  1.00 31.72  ? 90  PHE A CD1 1 
ATOM   401  C  CD2 . PHE A 1 51  ? 0.357   -10.787 -8.894  1.00 28.23  ? 90  PHE A CD2 1 
ATOM   402  C  CE1 . PHE A 1 51  ? 0.738   -8.230  -9.816  1.00 31.68  ? 90  PHE A CE1 1 
ATOM   403  C  CE2 . PHE A 1 51  ? 0.724   -10.568 -10.208 1.00 29.72  ? 90  PHE A CE2 1 
ATOM   404  C  CZ  . PHE A 1 51  ? 0.913   -9.294  -10.669 1.00 30.13  ? 90  PHE A CZ  1 
ATOM   405  N  N   . LEU A 1 52  ? 1.627   -10.003 -3.755  0.70 29.54  ? 91  LEU A N   1 
ATOM   406  C  CA  . LEU A 1 52  ? 1.743   -9.695  -2.308  0.70 27.74  ? 91  LEU A CA  1 
ATOM   407  C  C   . LEU A 1 52  ? 1.905   -8.186  -2.141  0.70 27.50  ? 91  LEU A C   1 
ATOM   408  O  O   . LEU A 1 52  ? 2.544   -7.560  -3.013  0.70 23.61  ? 91  LEU A O   1 
ATOM   409  C  CB  . LEU A 1 52  ? 2.949   -10.426 -1.724  0.70 30.62  ? 91  LEU A CB  1 
ATOM   410  C  CG  . LEU A 1 52  ? 2.748   -11.887 -1.336  0.70 33.48  ? 91  LEU A CG  1 
ATOM   411  C  CD1 . LEU A 1 52  ? 2.172   -12.696 -2.481  0.70 35.80  ? 91  LEU A CD1 1 
ATOM   412  C  CD2 . LEU A 1 52  ? 4.068   -12.483 -0.870  0.70 33.32  ? 91  LEU A CD2 1 
ATOM   413  N  N   . LEU A 1 53  ? 1.374   -7.645  -1.040  1.00 26.37  ? 92  LEU A N   1 
ATOM   414  C  CA  . LEU A 1 53  ? 1.455   -6.206  -0.738  1.00 26.47  ? 92  LEU A CA  1 
ATOM   415  C  C   . LEU A 1 53  ? 2.031   -6.075  0.664   1.00 25.35  ? 92  LEU A C   1 
ATOM   416  O  O   . LEU A 1 53  ? 1.602   -6.769  1.585   1.00 25.83  ? 92  LEU A O   1 
ATOM   417  C  CB  . LEU A 1 53  ? 0.054   -5.602  -0.843  1.00 26.60  ? 92  LEU A CB  1 
ATOM   418  C  CG  . LEU A 1 53  ? -0.070  -4.184  -0.301  1.00 24.91  ? 92  LEU A CG  1 
ATOM   419  C  CD1 . LEU A 1 53  ? 0.686   -3.205  -1.166  1.00 28.08  ? 92  LEU A CD1 1 
ATOM   420  C  CD2 . LEU A 1 53  ? -1.534  -3.787  -0.189  1.00 28.22  ? 92  LEU A CD2 1 
ATOM   421  N  N   . ASP A 1 54  ? 2.994   -5.172  0.831   1.00 25.86  ? 93  ASP A N   1 
ATOM   422  C  CA  . ASP A 1 54  ? 3.405   -4.807  2.202   1.00 23.10  ? 93  ASP A CA  1 
ATOM   423  C  C   . ASP A 1 54  ? 3.637   -3.307  2.235   1.00 21.92  ? 93  ASP A C   1 
ATOM   424  O  O   . ASP A 1 54  ? 3.502   -2.641  1.209   1.00 23.61  ? 93  ASP A O   1 
ATOM   425  C  CB  . ASP A 1 54  ? 4.590   -5.621  2.723   1.00 25.63  ? 93  ASP A CB  1 
ATOM   426  C  CG  . ASP A 1 54  ? 5.829   -5.549  1.857   1.00 24.73  ? 93  ASP A CG  1 
ATOM   427  O  OD1 . ASP A 1 54  ? 5.942   -4.597  1.025   1.00 26.35  ? 93  ASP A OD1 1 
ATOM   428  O  OD2 . ASP A 1 54  ? 6.727   -6.415  2.076   1.00 27.54  ? 93  ASP A OD2 1 
ATOM   429  N  N   . PHE A 1 55  ? 3.948   -2.815  3.414   1.00 24.03  ? 94  PHE A N   1 
ATOM   430  C  CA  . PHE A 1 55  ? 4.091   -1.369  3.677   1.00 23.94  ? 94  PHE A CA  1 
ATOM   431  C  C   . PHE A 1 55  ? 5.450   -1.163  4.327   1.00 23.83  ? 94  PHE A C   1 
ATOM   432  O  O   . PHE A 1 55  ? 5.621   -1.555  5.464   1.00 23.65  ? 94  PHE A O   1 
ATOM   433  C  CB  . PHE A 1 55  ? 2.948   -0.902  4.572   1.00 22.77  ? 94  PHE A CB  1 
ATOM   434  C  CG  . PHE A 1 55  ? 1.608   -1.110  3.923   1.00 22.79  ? 94  PHE A CG  1 
ATOM   435  C  CD1 . PHE A 1 55  ? 1.085   -0.116  3.112   1.00 23.33  ? 94  PHE A CD1 1 
ATOM   436  C  CD2 . PHE A 1 55  ? 0.965   -2.333  3.974   1.00 25.11  ? 94  PHE A CD2 1 
ATOM   437  C  CE1 . PHE A 1 55  ? -0.143  -0.275  2.506   1.00 25.88  ? 94  PHE A CE1 1 
ATOM   438  C  CE2 . PHE A 1 55  ? -0.258  -2.501  3.337   1.00 26.16  ? 94  PHE A CE2 1 
ATOM   439  C  CZ  . PHE A 1 55  ? -0.786  -1.486  2.565   1.00 24.92  ? 94  PHE A CZ  1 
ATOM   440  N  N   . VAL A 1 56  ? 6.359   -0.517  3.615   1.00 24.92  ? 95  VAL A N   1 
ATOM   441  C  CA  . VAL A 1 56  ? 7.710   -0.264  4.197   1.00 25.56  ? 95  VAL A CA  1 
ATOM   442  C  C   . VAL A 1 56  ? 7.589   0.974   5.076   1.00 22.28  ? 95  VAL A C   1 
ATOM   443  O  O   . VAL A 1 56  ? 7.135   1.984   4.525   1.00 23.34  ? 95  VAL A O   1 
ATOM   444  C  CB  . VAL A 1 56  ? 8.712   -0.028  3.059   1.00 24.34  ? 95  VAL A CB  1 
ATOM   445  C  CG1 . VAL A 1 56  ? 10.086  0.303   3.643   1.00 26.30  ? 95  VAL A CG1 1 
ATOM   446  C  CG2 . VAL A 1 56  ? 8.773   -1.213  2.117   1.00 28.28  ? 95  VAL A CG2 1 
ATOM   447  N  N   . ALA A 1 57  ? 8.196   0.969   6.254   1.00 24.29  ? 96  ALA A N   1 
ATOM   448  C  CA  . ALA A 1 57  ? 8.344   2.164   7.112   1.00 26.76  ? 96  ALA A CA  1 
ATOM   449  C  C   . ALA A 1 57  ? 9.344   3.075   6.425   1.00 27.16  ? 96  ALA A C   1 
ATOM   450  O  O   . ALA A 1 57  ? 10.495  2.652   6.288   1.00 24.36  ? 96  ALA A O   1 
ATOM   451  C  CB  . ALA A 1 57  ? 8.787   1.762   8.500   1.00 29.33  ? 96  ALA A CB  1 
ATOM   452  N  N   . ALA A 1 58  ? 8.877   4.212   5.918   1.00 25.83  ? 97  ALA A N   1 
ATOM   453  C  CA  . ALA A 1 58  ? 9.618   5.125   5.022   1.00 23.95  ? 97  ALA A CA  1 
ATOM   454  C  C   . ALA A 1 58  ? 10.730  5.828   5.820   1.00 26.46  ? 97  ALA A C   1 
ATOM   455  O  O   . ALA A 1 58  ? 11.768  6.207   5.234   1.00 27.40  ? 97  ALA A O   1 
ATOM   456  C  CB  . ALA A 1 58  ? 8.695   6.100   4.391   1.00 25.82  ? 97  ALA A CB  1 
ATOM   457  N  N   . ASP A 1 59  ? 10.549  5.907   7.119   1.00 25.26  ? 98  ASP A N   1 
ATOM   458  C  CA  . ASP A 1 59  ? 11.557  6.458   8.068   1.00 26.83  ? 98  ASP A CA  1 
ATOM   459  C  C   . ASP A 1 59  ? 11.233  5.883   9.435   1.00 32.07  ? 98  ASP A C   1 
ATOM   460  O  O   . ASP A 1 59  ? 10.240  5.191   9.585   1.00 30.47  ? 98  ASP A O   1 
ATOM   461  C  CB  . ASP A 1 59  ? 11.587  7.977   7.981   1.00 27.05  ? 98  ASP A CB  1 
ATOM   462  C  CG  . ASP A 1 59  ? 10.243  8.609   8.346   1.00 29.09  ? 98  ASP A CG  1 
ATOM   463  O  OD1 . ASP A 1 59  ? 9.868   8.455   9.508   1.00 31.66  ? 98  ASP A OD1 1 
ATOM   464  O  OD2 . ASP A 1 59  ? 9.621   9.249   7.466   1.00 32.85  ? 98  ASP A OD2 1 
ATOM   465  N  N   . ASN A 1 60  ? 12.061  6.196   10.430  0.50 31.12  ? 99  ASN A N   1 
ATOM   466  C  CA  . ASN A 1 60  ? 11.958  5.619   11.792  0.50 32.15  ? 99  ASN A CA  1 
ATOM   467  C  C   . ASN A 1 60  ? 11.208  6.575   12.734  0.50 32.86  ? 99  ASN A C   1 
ATOM   468  O  O   . ASN A 1 60  ? 11.133  6.257   13.932  0.50 35.19  ? 99  ASN A O   1 
ATOM   469  C  CB  . ASN A 1 60  ? 13.345  5.282   12.336  0.50 34.02  ? 99  ASN A CB  1 
ATOM   470  C  CG  . ASN A 1 60  ? 13.914  4.005   11.757  0.50 34.96  ? 99  ASN A CG  1 
ATOM   471  O  OD1 . ASN A 1 60  ? 15.000  3.574   12.145  0.50 37.28  ? 99  ASN A OD1 1 
ATOM   472  N  ND2 . ASN A 1 60  ? 13.187  3.387   10.845  0.50 32.68  ? 99  ASN A ND2 1 
ATOM   473  N  N   . HIS A 1 61  ? 10.645  7.678   12.222  0.50 32.30  ? 100 HIS A N   1 
ATOM   474  C  CA  . HIS A 1 61  ? 10.114  8.799   13.044  0.50 33.38  ? 100 HIS A CA  1 
ATOM   475  C  C   . HIS A 1 61  ? 8.597   8.704   13.258  0.50 35.74  ? 100 HIS A C   1 
ATOM   476  O  O   . HIS A 1 61  ? 7.877   8.223   12.350  0.50 33.61  ? 100 HIS A O   1 
ATOM   477  C  CB  . HIS A 1 61  ? 10.469  10.141  12.406  0.50 33.14  ? 100 HIS A CB  1 
ATOM   478  C  CG  . HIS A 1 61  ? 11.935  10.392  12.314  0.50 33.46  ? 100 HIS A CG  1 
ATOM   479  N  ND1 . HIS A 1 61  ? 12.541  11.471  12.942  0.50 32.55  ? 100 HIS A ND1 1 
ATOM   480  C  CD2 . HIS A 1 61  ? 12.917  9.713   11.680  0.50 32.74  ? 100 HIS A CD2 1 
ATOM   481  C  CE1 . HIS A 1 61  ? 13.834  11.449  12.687  0.50 32.40  ? 100 HIS A CE1 1 
ATOM   482  N  NE2 . HIS A 1 61  ? 14.092  10.376  11.918  0.50 31.91  ? 100 HIS A NE2 1 
ATOM   483  N  N   . ARG A 1 62  ? 8.151   9.170   14.428  0.50 37.64  ? 101 ARG A N   1 
ATOM   484  C  CA  . ARG A 1 62  ? 6.733   9.458   14.764  0.50 37.20  ? 101 ARG A CA  1 
ATOM   485  C  C   . ARG A 1 62  ? 6.405   10.863  14.246  0.50 35.85  ? 101 ARG A C   1 
ATOM   486  O  O   . ARG A 1 62  ? 7.165   11.813  14.563  0.50 35.89  ? 101 ARG A O   1 
ATOM   487  C  CB  . ARG A 1 62  ? 6.527   9.321   16.276  0.50 42.53  ? 101 ARG A CB  1 
ATOM   488  C  CG  . ARG A 1 62  ? 5.216   9.903   16.791  0.50 45.51  ? 101 ARG A CG  1 
ATOM   489  C  CD  . ARG A 1 62  ? 4.625   9.127   17.955  0.50 47.18  ? 101 ARG A CD  1 
ATOM   490  N  NE  . ARG A 1 62  ? 3.697   8.102   17.496  0.50 51.51  ? 101 ARG A NE  1 
ATOM   491  C  CZ  . ARG A 1 62  ? 2.619   7.707   18.164  0.50 52.85  ? 101 ARG A CZ  1 
ATOM   492  N  NH1 . ARG A 1 62  ? 2.331   8.265   19.328  0.50 55.10  ? 101 ARG A NH1 1 
ATOM   493  N  NH2 . ARG A 1 62  ? 1.833   6.769   17.665  0.50 51.96  ? 101 ARG A NH2 1 
ATOM   494  N  N   . TRP A 1 63  ? 5.338   10.986  13.452  1.00 31.93  ? 102 TRP A N   1 
ATOM   495  C  CA  . TRP A 1 63  ? 4.955   12.261  12.799  1.00 31.19  ? 102 TRP A CA  1 
ATOM   496  C  C   . TRP A 1 63  ? 3.777   12.877  13.577  1.00 35.44  ? 102 TRP A C   1 
ATOM   497  O  O   . TRP A 1 63  ? 2.986   12.123  14.139  1.00 34.97  ? 102 TRP A O   1 
ATOM   498  C  CB  . TRP A 1 63  ? 4.633   12.008  11.320  1.00 29.40  ? 102 TRP A CB  1 
ATOM   499  C  CG  . TRP A 1 63  ? 5.836   11.642  10.493  1.00 27.99  ? 102 TRP A CG  1 
ATOM   500  C  CD1 . TRP A 1 63  ? 6.474   10.428  10.440  1.00 29.17  ? 102 TRP A CD1 1 
ATOM   501  C  CD2 . TRP A 1 63  ? 6.506   12.488  9.557   1.00 27.23  ? 102 TRP A CD2 1 
ATOM   502  N  NE1 . TRP A 1 63  ? 7.513   10.485  9.547   1.00 27.59  ? 102 TRP A NE1 1 
ATOM   503  C  CE2 . TRP A 1 63  ? 7.578   11.745  9.015   1.00 26.13  ? 102 TRP A CE2 1 
ATOM   504  C  CE3 . TRP A 1 63  ? 6.348   13.822  9.172   1.00 27.43  ? 102 TRP A CE3 1 
ATOM   505  C  CZ2 . TRP A 1 63  ? 8.411   12.276  8.038   1.00 27.93  ? 102 TRP A CZ2 1 
ATOM   506  C  CZ3 . TRP A 1 63  ? 7.189   14.359  8.227   1.00 30.29  ? 102 TRP A CZ3 1 
ATOM   507  C  CH2 . TRP A 1 63  ? 8.202   13.579  7.654   1.00 30.66  ? 102 TRP A CH2 1 
ATOM   508  N  N   . LYS A 1 64  ? 3.703   14.201  13.595  1.00 39.32  ? 103 LYS A N   1 
ATOM   509  C  CA  . LYS A 1 64  ? 2.643   14.980  14.284  1.00 41.58  ? 103 LYS A CA  1 
ATOM   510  C  C   . LYS A 1 64  ? 2.267   16.162  13.396  1.00 35.71  ? 103 LYS A C   1 
ATOM   511  O  O   . LYS A 1 64  ? 3.136   16.807  12.760  1.00 34.30  ? 103 LYS A O   1 
ATOM   512  C  CB  . LYS A 1 64  ? 3.104   15.441  15.671  1.00 52.25  ? 103 LYS A CB  1 
ATOM   513  C  CG  . LYS A 1 64  ? 4.608   15.640  15.799  1.00 69.26  ? 103 LYS A CG  1 
ATOM   514  C  CD  . LYS A 1 64  ? 5.081   16.229  17.115  1.00 76.60  ? 103 LYS A CD  1 
ATOM   515  C  CE  . LYS A 1 64  ? 6.573   16.500  17.113  1.00 78.19  ? 103 LYS A CE  1 
ATOM   516  N  NZ  . LYS A 1 64  ? 6.901   17.750  17.839  1.00 78.84  ? 103 LYS A NZ  1 
ATOM   517  N  N   . TYR A 1 65  ? 0.979   16.458  13.366  1.00 36.22  ? 104 TYR A N   1 
ATOM   518  C  CA  . TYR A 1 65  ? 0.427   17.538  12.539  1.00 36.56  ? 104 TYR A CA  1 
ATOM   519  C  C   . TYR A 1 65  ? 0.454   18.751  13.466  1.00 38.19  ? 104 TYR A C   1 
ATOM   520  O  O   . TYR A 1 65  ? -0.307  18.744  14.387  1.00 37.07  ? 104 TYR A O   1 
ATOM   521  C  CB  . TYR A 1 65  ? -0.949  17.140  12.003  1.00 33.64  ? 104 TYR A CB  1 
ATOM   522  C  CG  . TYR A 1 65  ? -1.465  18.024  10.902  1.00 35.76  ? 104 TYR A CG  1 
ATOM   523  C  CD1 . TYR A 1 65  ? -0.899  18.023  9.646   1.00 39.55  ? 104 TYR A CD1 1 
ATOM   524  C  CD2 . TYR A 1 65  ? -2.569  18.840  11.100  1.00 39.10  ? 104 TYR A CD2 1 
ATOM   525  C  CE1 . TYR A 1 65  ? -1.388  18.821  8.622   1.00 40.64  ? 104 TYR A CE1 1 
ATOM   526  C  CE2 . TYR A 1 65  ? -3.070  19.640  10.083  1.00 35.51  ? 104 TYR A CE2 1 
ATOM   527  C  CZ  . TYR A 1 65  ? -2.498  19.618  8.839   1.00 39.27  ? 104 TYR A CZ  1 
ATOM   528  O  OH  . TYR A 1 65  ? -2.979  20.403  7.839   1.00 37.73  ? 104 TYR A OH  1 
ATOM   529  N  N   . VAL A 1 66  ? 1.418   19.640  13.262  1.00 41.39  ? 105 VAL A N   1 
ATOM   530  C  CA  . VAL A 1 66  ? 1.690   20.805  14.151  1.00 46.91  ? 105 VAL A CA  1 
ATOM   531  C  C   . VAL A 1 66  ? 1.361   22.057  13.359  1.00 45.23  ? 105 VAL A C   1 
ATOM   532  O  O   . VAL A 1 66  ? 2.033   22.351  12.325  1.00 38.49  ? 105 VAL A O   1 
ATOM   533  C  CB  . VAL A 1 66  ? 3.136   20.798  14.687  1.00 44.79  ? 105 VAL A CB  1 
ATOM   534  C  CG1 . VAL A 1 66  ? 3.507   22.111  15.366  1.00 48.46  ? 105 VAL A CG1 1 
ATOM   535  C  CG2 . VAL A 1 66  ? 3.343   19.644  15.646  1.00 43.29  ? 105 VAL A CG2 1 
ATOM   536  N  N   . ASN A 1 67  ? 0.328   22.760  13.810  1.00 56.09  ? 106 ASN A N   1 
ATOM   537  C  CA  . ASN A 1 67  ? -0.045  24.068  13.227  1.00 56.50  ? 106 ASN A CA  1 
ATOM   538  C  C   . ASN A 1 67  ? -0.045  23.926  11.714  1.00 49.04  ? 106 ASN A C   1 
ATOM   539  O  O   . ASN A 1 67  ? 0.725   24.624  11.070  1.00 47.57  ? 106 ASN A O   1 
ATOM   540  C  CB  . ASN A 1 67  ? 0.900   25.169  13.714  1.00 66.91  ? 106 ASN A CB  1 
ATOM   541  C  CG  . ASN A 1 67  ? 0.580   25.551  15.142  1.00 66.35  ? 106 ASN A CG  1 
ATOM   542  O  OD1 . ASN A 1 67  ? -0.503  26.071  15.404  1.00 71.42  ? 106 ASN A OD1 1 
ATOM   543  N  ND2 . ASN A 1 67  ? 1.481   25.249  16.063  1.00 59.77  ? 106 ASN A ND2 1 
ATOM   544  N  N   . GLY A 1 68  ? -0.869  23.006  11.198  1.00 53.38  ? 107 GLY A N   1 
ATOM   545  C  CA  . GLY A 1 68  ? -1.171  22.885  9.761   1.00 46.67  ? 107 GLY A CA  1 
ATOM   546  C  C   . GLY A 1 68  ? -0.084  22.164  8.987   1.00 46.77  ? 107 GLY A C   1 
ATOM   547  O  O   . GLY A 1 68  ? -0.104  22.259  7.762   1.00 43.81  ? 107 GLY A O   1 
ATOM   548  N  N   . GLU A 1 69  ? 0.872   21.508  9.649   1.00 47.68  ? 108 GLU A N   1 
ATOM   549  C  CA  . GLU A 1 69  ? 2.018   20.906  8.907   1.00 48.79  ? 108 GLU A CA  1 
ATOM   550  C  C   . GLU A 1 69  ? 2.479   19.634  9.622   1.00 39.54  ? 108 GLU A C   1 
ATOM   551  O  O   . GLU A 1 69  ? 2.554   19.632  10.855  1.00 37.74  ? 108 GLU A O   1 
ATOM   552  C  CB  . GLU A 1 69  ? 3.120   21.944  8.635   1.00 57.05  ? 108 GLU A CB  1 
ATOM   553  C  CG  . GLU A 1 69  ? 4.237   22.063  9.684   1.00 72.96  ? 108 GLU A CG  1 
ATOM   554  C  CD  . GLU A 1 69  ? 5.628   22.488  9.185   1.00 78.97  ? 108 GLU A CD  1 
ATOM   555  O  OE1 . GLU A 1 69  ? 5.847   22.526  7.950   1.00 76.79  ? 108 GLU A OE1 1 
ATOM   556  O  OE2 . GLU A 1 69  ? 6.516   22.764  10.039  1.00 83.39  ? 108 GLU A OE2 1 
ATOM   557  N  N   . TRP A 1 70  ? 2.755   18.566  8.857   1.00 39.65  ? 109 TRP A N   1 
ATOM   558  C  CA  . TRP A 1 70  ? 3.313   17.306  9.409   1.00 32.11  ? 109 TRP A CA  1 
ATOM   559  C  C   . TRP A 1 70  ? 4.799   17.515  9.704   1.00 36.06  ? 109 TRP A C   1 
ATOM   560  O  O   . TRP A 1 70  ? 5.512   17.922  8.794   1.00 37.83  ? 109 TRP A O   1 
ATOM   561  C  CB  . TRP A 1 70  ? 3.149   16.131  8.440   1.00 34.94  ? 109 TRP A CB  1 
ATOM   562  C  CG  . TRP A 1 70  ? 1.758   15.596  8.397   1.00 30.91  ? 109 TRP A CG  1 
ATOM   563  C  CD1 . TRP A 1 70  ? 0.825   15.814  7.423   1.00 30.61  ? 109 TRP A CD1 1 
ATOM   564  C  CD2 . TRP A 1 70  ? 1.123   14.796  9.400   1.00 29.54  ? 109 TRP A CD2 1 
ATOM   565  N  NE1 . TRP A 1 70  ? -0.340  15.197  7.748   1.00 32.59  ? 109 TRP A NE1 1 
ATOM   566  C  CE2 . TRP A 1 70  ? -0.189  14.546  8.937   1.00 30.81  ? 109 TRP A CE2 1 
ATOM   567  C  CE3 . TRP A 1 70  ? 1.545   14.186  10.580  1.00 27.70  ? 109 TRP A CE3 1 
ATOM   568  C  CZ2 . TRP A 1 70  ? -1.073  13.753  9.646   1.00 32.03  ? 109 TRP A CZ2 1 
ATOM   569  C  CZ3 . TRP A 1 70  ? 0.668   13.407  11.286  1.00 32.56  ? 109 TRP A CZ3 1 
ATOM   570  C  CH2 . TRP A 1 70  ? -0.635  13.187  10.819  1.00 34.04  ? 109 TRP A CH2 1 
ATOM   571  N  N   . VAL A 1 71  ? 5.248   17.141  10.895  1.00 34.24  ? 110 VAL A N   1 
ATOM   572  C  CA  . VAL A 1 71  ? 6.672   17.318  11.307  1.00 37.70  ? 110 VAL A CA  1 
ATOM   573  C  C   . VAL A 1 71  ? 7.105   16.052  12.012  1.00 33.74  ? 110 VAL A C   1 
ATOM   574  O  O   . VAL A 1 71  ? 6.388   15.517  12.866  1.00 36.11  ? 110 VAL A O   1 
ATOM   575  C  CB  . VAL A 1 71  ? 6.906   18.579  12.159  1.00 38.78  ? 110 VAL A CB  1 
ATOM   576  C  CG1 . VAL A 1 71  ? 6.674   19.825  11.336  1.00 43.68  ? 110 VAL A CG1 1 
ATOM   577  C  CG2 . VAL A 1 71  ? 6.066   18.599  13.399  1.00 40.97  ? 110 VAL A CG2 1 
ATOM   578  N  N   . PRO A 1 72  ? 8.281   15.495  11.648  0.50 33.77  ? 111 PRO A N   1 
ATOM   579  C  CA  . PRO A 1 72  ? 8.792   14.302  12.312  0.50 34.47  ? 111 PRO A CA  1 
ATOM   580  C  C   . PRO A 1 72  ? 9.401   14.670  13.668  0.50 36.05  ? 111 PRO A C   1 
ATOM   581  O  O   . PRO A 1 72  ? 9.864   15.785  13.799  0.50 37.18  ? 111 PRO A O   1 
ATOM   582  C  CB  . PRO A 1 72  ? 9.867   13.795  11.345  0.50 33.64  ? 111 PRO A CB  1 
ATOM   583  C  CG  . PRO A 1 72  ? 10.375  15.046  10.667  0.50 33.32  ? 111 PRO A CG  1 
ATOM   584  C  CD  . PRO A 1 72  ? 9.193   15.994  10.607  0.50 34.60  ? 111 PRO A CD  1 
ATOM   585  N  N   . GLY A 1 73  ? 9.402   13.723  14.605  0.50 38.10  ? 112 GLY A N   1 
ATOM   586  C  CA  . GLY A 1 73  ? 10.003  13.885  15.941  0.50 39.67  ? 112 GLY A CA  1 
ATOM   587  C  C   . GLY A 1 73  ? 11.502  13.649  15.909  0.50 42.20  ? 112 GLY A C   1 
ATOM   588  O  O   . GLY A 1 73  ? 12.033  13.300  14.829  0.50 41.09  ? 112 GLY A O   1 
ATOM   589  N  N   . GLY A 1 74  ? 12.169  13.842  17.049  0.50 43.80  ? 113 GLY A N   1 
ATOM   590  C  CA  . GLY A 1 74  ? 13.623  13.650  17.193  0.50 44.63  ? 113 GLY A CA  1 
ATOM   591  C  C   . GLY A 1 74  ? 13.922  12.464  18.086  0.50 46.31  ? 113 GLY A C   1 
ATOM   592  O  O   . GLY A 1 74  ? 14.944  12.507  18.796  0.50 48.05  ? 113 GLY A O   1 
ATOM   593  N  N   . LYS A 1 75  ? 13.039  11.458  18.070  0.50 47.99  ? 114 LYS A N   1 
ATOM   594  C  CA  . LYS A 1 75  ? 13.154  10.216  18.878  0.50 49.25  ? 114 LYS A CA  1 
ATOM   595  C  C   . LYS A 1 75  ? 12.842  9.008   17.998  0.50 49.78  ? 114 LYS A C   1 
ATOM   596  O  O   . LYS A 1 75  ? 11.992  8.190   18.335  0.50 46.83  ? 114 LYS A O   1 
ATOM   597  C  CB  . LYS A 1 75  ? 12.209  10.268  20.081  0.50 51.74  ? 114 LYS A CB  1 
ATOM   598  C  CG  . LYS A 1 75  ? 12.787  10.916  21.332  0.50 53.08  ? 114 LYS A CG  1 
ATOM   599  C  CD  . LYS A 1 75  ? 12.683  10.032  22.553  0.50 55.05  ? 114 LYS A CD  1 
ATOM   600  C  CE  . LYS A 1 75  ? 13.604  8.830   22.477  0.50 57.23  ? 114 LYS A CE  1 
ATOM   601  N  NZ  . LYS A 1 75  ? 13.587  8.042   23.733  0.50 56.98  ? 114 LYS A NZ  1 
ATOM   602  N  N   . PRO A 1 76  ? 13.536  8.849   16.851  0.50 50.79  ? 115 PRO A N   1 
ATOM   603  C  CA  . PRO A 1 76  ? 13.257  7.742   15.941  0.50 52.46  ? 115 PRO A CA  1 
ATOM   604  C  C   . PRO A 1 76  ? 13.700  6.407   16.555  0.50 56.41  ? 115 PRO A C   1 
ATOM   605  O  O   . PRO A 1 76  ? 14.485  6.416   17.492  0.50 57.16  ? 115 PRO A O   1 
ATOM   606  C  CB  . PRO A 1 76  ? 14.060  8.084   14.676  0.50 52.50  ? 115 PRO A CB  1 
ATOM   607  C  CG  . PRO A 1 76  ? 15.174  8.997   15.158  0.50 52.03  ? 115 PRO A CG  1 
ATOM   608  C  CD  . PRO A 1 76  ? 14.637  9.705   16.388  0.50 51.30  ? 115 PRO A CD  1 
ATOM   609  N  N   . GLU A 1 77  ? 13.170  5.301   16.026  0.50 57.22  ? 116 GLU A N   1 
ATOM   610  C  CA  . GLU A 1 77  ? 13.495  3.927   16.483  0.50 59.07  ? 116 GLU A CA  1 
ATOM   611  C  C   . GLU A 1 77  ? 13.331  2.955   15.323  0.50 61.25  ? 116 GLU A C   1 
ATOM   612  O  O   . GLU A 1 77  ? 12.488  3.146   14.448  0.50 63.91  ? 116 GLU A O   1 
ATOM   613  C  CB  . GLU A 1 77  ? 12.611  3.542   17.668  0.50 59.99  ? 116 GLU A CB  1 
ATOM   614  C  CG  . GLU A 1 77  ? 13.192  3.987   18.997  0.50 61.99  ? 116 GLU A CG  1 
ATOM   615  C  CD  . GLU A 1 77  ? 12.227  3.953   20.167  0.50 61.82  ? 116 GLU A CD  1 
ATOM   616  O  OE1 . GLU A 1 77  ? 11.486  2.960   20.295  0.50 61.63  ? 116 GLU A OE1 1 
ATOM   617  O  OE2 . GLU A 1 77  ? 12.220  4.928   20.942  0.50 61.52  ? 116 GLU A OE2 1 
ATOM   618  N  N   . PRO A 1 78  ? 14.153  1.886   15.287  0.50 63.88  ? 117 PRO A N   1 
ATOM   619  C  CA  . PRO A 1 78  ? 14.011  0.838   14.279  0.50 65.78  ? 117 PRO A CA  1 
ATOM   620  C  C   . PRO A 1 78  ? 12.575  0.288   14.293  0.50 65.86  ? 117 PRO A C   1 
ATOM   621  O  O   . PRO A 1 78  ? 11.995  0.172   15.358  0.50 64.01  ? 117 PRO A O   1 
ATOM   622  C  CB  . PRO A 1 78  ? 15.048  -0.218  14.694  0.50 65.95  ? 117 PRO A CB  1 
ATOM   623  C  CG  . PRO A 1 78  ? 16.053  0.542   15.544  0.50 66.70  ? 117 PRO A CG  1 
ATOM   624  C  CD  . PRO A 1 78  ? 15.257  1.637   16.224  0.50 65.71  ? 117 PRO A CD  1 
ATOM   625  N  N   . GLN A 1 79  ? 11.999  0.158   13.097  0.50 65.28  ? 118 GLN A N   1 
ATOM   626  C  CA  . GLN A 1 79  ? 10.567  -0.195  12.947  0.50 69.30  ? 118 GLN A CA  1 
ATOM   627  C  C   . GLN A 1 79  ? 10.399  -1.657  12.555  0.50 70.71  ? 118 GLN A C   1 
ATOM   628  O  O   . GLN A 1 79  ? 11.067  -2.091  11.613  0.50 74.57  ? 118 GLN A O   1 
ATOM   629  C  CB  . GLN A 1 79  ? 9.928   0.673   11.862  0.50 68.28  ? 118 GLN A CB  1 
ATOM   630  C  CG  . GLN A 1 79  ? 9.981   2.162   12.156  0.50 69.48  ? 118 GLN A CG  1 
ATOM   631  C  CD  . GLN A 1 79  ? 9.078   2.531   13.304  0.50 69.29  ? 118 GLN A CD  1 
ATOM   632  O  OE1 . GLN A 1 79  ? 7.973   2.020   13.439  0.50 70.57  ? 118 GLN A OE1 1 
ATOM   633  N  NE2 . GLN A 1 79  ? 9.551   3.426   14.150  0.50 69.79  ? 118 GLN A NE2 1 
ATOM   634  N  N   . ALA A 1 80  ? 9.531   -2.367  13.276  0.50 74.27  ? 119 ALA A N   1 
ATOM   635  C  CA  . ALA A 1 80  ? 9.259   -3.777  12.932  0.50 73.76  ? 119 ALA A CA  1 
ATOM   636  C  C   . ALA A 1 80  ? 8.638   -3.769  11.536  0.50 72.00  ? 119 ALA A C   1 
ATOM   637  O  O   . ALA A 1 80  ? 7.731   -2.960  11.312  0.50 66.37  ? 119 ALA A O   1 
ATOM   638  C  CB  . ALA A 1 80  ? 8.323   -4.378  13.947  0.50 74.53  ? 119 ALA A CB  1 
ATOM   639  N  N   . PRO A 1 81  ? 9.052   -4.649  10.605  1.00 67.02  ? 120 PRO A N   1 
ATOM   640  C  CA  . PRO A 1 81  ? 8.510   -4.664  9.243   1.00 58.83  ? 120 PRO A CA  1 
ATOM   641  C  C   . PRO A 1 81  ? 7.041   -5.093  9.229   1.00 45.82  ? 120 PRO A C   1 
ATOM   642  O  O   . PRO A 1 81  ? 6.667   -5.831  10.075  1.00 41.22  ? 120 PRO A O   1 
ATOM   643  C  CB  . PRO A 1 81  ? 9.371   -5.715  8.546   1.00 30.00  ? 120 PRO A CB  1 
ATOM   644  C  CG  . PRO A 1 81  ? 9.759   -6.633  9.655   1.00 30.00  ? 120 PRO A CG  1 
ATOM   645  C  CD  . PRO A 1 81  ? 10.043  -5.696  10.805  1.00 30.00  ? 120 PRO A CD  1 
ATOM   646  N  N   . SER A 1 82  ? 6.263   -4.596  8.270   1.00 44.38  ? 121 SER A N   1 
ATOM   647  C  CA  . SER A 1 82  ? 4.812   -4.929  8.232   1.00 43.88  ? 121 SER A CA  1 
ATOM   648  C  C   . SER A 1 82  ? 4.607   -6.353  7.744   1.00 34.93  ? 121 SER A C   1 
ATOM   649  O  O   . SER A 1 82  ? 5.471   -6.900  7.088   1.00 38.19  ? 121 SER A O   1 
ATOM   650  C  CB  . SER A 1 82  ? 3.965   -3.945  7.430   1.00 30.00  ? 121 SER A CB  1 
ATOM   651  O  OG  . SER A 1 82  ? 3.524   -4.460  6.171   1.00 30.00  ? 121 SER A OG  1 
ATOM   652  N  N   . CYS A 1 83  ? 3.415   -6.876  8.004   1.00 39.78  ? 122 CYS A N   1 
ATOM   653  C  CA  . CYS A 1 83  ? 2.986   -8.200  7.506   1.00 36.44  ? 122 CYS A CA  1 
ATOM   654  C  C   . CYS A 1 83  ? 2.669   -8.100  6.009   1.00 30.93  ? 122 CYS A C   1 
ATOM   655  O  O   . CYS A 1 83  ? 2.559   -7.026  5.454   1.00 30.32  ? 122 CYS A O   1 
ATOM   656  C  CB  . CYS A 1 83  ? 1.797   -8.751  8.282   1.00 44.58  ? 122 CYS A CB  1 
ATOM   657  S  SG  . CYS A 1 83  ? 2.270   -9.463  9.877   1.00 51.79  ? 122 CYS A SG  1 
ATOM   658  N  N   . VAL A 1 84  ? 2.568   -9.240  5.365   1.00 31.05  ? 123 VAL A N   1 
ATOM   659  C  CA  . VAL A 1 84  ? 2.302   -9.220  3.910   1.00 31.62  ? 123 VAL A CA  1 
ATOM   660  C  C   . VAL A 1 84  ? 0.848   -9.635  3.677   1.00 28.03  ? 123 VAL A C   1 
ATOM   661  O  O   . VAL A 1 84  ? 0.414   -10.564 4.316   1.00 31.32  ? 123 VAL A O   1 
ATOM   662  C  CB  . VAL A 1 84  ? 3.287   -10.168 3.207   1.00 37.48  ? 123 VAL A CB  1 
ATOM   663  C  CG1 . VAL A 1 84  ? 3.105   -11.595 3.672   1.00 40.67  ? 123 VAL A CG1 1 
ATOM   664  C  CG2 . VAL A 1 84  ? 3.193   -10.078 1.709   1.00 37.10  ? 123 VAL A CG2 1 
ATOM   665  N  N   . TYR A 1 85  ? 0.149   -8.893  2.828   1.00 29.50  ? 124 TYR A N   1 
ATOM   666  C  CA  . TYR A 1 85  ? -1.226  -9.220  2.391   1.00 25.80  ? 124 TYR A CA  1 
ATOM   667  C  C   . TYR A 1 85  ? -1.105  -9.958  1.066   1.00 27.80  ? 124 TYR A C   1 
ATOM   668  O  O   . TYR A 1 85  ? -0.448  -9.445  0.136   1.00 26.36  ? 124 TYR A O   1 
ATOM   669  C  CB  . TYR A 1 85  ? -2.034  -7.933  2.231   1.00 28.77  ? 124 TYR A CB  1 
ATOM   670  C  CG  . TYR A 1 85  ? -3.404  -8.078  1.621   1.00 30.12  ? 124 TYR A CG  1 
ATOM   671  C  CD1 . TYR A 1 85  ? -4.494  -8.491  2.371   1.00 32.01  ? 124 TYR A CD1 1 
ATOM   672  C  CD2 . TYR A 1 85  ? -3.605  -7.818  0.281   1.00 26.57  ? 124 TYR A CD2 1 
ATOM   673  C  CE1 . TYR A 1 85  ? -5.740  -8.642  1.802   1.00 30.16  ? 124 TYR A CE1 1 
ATOM   674  C  CE2 . TYR A 1 85  ? -4.853  -7.942  -0.306  1.00 28.11  ? 124 TYR A CE2 1 
ATOM   675  C  CZ  . TYR A 1 85  ? -5.924  -8.375  0.459   1.00 31.34  ? 124 TYR A CZ  1 
ATOM   676  O  OH  . TYR A 1 85  ? -7.168  -8.446  -0.087  1.00 28.33  ? 124 TYR A OH  1 
ATOM   677  N  N   . ILE A 1 86  ? -1.759  -11.109 0.955   1.00 25.66  ? 125 ILE A N   1 
ATOM   678  C  CA  . ILE A 1 86  ? -1.854  -11.824 -0.341  1.00 28.50  ? 125 ILE A CA  1 
ATOM   679  C  C   . ILE A 1 86  ? -3.122  -11.382 -1.091  1.00 28.99  ? 125 ILE A C   1 
ATOM   680  O  O   . ILE A 1 86  ? -4.243  -11.487 -0.540  1.00 26.79  ? 125 ILE A O   1 
ATOM   681  C  CB  . ILE A 1 86  ? -1.813  -13.326 -0.076  1.00 32.22  ? 125 ILE A CB  1 
ATOM   682  C  CG1 . ILE A 1 86  ? -0.568  -13.696 0.732   1.00 37.03  ? 125 ILE A CG1 1 
ATOM   683  C  CG2 . ILE A 1 86  ? -1.868  -14.120 -1.362  1.00 32.72  ? 125 ILE A CG2 1 
ATOM   684  C  CD1 . ILE A 1 86  ? -0.711  -15.035 1.416   1.00 40.57  ? 125 ILE A CD1 1 
ATOM   685  N  N   . HIS A 1 87  ? -2.964  -10.941 -2.334  1.00 25.37  ? 126 HIS A N   1 
ATOM   686  C  CA  . HIS A 1 87  ? -4.100  -10.572 -3.205  1.00 26.65  ? 126 HIS A CA  1 
ATOM   687  C  C   . HIS A 1 87  ? -5.019  -11.783 -3.239  1.00 27.66  ? 126 HIS A C   1 
ATOM   688  O  O   . HIS A 1 87  ? -4.565  -12.887 -3.457  1.00 25.29  ? 126 HIS A O   1 
ATOM   689  C  CB  . HIS A 1 87  ? -3.690  -10.156 -4.622  1.00 25.14  ? 126 HIS A CB  1 
ATOM   690  C  CG  . HIS A 1 87  ? -4.820  -9.485  -5.309  1.00 27.83  ? 126 HIS A CG  1 
ATOM   691  N  ND1 . HIS A 1 87  ? -5.853  -10.220 -5.899  1.00 28.77  ? 126 HIS A ND1 1 
ATOM   692  C  CD2 . HIS A 1 87  ? -5.176  -8.189  -5.413  1.00 29.16  ? 126 HIS A CD2 1 
ATOM   693  C  CE1 . HIS A 1 87  ? -6.775  -9.383  -6.350  1.00 28.83  ? 126 HIS A CE1 1 
ATOM   694  N  NE2 . HIS A 1 87  ? -6.376  -8.132  -6.086  1.00 31.32  ? 126 HIS A NE2 1 
ATOM   695  N  N   . PRO A 1 88  ? -6.329  -11.625 -2.996  1.00 29.01  ? 127 PRO A N   1 
ATOM   696  C  CA  . PRO A 1 88  ? -7.204  -12.812 -2.935  1.00 28.75  ? 127 PRO A CA  1 
ATOM   697  C  C   . PRO A 1 88  ? -7.333  -13.614 -4.252  1.00 29.27  ? 127 PRO A C   1 
ATOM   698  O  O   . PRO A 1 88  ? -7.622  -14.828 -4.196  1.00 27.19  ? 127 PRO A O   1 
ATOM   699  C  CB  . PRO A 1 88  ? -8.495  -12.208 -2.365  1.00 28.86  ? 127 PRO A CB  1 
ATOM   700  C  CG  . PRO A 1 88  ? -8.488  -10.767 -2.822  1.00 28.83  ? 127 PRO A CG  1 
ATOM   701  C  CD  . PRO A 1 88  ? -7.022  -10.360 -2.732  1.00 27.00  ? 127 PRO A CD  1 
ATOM   702  N  N   . ASP A 1 89  ? -7.010  -13.037 -5.414  1.00 27.15  ? 128 ASP A N   1 
ATOM   703  C  CA  . ASP A 1 89  ? -6.978  -13.790 -6.696  1.00 30.30  ? 128 ASP A CA  1 
ATOM   704  C  C   . ASP A 1 89  ? -5.787  -14.755 -6.724  1.00 30.41  ? 128 ASP A C   1 
ATOM   705  O  O   . ASP A 1 89  ? -5.761  -15.624 -7.619  1.00 29.30  ? 128 ASP A O   1 
ATOM   706  C  CB  . ASP A 1 89  ? -6.920  -12.878 -7.932  1.00 31.22  ? 128 ASP A CB  1 
ATOM   707  C  CG  . ASP A 1 89  ? -8.078  -11.933 -8.140  1.00 31.06  ? 128 ASP A CG  1 
ATOM   708  O  OD1 . ASP A 1 89  ? -8.961  -11.887 -7.299  1.00 34.76  ? 128 ASP A OD1 1 
ATOM   709  O  OD2 . ASP A 1 89  ? -8.041  -11.177 -9.131  1.00 31.86  ? 128 ASP A OD2 1 
ATOM   710  N  N   . SER A 1 90  ? -4.831  -14.674 -5.782  1.00 28.81  ? 129 SER A N   1 
ATOM   711  C  CA  . SER A 1 90  ? -3.615  -15.529 -5.803  1.00 26.77  ? 129 SER A CA  1 
ATOM   712  C  C   . SER A 1 90  ? -3.963  -16.957 -5.415  1.00 29.01  ? 129 SER A C   1 
ATOM   713  O  O   . SER A 1 90  ? -4.823  -17.154 -4.582  1.00 29.07  ? 129 SER A O   1 
ATOM   714  C  CB  . SER A 1 90  ? -2.557  -15.037 -4.854  1.00 29.33  ? 129 SER A CB  1 
ATOM   715  O  OG  . SER A 1 90  ? -2.347  -13.648 -5.025  1.00 26.44  ? 129 SER A OG  1 
ATOM   716  N  N   . PRO A 1 91  ? -3.267  -17.996 -5.910  1.00 27.21  ? 130 PRO A N   1 
ATOM   717  C  CA  . PRO A 1 91  ? -2.355  -17.914 -7.038  1.00 28.69  ? 130 PRO A CA  1 
ATOM   718  C  C   . PRO A 1 91  ? -3.146  -17.832 -8.340  1.00 30.39  ? 130 PRO A C   1 
ATOM   719  O  O   . PRO A 1 91  ? -4.314  -18.258 -8.378  1.00 33.25  ? 130 PRO A O   1 
ATOM   720  C  CB  . PRO A 1 91  ? -1.591  -19.229 -6.952  1.00 32.70  ? 130 PRO A CB  1 
ATOM   721  C  CG  . PRO A 1 91  ? -2.612  -20.166 -6.380  1.00 33.85  ? 130 PRO A CG  1 
ATOM   722  C  CD  . PRO A 1 91  ? -3.380  -19.350 -5.377  1.00 29.48  ? 130 PRO A CD  1 
ATOM   723  N  N   . ASN A 1 92  ? -2.551  -17.277 -9.382  1.00 29.42  ? 131 ASN A N   1 
ATOM   724  C  CA  . ASN A 1 92  ? -3.284  -17.155 -10.654 1.00 29.22  ? 131 ASN A CA  1 
ATOM   725  C  C   . ASN A 1 92  ? -2.314  -17.075 -11.827 1.00 32.26  ? 131 ASN A C   1 
ATOM   726  O  O   . ASN A 1 92  ? -1.120  -16.876 -11.628 1.00 32.14  ? 131 ASN A O   1 
ATOM   727  C  CB  . ASN A 1 92  ? -4.341  -16.045 -10.629 1.00 31.39  ? 131 ASN A CB  1 
ATOM   728  C  CG  . ASN A 1 92  ? -5.679  -16.569 -11.123 1.00 35.73  ? 131 ASN A CG  1 
ATOM   729  O  OD1 . ASN A 1 92  ? -5.732  -17.177 -12.189 1.00 34.90  ? 131 ASN A OD1 1 
ATOM   730  N  ND2 . ASN A 1 92  ? -6.732  -16.389 -10.342 1.00 29.34  ? 131 ASN A ND2 1 
ATOM   731  N  N   . PHE A 1 93  ? -2.818  -17.418 -13.008 1.00 33.95  ? 132 PHE A N   1 
ATOM   732  C  CA  . PHE A 1 93  ? -2.040  -17.373 -14.267 1.00 36.38  ? 132 PHE A CA  1 
ATOM   733  C  C   . PHE A 1 93  ? -1.655  -15.921 -14.555 1.00 33.64  ? 132 PHE A C   1 
ATOM   734  O  O   . PHE A 1 93  ? -2.425  -15.000 -14.206 1.00 34.67  ? 132 PHE A O   1 
ATOM   735  C  CB  . PHE A 1 93  ? -2.842  -17.998 -15.410 1.00 40.03  ? 132 PHE A CB  1 
ATOM   736  C  CG  . PHE A 1 93  ? -3.061  -19.465 -15.174 1.00 39.98  ? 132 PHE A CG  1 
ATOM   737  C  CD1 . PHE A 1 93  ? -1.995  -20.346 -15.234 1.00 40.92  ? 132 PHE A CD1 1 
ATOM   738  C  CD2 . PHE A 1 93  ? -4.305  -19.951 -14.790 1.00 44.70  ? 132 PHE A CD2 1 
ATOM   739  C  CE1 . PHE A 1 93  ? -2.177  -21.697 -14.980 1.00 42.79  ? 132 PHE A CE1 1 
ATOM   740  C  CE2 . PHE A 1 93  ? -4.490  -21.306 -14.538 1.00 41.23  ? 132 PHE A CE2 1 
ATOM   741  C  CZ  . PHE A 1 93  ? -3.427  -22.174 -14.628 1.00 42.10  ? 132 PHE A CZ  1 
ATOM   742  N  N   . GLY A 1 94  ? -0.503  -15.740 -15.191 1.00 37.69  ? 133 GLY A N   1 
ATOM   743  C  CA  . GLY A 1 94  ? -0.085  -14.458 -15.778 1.00 35.42  ? 133 GLY A CA  1 
ATOM   744  C  C   . GLY A 1 94  ? -1.202  -13.767 -16.553 1.00 35.41  ? 133 GLY A C   1 
ATOM   745  O  O   . GLY A 1 94  ? -1.391  -12.572 -16.354 1.00 31.92  ? 133 GLY A O   1 
ATOM   746  N  N   . ALA A 1 95  ? -1.927  -14.475 -17.427 1.00 37.10  ? 134 ALA A N   1 
ATOM   747  C  CA  . ALA A 1 95  ? -3.042  -13.885 -18.212 1.00 38.40  ? 134 ALA A CA  1 
ATOM   748  C  C   . ALA A 1 95  ? -4.075  -13.234 -17.282 1.00 32.32  ? 134 ALA A C   1 
ATOM   749  O  O   . ALA A 1 95  ? -4.693  -12.195 -17.637 1.00 33.53  ? 134 ALA A O   1 
ATOM   750  C  CB  . ALA A 1 95  ? -3.683  -14.971 -19.044 1.00 40.13  ? 134 ALA A CB  1 
ATOM   751  N  N   . HIS A 1 96  ? -4.324  -13.853 -16.128 1.00 33.12  ? 135 HIS A N   1 
ATOM   752  C  CA  . HIS A 1 96  ? -5.340  -13.333 -15.185 1.00 33.35  ? 135 HIS A CA  1 
ATOM   753  C  C   . HIS A 1 96  ? -4.870  -11.958 -14.726 1.00 32.48  ? 135 HIS A C   1 
ATOM   754  O  O   . HIS A 1 96  ? -5.643  -10.982 -14.644 1.00 30.48  ? 135 HIS A O   1 
ATOM   755  C  CB  . HIS A 1 96  ? -5.517  -14.264 -13.981 1.00 34.44  ? 135 HIS A CB  1 
ATOM   756  C  CG  . HIS A 1 96  ? -6.475  -13.698 -13.008 1.00 34.67  ? 135 HIS A CG  1 
ATOM   757  N  ND1 . HIS A 1 96  ? -7.857  -13.804 -13.169 1.00 35.58  ? 135 HIS A ND1 1 
ATOM   758  C  CD2 . HIS A 1 96  ? -6.259  -12.984 -11.881 1.00 32.50  ? 135 HIS A CD2 1 
ATOM   759  C  CE1 . HIS A 1 96  ? -8.457  -13.176 -12.167 1.00 37.74  ? 135 HIS A CE1 1 
ATOM   760  N  NE2 . HIS A 1 96  ? -7.480  -12.628 -11.372 1.00 34.71  ? 135 HIS A NE2 1 
ATOM   761  N  N   . TRP A 1 97  ? -3.620  -11.901 -14.348 1.00 29.82  ? 136 TRP A N   1 
ATOM   762  C  CA  . TRP A 1 97  ? -3.081  -10.668 -13.737 1.00 30.24  ? 136 TRP A CA  1 
ATOM   763  C  C   . TRP A 1 97  ? -2.978  -9.538  -14.760 1.00 32.18  ? 136 TRP A C   1 
ATOM   764  O  O   . TRP A 1 97  ? -3.127  -8.370  -14.359 1.00 35.74  ? 136 TRP A O   1 
ATOM   765  C  CB  . TRP A 1 97  ? -1.738  -10.992 -13.106 1.00 29.87  ? 136 TRP A CB  1 
ATOM   766  C  CG  . TRP A 1 97  ? -1.810  -11.985 -12.002 1.00 28.23  ? 136 TRP A CG  1 
ATOM   767  C  CD1 . TRP A 1 97  ? -1.208  -13.201 -11.996 1.00 26.92  ? 136 TRP A CD1 1 
ATOM   768  C  CD2 . TRP A 1 97  ? -2.416  -11.829 -10.707 1.00 27.08  ? 136 TRP A CD2 1 
ATOM   769  N  NE1 . TRP A 1 97  ? -1.366  -13.806 -10.783 1.00 26.57  ? 136 TRP A NE1 1 
ATOM   770  C  CE2 . TRP A 1 97  ? -2.125  -13.008 -9.980  1.00 25.63  ? 136 TRP A CE2 1 
ATOM   771  C  CE3 . TRP A 1 97  ? -3.181  -10.830 -10.091 1.00 28.18  ? 136 TRP A CE3 1 
ATOM   772  C  CZ2 . TRP A 1 97  ? -2.545  -13.206 -8.669  1.00 24.15  ? 136 TRP A CZ2 1 
ATOM   773  C  CZ3 . TRP A 1 97  ? -3.590  -11.023 -8.789  1.00 27.17  ? 136 TRP A CZ3 1 
ATOM   774  C  CH2 . TRP A 1 97  ? -3.265  -12.184 -8.092  1.00 26.13  ? 136 TRP A CH2 1 
ATOM   775  N  N   . MET A 1 98  ? -2.741  -9.863  -16.038 1.00 34.07  ? 137 MET A N   1 
ATOM   776  C  CA  . MET A 1 98  ? -2.464  -8.858  -17.088 1.00 35.29  ? 137 MET A CA  1 
ATOM   777  C  C   . MET A 1 98  ? -3.764  -8.380  -17.750 1.00 36.85  ? 137 MET A C   1 
ATOM   778  O  O   . MET A 1 98  ? -3.705  -7.323  -18.350 1.00 36.05  ? 137 MET A O   1 
ATOM   779  C  CB  . MET A 1 98  ? -1.503  -9.425  -18.137 1.00 37.59  ? 137 MET A CB  1 
ATOM   780  C  CG  . MET A 1 98  ? -0.115  -9.657  -17.591 1.00 40.23  ? 137 MET A CG  1 
ATOM   781  S  SD  . MET A 1 98  ? 1.098   -10.018 -18.910 1.00 40.44  ? 137 MET A SD  1 
ATOM   782  C  CE  . MET A 1 98  ? 0.658   -11.706 -19.325 1.00 44.54  ? 137 MET A CE  1 
ATOM   783  N  N   . LYS A 1 99  ? -4.911  -9.032  -17.546 1.00 38.15  ? 138 LYS A N   1 
ATOM   784  C  CA  . LYS A 1 99  ? -6.171  -8.674  -18.271 1.00 41.41  ? 138 LYS A CA  1 
ATOM   785  C  C   . LYS A 1 99  ? -6.848  -7.435  -17.673 1.00 42.04  ? 138 LYS A C   1 
ATOM   786  O  O   . LYS A 1 99  ? -7.627  -6.779  -18.398 1.00 42.31  ? 138 LYS A O   1 
ATOM   787  C  CB  . LYS A 1 99  ? -7.116  -9.875  -18.355 1.00 42.54  ? 138 LYS A CB  1 
ATOM   788  C  CG  . LYS A 1 99  ? -7.775  -10.355 -17.070 1.00 44.17  ? 138 LYS A CG  1 
ATOM   789  C  CD  . LYS A 1 99  ? -8.762  -11.514 -17.350 1.00 55.40  ? 138 LYS A CD  1 
ATOM   790  C  CE  . LYS A 1 99  ? -9.847  -11.735 -16.311 1.00 57.95  ? 138 LYS A CE  1 
ATOM   791  N  NZ  . LYS A 1 99  ? -9.767  -13.070 -15.668 1.00 65.60  ? 138 LYS A NZ  1 
ATOM   792  N  N   . ALA A 1 100 ? -6.559  -7.077  -16.419 1.00 41.46  ? 139 ALA A N   1 
ATOM   793  C  CA  . ALA A 1 100 ? -7.069  -5.832  -15.802 1.00 38.56  ? 139 ALA A CA  1 
ATOM   794  C  C   . ALA A 1 100 ? -6.114  -5.378  -14.711 1.00 33.98  ? 139 ALA A C   1 
ATOM   795  O  O   . ALA A 1 100 ? -5.356  -6.190  -14.213 1.00 33.91  ? 139 ALA A O   1 
ATOM   796  C  CB  . ALA A 1 100 ? -8.456  -6.050  -15.254 1.00 43.86  ? 139 ALA A CB  1 
ATOM   797  N  N   . PRO A 1 101 ? -6.148  -4.090  -14.307 1.00 36.73  ? 140 PRO A N   1 
ATOM   798  C  CA  . PRO A 1 101 ? -5.301  -3.612  -13.228 1.00 35.15  ? 140 PRO A CA  1 
ATOM   799  C  C   . PRO A 1 101 ? -5.550  -4.514  -12.010 1.00 36.12  ? 140 PRO A C   1 
ATOM   800  O  O   . PRO A 1 101 ? -6.666  -4.890  -11.735 1.00 32.55  ? 140 PRO A O   1 
ATOM   801  C  CB  . PRO A 1 101 ? -5.730  -2.164  -12.972 1.00 37.86  ? 140 PRO A CB  1 
ATOM   802  C  CG  . PRO A 1 101 ? -6.477  -1.733  -14.229 1.00 42.47  ? 140 PRO A CG  1 
ATOM   803  C  CD  . PRO A 1 101 ? -6.967  -3.010  -14.892 1.00 42.88  ? 140 PRO A CD  1 
ATOM   804  N  N   . VAL A 1 102 ? -4.487  -4.867  -11.315 1.00 29.60  ? 141 VAL A N   1 
ATOM   805  C  CA  . VAL A 1 102 ? -4.562  -5.678  -10.073 1.00 31.52  ? 141 VAL A CA  1 
ATOM   806  C  C   . VAL A 1 102 ? -4.920  -4.709  -8.955  1.00 31.64  ? 141 VAL A C   1 
ATOM   807  O  O   . VAL A 1 102 ? -4.147  -3.773  -8.669  1.00 30.50  ? 141 VAL A O   1 
ATOM   808  C  CB  . VAL A 1 102 ? -3.250  -6.438  -9.817  1.00 29.66  ? 141 VAL A CB  1 
ATOM   809  C  CG1 . VAL A 1 102 ? -3.280  -7.252  -8.541  1.00 29.29  ? 141 VAL A CG1 1 
ATOM   810  C  CG2 . VAL A 1 102 ? -2.856  -7.278  -11.018 1.00 32.03  ? 141 VAL A CG2 1 
ATOM   811  N  N   . SER A 1 103 ? -6.092  -4.901  -8.380  1.00 28.34  ? 142 SER A N   1 
ATOM   812  C  CA  . SER A 1 103 ? -6.686  -3.907  -7.476  1.00 29.19  ? 142 SER A CA  1 
ATOM   813  C  C   . SER A 1 103 ? -6.653  -4.461  -6.051  1.00 26.81  ? 142 SER A C   1 
ATOM   814  O  O   . SER A 1 103 ? -7.311  -5.488  -5.807  1.00 29.90  ? 142 SER A O   1 
ATOM   815  C  CB  . SER A 1 103 ? -8.067  -3.616  -7.939  1.00 30.32  ? 142 SER A CB  1 
ATOM   816  O  OG  . SER A 1 103 ? -8.646  -2.676  -7.077  1.00 34.09  ? 142 SER A OG  1 
ATOM   817  N  N   . PHE A 1 104 ? -5.988  -3.781  -5.118  1.00 25.78  ? 143 PHE A N   1 
ATOM   818  C  CA  . PHE A 1 104 ? -5.898  -4.265  -3.712  1.00 24.92  ? 143 PHE A CA  1 
ATOM   819  C  C   . PHE A 1 104 ? -7.035  -3.660  -2.888  1.00 27.95  ? 143 PHE A C   1 
ATOM   820  O  O   . PHE A 1 104 ? -6.822  -2.971  -1.870  1.00 28.00  ? 143 PHE A O   1 
ATOM   821  C  CB  . PHE A 1 104 ? -4.529  -3.932  -3.105  1.00 27.17  ? 143 PHE A CB  1 
ATOM   822  C  CG  . PHE A 1 104 ? -3.425  -4.741  -3.731  1.00 26.42  ? 143 PHE A CG  1 
ATOM   823  C  CD1 . PHE A 1 104 ? -3.020  -5.939  -3.173  1.00 26.10  ? 143 PHE A CD1 1 
ATOM   824  C  CD2 . PHE A 1 104 ? -2.866  -4.347  -4.937  1.00 27.42  ? 143 PHE A CD2 1 
ATOM   825  C  CE1 . PHE A 1 104 ? -2.009  -6.678  -3.759  1.00 27.92  ? 143 PHE A CE1 1 
ATOM   826  C  CE2 . PHE A 1 104 ? -1.838  -5.077  -5.501  1.00 27.57  ? 143 PHE A CE2 1 
ATOM   827  C  CZ  . PHE A 1 104 ? -1.446  -6.259  -4.929  1.00 26.30  ? 143 PHE A CZ  1 
ATOM   828  N  N   . SER A 1 105 ? -8.259  -3.903  -3.308  1.00 27.56  ? 144 SER A N   1 
ATOM   829  C  CA  . SER A 1 105 ? -9.415  -3.160  -2.782  1.00 28.17  ? 144 SER A CA  1 
ATOM   830  C  C   . SER A 1 105 ? -9.817  -3.703  -1.419  1.00 27.05  ? 144 SER A C   1 
ATOM   831  O  O   . SER A 1 105 ? -10.548 -2.945  -0.709  1.00 30.87  ? 144 SER A O   1 
ATOM   832  C  CB  . SER A 1 105 ? -10.552 -3.176  -3.774  1.00 30.43  ? 144 SER A CB  1 
ATOM   833  O  OG  . SER A 1 105 ? -10.884 -4.505  -4.044  1.00 36.11  ? 144 SER A OG  1 
ATOM   834  N  N   . LYS A 1 106 ? -9.374  -4.905  -1.045  1.00 25.83  ? 145 LYS A N   1 
ATOM   835  C  CA  . LYS A 1 106 ? -9.883  -5.582  0.177   1.00 27.76  ? 145 LYS A CA  1 
ATOM   836  C  C   . LYS A 1 106 ? -8.859  -5.570  1.309   1.00 31.50  ? 145 LYS A C   1 
ATOM   837  O  O   . LYS A 1 106 ? -9.187  -6.015  2.411   1.00 30.05  ? 145 LYS A O   1 
ATOM   838  C  CB  . LYS A 1 106 ? -10.323 -7.013  -0.140  1.00 30.70  ? 145 LYS A CB  1 
ATOM   839  C  CG  . LYS A 1 106 ? -11.357 -7.100  -1.239  1.00 28.51  ? 145 LYS A CG  1 
ATOM   840  C  CD  . LYS A 1 106 ? -12.621 -6.396  -0.900  1.00 30.10  ? 145 LYS A CD  1 
ATOM   841  C  CE  . LYS A 1 106 ? -13.753 -6.925  -1.745  1.00 31.56  ? 145 LYS A CE  1 
ATOM   842  N  NZ  . LYS A 1 106 ? -14.950 -6.126  -1.451  1.00 34.26  ? 145 LYS A NZ  1 
ATOM   843  N  N   . VAL A 1 107 ? -7.667  -5.002  1.111   1.00 26.56  ? 146 VAL A N   1 
ATOM   844  C  CA  . VAL A 1 107 ? -6.728  -4.956  2.253   1.00 27.34  ? 146 VAL A CA  1 
ATOM   845  C  C   . VAL A 1 107 ? -7.320  -3.974  3.259   1.00 24.83  ? 146 VAL A C   1 
ATOM   846  O  O   . VAL A 1 107 ? -7.788  -2.906  2.849   1.00 27.45  ? 146 VAL A O   1 
ATOM   847  C  CB  . VAL A 1 107 ? -5.289  -4.609  1.845   1.00 25.46  ? 146 VAL A CB  1 
ATOM   848  C  CG1 . VAL A 1 107 ? -5.185  -3.237  1.208   1.00 25.50  ? 146 VAL A CG1 1 
ATOM   849  C  CG2 . VAL A 1 107 ? -4.342  -4.743  3.039   1.00 26.76  ? 146 VAL A CG2 1 
ATOM   850  N  N   . LYS A 1 108 ? -7.210  -4.324  4.533   1.00 27.06  ? 147 LYS A N   1 
ATOM   851  C  CA  . LYS A 1 108 ? -7.644  -3.469  5.664   1.00 28.92  ? 147 LYS A CA  1 
ATOM   852  C  C   . LYS A 1 108 ? -6.443  -3.111  6.537   1.00 29.96  ? 147 LYS A C   1 
ATOM   853  O  O   . LYS A 1 108 ? -5.681  -3.996  6.908   1.00 32.05  ? 147 LYS A O   1 
ATOM   854  C  CB  . LYS A 1 108 ? -8.679  -4.190  6.527   1.00 36.18  ? 147 LYS A CB  1 
ATOM   855  C  CG  . LYS A 1 108 ? -9.967  -4.553  5.812   1.00 38.58  ? 147 LYS A CG  1 
ATOM   856  C  CD  . LYS A 1 108 ? -10.851 -5.488  6.634   1.00 44.36  ? 147 LYS A CD  1 
ATOM   857  C  CE  . LYS A 1 108 ? -12.172 -4.873  7.018   1.00 48.40  ? 147 LYS A CE  1 
ATOM   858  N  NZ  . LYS A 1 108 ? -13.125 -5.921  7.456   1.00 47.74  ? 147 LYS A NZ  1 
ATOM   859  N  N   . LEU A 1 109 ? -6.289  -1.826  6.820   1.00 30.70  ? 148 LEU A N   1 
ATOM   860  C  CA  . LEU A 1 109 ? -5.171  -1.291  7.643   1.00 31.82  ? 148 LEU A CA  1 
ATOM   861  C  C   . LEU A 1 109 ? -5.675  -1.174  9.084   1.00 34.47  ? 148 LEU A C   1 
ATOM   862  O  O   . LEU A 1 109 ? -6.711  -0.497  9.281   1.00 30.81  ? 148 LEU A O   1 
ATOM   863  C  CB  . LEU A 1 109 ? -4.765  0.073   7.092   1.00 30.81  ? 148 LEU A CB  1 
ATOM   864  C  CG  . LEU A 1 109 ? -4.389  0.094   5.609   1.00 30.56  ? 148 LEU A CG  1 
ATOM   865  C  CD1 . LEU A 1 109 ? -3.853  1.452   5.186   1.00 29.47  ? 148 LEU A CD1 1 
ATOM   866  C  CD2 . LEU A 1 109 ? -3.406  -1.028  5.306   1.00 31.10  ? 148 LEU A CD2 1 
ATOM   867  N  N   . THR A 1 110 ? -4.975  -1.781  10.037  1.00 34.10  ? 149 THR A N   1 
ATOM   868  C  CA  . THR A 1 110 ? -5.374  -1.733  11.471  1.00 39.19  ? 149 THR A CA  1 
ATOM   869  C  C   . THR A 1 110 ? -4.241  -1.165  12.313  1.00 38.44  ? 149 THR A C   1 
ATOM   870  O  O   . THR A 1 110 ? -3.106  -1.104  11.825  1.00 37.52  ? 149 THR A O   1 
ATOM   871  C  CB  . THR A 1 110 ? -5.805  -3.110  12.016  1.00 41.13  ? 149 THR A CB  1 
ATOM   872  O  OG1 . THR A 1 110 ? -6.217  -2.968  13.379  1.00 43.02  ? 149 THR A OG1 1 
ATOM   873  C  CG2 . THR A 1 110 ? -4.715  -4.152  11.963  1.00 38.96  ? 149 THR A CG2 1 
ATOM   874  N  N   . ASN A 1 111 ? -4.556  -0.823  13.561  1.00 41.13  ? 150 ASN A N   1 
ATOM   875  C  CA  . ASN A 1 111 ? -3.550  -0.497  14.602  1.00 47.61  ? 150 ASN A CA  1 
ATOM   876  C  C   . ASN A 1 111 ? -3.485  -1.592  15.673  1.00 49.14  ? 150 ASN A C   1 
ATOM   877  O  O   . ASN A 1 111 ? -2.771  -1.365  16.633  1.00 46.74  ? 150 ASN A O   1 
ATOM   878  C  CB  . ASN A 1 111 ? -3.778  0.886   15.222  1.00 46.96  ? 150 ASN A CB  1 
ATOM   879  C  CG  . ASN A 1 111 ? -5.191  1.153   15.699  1.00 45.02  ? 150 ASN A CG  1 
ATOM   880  O  OD1 . ASN A 1 111 ? -5.497  2.279   16.060  1.00 54.60  ? 150 ASN A OD1 1 
ATOM   881  N  ND2 . ASN A 1 111 ? -6.065  0.168   15.675  1.00 43.60  ? 150 ASN A ND2 1 
ATOM   882  N  N   . LYS A 1 112 ? -4.096  -2.769  15.503  1.00 52.59  ? 151 LYS A N   1 
ATOM   883  C  CA  . LYS A 1 112 ? -4.091  -3.813  16.572  1.00 63.38  ? 151 LYS A CA  1 
ATOM   884  C  C   . LYS A 1 112 ? -3.741  -5.187  15.993  1.00 67.18  ? 151 LYS A C   1 
ATOM   885  O  O   . LYS A 1 112 ? -4.230  -5.499  14.899  1.00 68.02  ? 151 LYS A O   1 
ATOM   886  C  CB  . LYS A 1 112 ? -5.450  -3.876  17.283  1.00 73.97  ? 151 LYS A CB  1 
ATOM   887  C  CG  . LYS A 1 112 ? -5.786  -2.679  18.168  1.00 81.59  ? 151 LYS A CG  1 
ATOM   888  C  CD  . LYS A 1 112 ? -5.281  -2.793  19.601  1.00 88.02  ? 151 LYS A CD  1 
ATOM   889  C  CE  . LYS A 1 112 ? -5.951  -1.804  20.535  1.00 88.23  ? 151 LYS A CE  1 
ATOM   890  N  NZ  . LYS A 1 112 ? -5.221  -1.683  21.817  1.00 89.78  ? 151 LYS A NZ  1 
ATOM   891  N  N   . LEU A 1 113 ? -2.918  -5.965  16.709  1.00 81.53  ? 152 LEU A N   1 
ATOM   892  C  CA  . LEU A 1 113 ? -2.712  -7.419  16.450  1.00 83.72  ? 152 LEU A CA  1 
ATOM   893  C  C   . LEU A 1 113 ? -4.101  -8.065  16.331  1.00 87.32  ? 152 LEU A C   1 
ATOM   894  O  O   . LEU A 1 113 ? -4.953  -7.787  17.198  1.00 86.80  ? 152 LEU A O   1 
ATOM   895  C  CB  . LEU A 1 113 ? -1.837  -8.088  17.528  1.00 84.00  ? 152 LEU A CB  1 
ATOM   896  C  CG  . LEU A 1 113 ? -1.886  -7.602  18.988  1.00 88.81  ? 152 LEU A CG  1 
ATOM   897  C  CD1 . LEU A 1 113 ? -0.886  -6.477  19.251  1.00 87.93  ? 152 LEU A CD1 1 
ATOM   898  C  CD2 . LEU A 1 113 ? -3.284  -7.213  19.470  1.00 88.58  ? 152 LEU A CD2 1 
ATOM   899  N  N   . ASN A 1 114 ? -4.339  -8.841  15.265  1.00 91.15  ? 153 ASN A N   1 
ATOM   900  C  CA  . ASN A 1 114 ? -5.712  -9.188  14.800  1.00 97.11  ? 153 ASN A CA  1 
ATOM   901  C  C   . ASN A 1 114 ? -5.768  -10.589 14.180  1.00 95.58  ? 153 ASN A C   1 
ATOM   902  O  O   . ASN A 1 114 ? -4.701  -11.133 13.818  1.00 98.32  ? 153 ASN A O   1 
ATOM   903  C  CB  . ASN A 1 114 ? -6.240  -8.141  13.810  1.00 98.85  ? 153 ASN A CB  1 
ATOM   904  C  CG  . ASN A 1 114 ? -6.842  -6.931  14.495  1.00 101.02 ? 153 ASN A CG  1 
ATOM   905  O  OD1 . ASN A 1 114 ? -7.336  -7.018  15.620  1.00 102.31 ? 153 ASN A OD1 1 
ATOM   906  N  ND2 . ASN A 1 114 ? -6.806  -5.793  13.824  1.00 99.68  ? 153 ASN A ND2 1 
ATOM   907  N  N   . GLY A 1 115 ? -6.997  -11.101 14.020  1.00 96.43  ? 154 GLY A N   1 
ATOM   908  C  CA  . GLY A 1 115 ? -7.341  -12.475 13.595  1.00 94.43  ? 154 GLY A CA  1 
ATOM   909  C  C   . GLY A 1 115 ? -6.682  -12.893 12.290  1.00 86.66  ? 154 GLY A C   1 
ATOM   910  O  O   . GLY A 1 115 ? -6.656  -14.110 12.023  1.00 81.52  ? 154 GLY A O   1 
ATOM   911  N  N   . GLY A 1 116 ? -6.180  -11.936 11.501  1.00 85.04  ? 155 GLY A N   1 
ATOM   912  C  CA  . GLY A 1 116 ? -5.473  -12.185 10.232  1.00 75.32  ? 155 GLY A CA  1 
ATOM   913  C  C   . GLY A 1 116 ? -6.256  -11.624 9.064   1.00 73.14  ? 155 GLY A C   1 
ATOM   914  O  O   . GLY A 1 116 ? -7.468  -11.376 9.207   1.00 71.43  ? 155 GLY A O   1 
ATOM   915  N  N   . GLY A 1 117 ? -5.592  -11.455 7.929   1.00 75.06  ? 156 GLY A N   1 
ATOM   916  C  CA  . GLY A 1 117 ? -6.093  -10.634 6.815   1.00 69.30  ? 156 GLY A CA  1 
ATOM   917  C  C   . GLY A 1 117 ? -5.618  -9.209  7.003   1.00 62.69  ? 156 GLY A C   1 
ATOM   918  O  O   . GLY A 1 117 ? -4.704  -8.807  6.265   1.00 68.24  ? 156 GLY A O   1 
ATOM   919  N  N   . GLN A 1 118 ? -6.159  -8.513  8.011   1.00 55.27  ? 157 GLN A N   1 
ATOM   920  C  CA  . GLN A 1 118 ? -5.810  -7.104  8.345   1.00 48.04  ? 157 GLN A CA  1 
ATOM   921  C  C   . GLN A 1 118 ? -4.284  -6.973  8.454   1.00 45.20  ? 157 GLN A C   1 
ATOM   922  O  O   . GLN A 1 118 ? -3.645  -7.910  8.883   1.00 40.82  ? 157 GLN A O   1 
ATOM   923  C  CB  . GLN A 1 118 ? -6.445  -6.643  9.659   1.00 50.72  ? 157 GLN A CB  1 
ATOM   924  C  CG  . GLN A 1 118 ? -7.964  -6.673  9.689   1.00 49.68  ? 157 GLN A CG  1 
ATOM   925  C  CD  . GLN A 1 118 ? -8.511  -7.766  10.580  1.00 53.78  ? 157 GLN A CD  1 
ATOM   926  O  OE1 . GLN A 1 118 ? -9.373  -7.529  11.414  1.00 59.16  ? 157 GLN A OE1 1 
ATOM   927  N  NE2 . GLN A 1 118 ? -8.021  -8.983  10.417  1.00 55.27  ? 157 GLN A NE2 1 
ATOM   928  N  N   . ILE A 1 119 ? -3.731  -5.843  8.012   1.00 36.22  ? 158 ILE A N   1 
ATOM   929  C  CA  . ILE A 1 119 ? -2.298  -5.483  8.131   1.00 36.18  ? 158 ILE A CA  1 
ATOM   930  C  C   . ILE A 1 119 ? -2.162  -4.388  9.190   1.00 35.60  ? 158 ILE A C   1 
ATOM   931  O  O   . ILE A 1 119 ? -2.740  -3.295  8.996   1.00 33.55  ? 158 ILE A O   1 
ATOM   932  C  CB  . ILE A 1 119 ? -1.777  -4.967  6.776   1.00 38.02  ? 158 ILE A CB  1 
ATOM   933  C  CG1 . ILE A 1 119 ? -1.856  -6.037  5.681   1.00 36.56  ? 158 ILE A CG1 1 
ATOM   934  C  CG2 . ILE A 1 119 ? -0.399  -4.359  6.943   1.00 35.23  ? 158 ILE A CG2 1 
ATOM   935  C  CD1 . ILE A 1 119 ? -1.221  -7.381  6.051   1.00 38.43  ? 158 ILE A CD1 1 
ATOM   936  N  N   . MET A 1 120 ? -1.354  -4.656  10.210  1.00 36.11  ? 159 MET A N   1 
ATOM   937  C  CA  . MET A 1 120 ? -1.117  -3.742  11.354  1.00 39.44  ? 159 MET A CA  1 
ATOM   938  C  C   . MET A 1 120 ? -0.035  -2.740  10.990  1.00 34.00  ? 159 MET A C   1 
ATOM   939  O  O   . MET A 1 120 ? 1.075   -3.131  10.596  1.00 33.39  ? 159 MET A O   1 
ATOM   940  C  CB  . MET A 1 120 ? -0.652  -4.507  12.589  1.00 46.40  ? 159 MET A CB  1 
ATOM   941  C  CG  . MET A 1 120 ? -0.595  -3.640  13.843  1.00 55.70  ? 159 MET A CG  1 
ATOM   942  S  SD  . MET A 1 120 ? -0.196  -4.678  15.263  1.00 65.51  ? 159 MET A SD  1 
ATOM   943  C  CE  . MET A 1 120 ? 1.591   -4.742  15.088  1.00 63.74  ? 159 MET A CE  1 
ATOM   944  N  N   . LEU A 1 121 ? -0.358  -1.473  11.131  1.00 33.20  ? 160 LEU A N   1 
ATOM   945  C  CA  . LEU A 1 121 ? 0.603   -0.384  10.951  1.00 30.27  ? 160 LEU A CA  1 
ATOM   946  C  C   . LEU A 1 121 ? 0.699   0.343   12.284  1.00 39.23  ? 160 LEU A C   1 
ATOM   947  O  O   . LEU A 1 121 ? -0.215  0.157   13.121  1.00 37.49  ? 160 LEU A O   1 
ATOM   948  C  CB  . LEU A 1 121 ? 0.110   0.554   9.850   1.00 34.33  ? 160 LEU A CB  1 
ATOM   949  C  CG  . LEU A 1 121 ? -0.093  -0.069  8.482   1.00 28.50  ? 160 LEU A CG  1 
ATOM   950  C  CD1 . LEU A 1 121 ? -0.565  0.968   7.488   1.00 29.08  ? 160 LEU A CD1 1 
ATOM   951  C  CD2 . LEU A 1 121 ? 1.184   -0.742  7.971   1.00 32.37  ? 160 LEU A CD2 1 
ATOM   952  N  N   . ASN A 1 122 ? 1.770   1.109   12.454  1.00 38.55  ? 161 ASN A N   1 
ATOM   953  C  CA  . ASN A 1 122 ? 1.960   2.013   13.615  1.00 41.15  ? 161 ASN A CA  1 
ATOM   954  C  C   . ASN A 1 122 ? 1.370   3.368   13.233  1.00 40.54  ? 161 ASN A C   1 
ATOM   955  O  O   . ASN A 1 122 ? 1.825   4.002   12.237  1.00 34.55  ? 161 ASN A O   1 
ATOM   956  C  CB  . ASN A 1 122 ? 3.427   2.148   14.028  1.00 40.56  ? 161 ASN A CB  1 
ATOM   957  C  CG  . ASN A 1 122 ? 4.015   0.860   14.545  1.00 45.86  ? 161 ASN A CG  1 
ATOM   958  O  OD1 . ASN A 1 122 ? 3.335   0.107   15.232  1.00 49.44  ? 161 ASN A OD1 1 
ATOM   959  N  ND2 . ASN A 1 122 ? 5.278   0.609   14.231  1.00 49.81  ? 161 ASN A ND2 1 
ATOM   960  N  N   . SER A 1 123 ? 0.378   3.806   13.996  1.00 36.94  ? 162 SER A N   1 
ATOM   961  C  CA  . SER A 1 123 ? -0.217  5.148   13.842  1.00 36.19  ? 162 SER A CA  1 
ATOM   962  C  C   . SER A 1 123 ? 0.893   6.205   13.859  1.00 32.07  ? 162 SER A C   1 
ATOM   963  O  O   . SER A 1 123 ? 1.881   6.019   14.586  1.00 30.51  ? 162 SER A O   1 
ATOM   964  C  CB  . SER A 1 123 ? -1.263  5.367   14.909  1.00 41.95  ? 162 SER A CB  1 
ATOM   965  O  OG  . SER A 1 123 ? -2.020  6.503   14.564  1.00 45.51  ? 162 SER A OG  1 
ATOM   966  N  N   . LEU A 1 124 ? 0.751   7.265   13.051  1.00 31.76  ? 163 LEU A N   1 
ATOM   967  C  CA  . LEU A 1 124 ? 1.653   8.439   12.931  1.00 31.27  ? 163 LEU A CA  1 
ATOM   968  C  C   . LEU A 1 124 ? 3.044   8.067   12.379  1.00 30.39  ? 163 LEU A C   1 
ATOM   969  O  O   . LEU A 1 124 ? 4.011   8.855   12.555  1.00 30.66  ? 163 LEU A O   1 
ATOM   970  C  CB  . LEU A 1 124 ? 1.754   9.101   14.308  1.00 34.72  ? 163 LEU A CB  1 
ATOM   971  C  CG  . LEU A 1 124 ? 0.418   9.592   14.878  1.00 34.46  ? 163 LEU A CG  1 
ATOM   972  C  CD1 . LEU A 1 124 ? 0.631   10.312  16.194  1.00 39.45  ? 163 LEU A CD1 1 
ATOM   973  C  CD2 . LEU A 1 124 ? -0.291  10.507  13.894  1.00 32.68  ? 163 LEU A CD2 1 
ATOM   974  N  N   . HIS A 1 125 ? 3.151   6.912   11.736  1.00 30.02  ? 164 HIS A N   1 
ATOM   975  C  CA  . HIS A 1 125 ? 4.340   6.525   10.933  1.00 29.91  ? 164 HIS A CA  1 
ATOM   976  C  C   . HIS A 1 125 ? 3.986   6.631   9.449   1.00 29.54  ? 164 HIS A C   1 
ATOM   977  O  O   . HIS A 1 125 ? 2.793   6.441   9.067   1.00 26.72  ? 164 HIS A O   1 
ATOM   978  C  CB  . HIS A 1 125 ? 4.858   5.159   11.367  1.00 30.22  ? 164 HIS A CB  1 
ATOM   979  C  CG  . HIS A 1 125 ? 5.458   5.235   12.733  1.00 33.02  ? 164 HIS A CG  1 
ATOM   980  N  ND1 . HIS A 1 125 ? 4.697   5.501   13.861  1.00 42.92  ? 164 HIS A ND1 1 
ATOM   981  C  CD2 . HIS A 1 125 ? 6.738   5.156   13.155  1.00 37.21  ? 164 HIS A CD2 1 
ATOM   982  C  CE1 . HIS A 1 125 ? 5.491   5.569   14.930  1.00 35.22  ? 164 HIS A CE1 1 
ATOM   983  N  NE2 . HIS A 1 125 ? 6.740   5.353   14.528  1.00 38.08  ? 164 HIS A NE2 1 
ATOM   984  N  N   . LYS A 1 126 ? 5.007   6.943   8.667   1.00 26.79  ? 165 LYS A N   1 
ATOM   985  C  CA  . LYS A 1 126 ? 4.903   7.142   7.213   1.00 27.11  ? 165 LYS A CA  1 
ATOM   986  C  C   . LYS A 1 126 ? 5.269   5.811   6.550   1.00 28.54  ? 165 LYS A C   1 
ATOM   987  O  O   . LYS A 1 126 ? 6.241   5.187   7.004   1.00 24.26  ? 165 LYS A O   1 
ATOM   988  C  CB  . LYS A 1 126 ? 5.853   8.242   6.782   1.00 29.40  ? 165 LYS A CB  1 
ATOM   989  C  CG  . LYS A 1 126 ? 5.669   8.675   5.343   1.00 32.32  ? 165 LYS A CG  1 
ATOM   990  C  CD  . LYS A 1 126 ? 6.486   9.881   4.981   1.00 36.13  ? 165 LYS A CD  1 
ATOM   991  C  CE  . LYS A 1 126 ? 5.789   11.177  5.320   1.00 38.42  ? 165 LYS A CE  1 
ATOM   992  N  NZ  . LYS A 1 126 ? 6.491   12.344  4.743   1.00 35.88  ? 165 LYS A NZ  1 
ATOM   993  N  N   . TYR A 1 127 ? 4.536   5.429   5.515   1.00 23.03  ? 166 TYR A N   1 
ATOM   994  C  CA  . TYR A 1 127 ? 4.643   4.094   4.864   1.00 22.93  ? 166 TYR A CA  1 
ATOM   995  C  C   . TYR A 1 127 ? 4.700   4.263   3.364   1.00 23.29  ? 166 TYR A C   1 
ATOM   996  O  O   . TYR A 1 127 ? 4.022   5.153   2.863   1.00 23.01  ? 166 TYR A O   1 
ATOM   997  C  CB  . TYR A 1 127 ? 3.432   3.230   5.230   1.00 23.55  ? 166 TYR A CB  1 
ATOM   998  C  CG  . TYR A 1 127 ? 3.513   2.749   6.654   1.00 26.33  ? 166 TYR A CG  1 
ATOM   999  C  CD1 . TYR A 1 127 ? 4.383   1.740   7.002   1.00 25.65  ? 166 TYR A CD1 1 
ATOM   1000 C  CD2 . TYR A 1 127 ? 2.853   3.414   7.668   1.00 27.94  ? 166 TYR A CD2 1 
ATOM   1001 C  CE1 . TYR A 1 127 ? 4.513   1.297   8.302   1.00 27.95  ? 166 TYR A CE1 1 
ATOM   1002 C  CE2 . TYR A 1 127 ? 2.988   2.992   8.985   1.00 26.90  ? 166 TYR A CE2 1 
ATOM   1003 C  CZ  . TYR A 1 127 ? 3.806   1.937   9.298   1.00 29.91  ? 166 TYR A CZ  1 
ATOM   1004 O  OH  . TYR A 1 127 ? 3.921   1.573   10.602  1.00 35.40  ? 166 TYR A OH  1 
ATOM   1005 N  N   . GLU A 1 128 ? 5.443   3.355   2.716   1.00 22.56  ? 167 GLU A N   1 
ATOM   1006 C  CA  . GLU A 1 128 ? 5.555   3.273   1.243   1.00 23.39  ? 167 GLU A CA  1 
ATOM   1007 C  C   . GLU A 1 128 ? 5.083   1.894   0.835   1.00 24.62  ? 167 GLU A C   1 
ATOM   1008 O  O   . GLU A 1 128 ? 5.740   0.890   1.131   1.00 23.12  ? 167 GLU A O   1 
ATOM   1009 C  CB  . GLU A 1 128 ? 6.996   3.435   0.761   1.00 22.18  ? 167 GLU A CB  1 
ATOM   1010 C  CG  . GLU A 1 128 ? 7.074   3.600   -0.716  1.00 22.24  ? 167 GLU A CG  1 
ATOM   1011 C  CD  . GLU A 1 128 ? 8.484   4.008   -1.163  1.00 22.45  ? 167 GLU A CD  1 
ATOM   1012 O  OE1 . GLU A 1 128 ? 9.368   3.158   -1.044  1.00 23.23  ? 167 GLU A OE1 1 
ATOM   1013 O  OE2 . GLU A 1 128 ? 8.607   5.134   -1.560  1.00 21.93  ? 167 GLU A OE2 1 
ATOM   1014 N  N   . PRO A 1 129 ? 3.868   1.821   0.239   1.00 21.40  ? 168 PRO A N   1 
ATOM   1015 C  CA  . PRO A 1 129 ? 3.375   0.563   -0.291  1.00 23.03  ? 168 PRO A CA  1 
ATOM   1016 C  C   . PRO A 1 129 ? 4.383   -0.044  -1.276  1.00 20.99  ? 168 PRO A C   1 
ATOM   1017 O  O   . PRO A 1 129 ? 4.983   0.694   -2.043  1.00 21.65  ? 168 PRO A O   1 
ATOM   1018 C  CB  . PRO A 1 129 ? 2.076   0.945   -0.999  1.00 21.48  ? 168 PRO A CB  1 
ATOM   1019 C  CG  . PRO A 1 129 ? 1.618   2.162   -0.202  1.00 21.20  ? 168 PRO A CG  1 
ATOM   1020 C  CD  . PRO A 1 129 ? 2.916   2.923   0.073   1.00 23.19  ? 168 PRO A CD  1 
ATOM   1021 N  N   . ARG A 1 130 ? 4.457   -1.364  -1.222  1.00 23.73  ? 169 ARG A N   1 
ATOM   1022 C  CA  . ARG A 1 130 ? 5.349   -2.163  -2.063  1.00 24.49  ? 169 ARG A CA  1 
ATOM   1023 C  C   . ARG A 1 130 ? 4.660   -3.481  -2.416  1.00 24.09  ? 169 ARG A C   1 
ATOM   1024 O  O   . ARG A 1 130 ? 3.992   -4.087  -1.580  1.00 23.48  ? 169 ARG A O   1 
ATOM   1025 C  CB  . ARG A 1 130 ? 6.668   -2.342  -1.325  1.00 24.52  ? 169 ARG A CB  1 
ATOM   1026 C  CG  . ARG A 1 130 ? 7.669   -3.273  -2.001  1.00 27.83  ? 169 ARG A CG  1 
ATOM   1027 C  CD  . ARG A 1 130 ? 8.890   -3.301  -1.085  1.00 24.33  ? 169 ARG A CD  1 
ATOM   1028 N  NE  . ARG A 1 130 ? 8.676   -4.127  0.059   1.00 23.64  ? 169 ARG A NE  1 
ATOM   1029 C  CZ  . ARG A 1 130 ? 9.580   -4.439  0.959   1.00 26.74  ? 169 ARG A CZ  1 
ATOM   1030 N  NH1 . ARG A 1 130 ? 10.827  -4.003  0.854   1.00 28.16  ? 169 ARG A NH1 1 
ATOM   1031 N  NH2 . ARG A 1 130 ? 9.268   -5.260  1.930   1.00 24.13  ? 169 ARG A NH2 1 
ATOM   1032 N  N   . ILE A 1 131 ? 4.811   -3.893  -3.660  1.00 24.02  ? 170 ILE A N   1 
ATOM   1033 C  CA  . ILE A 1 131 ? 4.270   -5.224  -4.021  1.00 25.58  ? 170 ILE A CA  1 
ATOM   1034 C  C   . ILE A 1 131 ? 5.428   -6.184  -4.301  1.00 27.25  ? 170 ILE A C   1 
ATOM   1035 O  O   . ILE A 1 131 ? 6.580   -5.746  -4.606  1.00 25.84  ? 170 ILE A O   1 
ATOM   1036 C  CB  . ILE A 1 131 ? 3.297   -5.126  -5.206  1.00 27.81  ? 170 ILE A CB  1 
ATOM   1037 C  CG1 . ILE A 1 131 ? 4.003   -4.636  -6.464  1.00 29.12  ? 170 ILE A CG1 1 
ATOM   1038 C  CG2 . ILE A 1 131 ? 2.087   -4.276  -4.858  1.00 29.32  ? 170 ILE A CG2 1 
ATOM   1039 C  CD1 . ILE A 1 131 ? 3.210   -4.800  -7.738  1.00 35.17  ? 170 ILE A CD1 1 
ATOM   1040 N  N   . HIS A 1 132 ? 5.098   -7.461  -4.272  1.00 27.04  ? 171 HIS A N   1 
ATOM   1041 C  CA  . HIS A 1 132 ? 6.006   -8.559  -4.665  1.00 25.19  ? 171 HIS A CA  1 
ATOM   1042 C  C   . HIS A 1 132 ? 5.226   -9.429  -5.627  1.00 27.69  ? 171 HIS A C   1 
ATOM   1043 O  O   . HIS A 1 132 ? 4.072   -9.806  -5.310  1.00 27.10  ? 171 HIS A O   1 
ATOM   1044 C  CB  . HIS A 1 132 ? 6.503   -9.327  -3.469  1.00 25.27  ? 171 HIS A CB  1 
ATOM   1045 C  CG  . HIS A 1 132 ? 7.001   -8.467  -2.371  1.00 30.92  ? 171 HIS A CG  1 
ATOM   1046 N  ND1 . HIS A 1 132 ? 8.267   -7.904  -2.405  1.00 29.25  ? 171 HIS A ND1 1 
ATOM   1047 C  CD2 . HIS A 1 132 ? 6.440   -8.109  -1.187  1.00 31.53  ? 171 HIS A CD2 1 
ATOM   1048 C  CE1 . HIS A 1 132 ? 8.461   -7.213  -1.295  1.00 30.15  ? 171 HIS A CE1 1 
ATOM   1049 N  NE2 . HIS A 1 132 ? 7.353   -7.295  -0.537  1.00 31.68  ? 171 HIS A NE2 1 
ATOM   1050 N  N   . ILE A 1 133 ? 5.801   -9.698  -6.780  1.00 28.46  ? 172 ILE A N   1 
ATOM   1051 C  CA  . ILE A 1 133 ? 5.145   -10.636 -7.735  1.00 29.16  ? 172 ILE A CA  1 
ATOM   1052 C  C   . ILE A 1 133 ? 5.968   -11.901 -7.649  1.00 31.06  ? 172 ILE A C   1 
ATOM   1053 O  O   . ILE A 1 133 ? 7.174   -11.831 -7.943  1.00 29.26  ? 172 ILE A O   1 
ATOM   1054 C  CB  . ILE A 1 133 ? 5.090   -10.081 -9.158  1.00 31.54  ? 172 ILE A CB  1 
ATOM   1055 C  CG1 . ILE A 1 133 ? 4.329   -8.774  -9.231  1.00 29.59  ? 172 ILE A CG1 1 
ATOM   1056 C  CG2 . ILE A 1 133 ? 4.487   -11.127 -10.072 1.00 30.27  ? 172 ILE A CG2 1 
ATOM   1057 C  CD1 . ILE A 1 133 ? 4.478   -8.038  -10.536 1.00 30.98  ? 172 ILE A CD1 1 
ATOM   1058 N  N   . VAL A 1 134 ? 5.352   -12.984 -7.174  1.00 30.03  ? 173 VAL A N   1 
ATOM   1059 C  CA  . VAL A 1 134 ? 6.073   -14.241 -6.850  1.00 28.68  ? 173 VAL A CA  1 
ATOM   1060 C  C   . VAL A 1 134 ? 5.637   -15.265 -7.904  1.00 31.57  ? 173 VAL A C   1 
ATOM   1061 O  O   . VAL A 1 134 ? 4.421   -15.530 -7.994  1.00 31.45  ? 173 VAL A O   1 
ATOM   1062 C  CB  . VAL A 1 134 ? 5.825   -14.725 -5.423  1.00 28.40  ? 173 VAL A CB  1 
ATOM   1063 C  CG1 . VAL A 1 134 ? 6.672   -15.937 -5.094  1.00 32.38  ? 173 VAL A CG1 1 
ATOM   1064 C  CG2 . VAL A 1 134 ? 6.065   -13.607 -4.388  1.00 33.58  ? 173 VAL A CG2 1 
ATOM   1065 N  N   . ARG A 1 135 ? 6.566   -15.681 -8.761  1.00 32.24  ? 174 ARG A N   1 
ATOM   1066 C  CA  . ARG A 1 135 ? 6.328   -16.822 -9.685  1.00 37.57  ? 174 ARG A CA  1 
ATOM   1067 C  C   . ARG A 1 135 ? 6.375   -18.079 -8.831  1.00 36.99  ? 174 ARG A C   1 
ATOM   1068 O  O   . ARG A 1 135 ? 7.477   -18.357 -8.298  1.00 37.29  ? 174 ARG A O   1 
ATOM   1069 C  CB  . ARG A 1 135 ? 7.373   -16.875 -10.802 1.00 41.87  ? 174 ARG A CB  1 
ATOM   1070 C  CG  . ARG A 1 135 ? 7.095   -17.987 -11.801 1.00 47.49  ? 174 ARG A CG  1 
ATOM   1071 C  CD  . ARG A 1 135 ? 7.918   -17.815 -13.050 1.00 55.25  ? 174 ARG A CD  1 
ATOM   1072 N  NE  . ARG A 1 135 ? 7.676   -18.937 -13.942 1.00 61.10  ? 174 ARG A NE  1 
ATOM   1073 C  CZ  . ARG A 1 135 ? 8.122   -19.017 -15.192 1.00 69.02  ? 174 ARG A CZ  1 
ATOM   1074 N  NH1 . ARG A 1 135 ? 8.843   -18.043 -15.724 1.00 71.91  ? 174 ARG A NH1 1 
ATOM   1075 N  NH2 . ARG A 1 135 ? 7.827   -20.078 -15.918 1.00 70.37  ? 174 ARG A NH2 1 
ATOM   1076 N  N   . VAL A 1 136 ? 5.250   -18.813 -8.771  1.00 41.95  ? 175 VAL A N   1 
ATOM   1077 C  CA  . VAL A 1 136 ? 5.014   -19.990 -7.880  1.00 46.25  ? 175 VAL A CA  1 
ATOM   1078 C  C   . VAL A 1 136 ? 4.793   -21.252 -8.732  1.00 56.69  ? 175 VAL A C   1 
ATOM   1079 O  O   . VAL A 1 136 ? 4.384   -21.134 -9.926  1.00 49.53  ? 175 VAL A O   1 
ATOM   1080 C  CB  . VAL A 1 136 ? 3.797   -19.745 -6.962  1.00 47.81  ? 175 VAL A CB  1 
ATOM   1081 C  CG1 . VAL A 1 136 ? 4.076   -18.669 -5.912  1.00 48.74  ? 175 VAL A CG1 1 
ATOM   1082 C  CG2 . VAL A 1 136 ? 2.535   -19.391 -7.747  1.00 47.90  ? 175 VAL A CG2 1 
ATOM   1083 N  N   . GLY A 1 137 ? 4.993   -22.425 -8.131  1.00 61.12  ? 176 GLY A N   1 
ATOM   1084 C  CA  . GLY A 1 137 ? 4.575   -23.718 -8.712  1.00 74.32  ? 176 GLY A CA  1 
ATOM   1085 C  C   . GLY A 1 137 ? 5.616   -24.259 -9.671  1.00 80.14  ? 176 GLY A C   1 
ATOM   1086 O  O   . GLY A 1 137 ? 5.916   -25.478 -9.599  1.00 84.25  ? 176 GLY A O   1 
ATOM   1087 N  N   . GLY A 1 138 ? 6.157   -23.380 -10.522 1.00 76.35  ? 177 GLY A N   1 
ATOM   1088 C  CA  . GLY A 1 138 ? 7.232   -23.688 -11.480 1.00 81.49  ? 177 GLY A CA  1 
ATOM   1089 C  C   . GLY A 1 138 ? 8.461   -24.272 -10.790 1.00 84.58  ? 177 GLY A C   1 
ATOM   1090 O  O   . GLY A 1 138 ? 8.548   -24.327 -9.560  1.00 72.61  ? 177 GLY A O   1 
ATOM   1091 N  N   . PRO A 1 139 ? 9.461   -24.718 -11.579 1.00 92.06  ? 178 PRO A N   1 
ATOM   1092 C  CA  . PRO A 1 139 ? 10.692  -25.245 -11.000 1.00 89.38  ? 178 PRO A CA  1 
ATOM   1093 C  C   . PRO A 1 139 ? 11.388  -24.077 -10.291 1.00 86.74  ? 178 PRO A C   1 
ATOM   1094 O  O   . PRO A 1 139 ? 11.667  -24.184 -9.107  1.00 76.38  ? 178 PRO A O   1 
ATOM   1095 C  CB  . PRO A 1 139 ? 11.493  -25.774 -12.201 1.00 92.87  ? 178 PRO A CB  1 
ATOM   1096 C  CG  . PRO A 1 139 ? 10.884  -25.099 -13.432 1.00 90.18  ? 178 PRO A CG  1 
ATOM   1097 C  CD  . PRO A 1 139 ? 9.481   -24.666 -13.050 1.00 91.02  ? 178 PRO A CD  1 
ATOM   1098 N  N   . GLN A 1 140 ? 11.546  -22.982 -11.048 1.00 86.50  ? 179 GLN A N   1 
ATOM   1099 C  CA  . GLN A 1 140 ? 12.325  -21.762 -10.719 1.00 76.58  ? 179 GLN A CA  1 
ATOM   1100 C  C   . GLN A 1 140 ? 11.398  -20.723 -10.082 1.00 58.08  ? 179 GLN A C   1 
ATOM   1101 O  O   . GLN A 1 140 ? 10.666  -20.030 -10.800 1.00 58.32  ? 179 GLN A O   1 
ATOM   1102 C  CB  . GLN A 1 140 ? 12.954  -21.181 -11.997 1.00 91.60  ? 179 GLN A CB  1 
ATOM   1103 C  CG  . GLN A 1 140 ? 11.958  -20.484 -12.939 1.00 101.16 ? 179 GLN A CG  1 
ATOM   1104 C  CD  . GLN A 1 140 ? 11.928  -21.010 -14.358 1.00 101.39 ? 179 GLN A CD  1 
ATOM   1105 O  OE1 . GLN A 1 140 ? 12.406  -20.374 -15.300 1.00 93.07  ? 179 GLN A OE1 1 
ATOM   1106 N  NE2 . GLN A 1 140 ? 11.313  -22.171 -14.525 1.00 97.57  ? 179 GLN A NE2 1 
ATOM   1107 N  N   . ARG A 1 141 ? 11.422  -20.627 -8.753  0.70 56.18  ? 180 ARG A N   1 
ATOM   1108 C  CA  . ARG A 1 141 ? 10.758  -19.513 -8.036  0.70 52.96  ? 180 ARG A CA  1 
ATOM   1109 C  C   . ARG A 1 141 ? 11.473  -18.212 -8.423  0.70 48.54  ? 180 ARG A C   1 
ATOM   1110 O  O   . ARG A 1 141 ? 12.700  -18.259 -8.659  0.70 43.50  ? 180 ARG A O   1 
ATOM   1111 C  CB  . ARG A 1 141 ? 10.763  -19.726 -6.522  0.70 56.72  ? 180 ARG A CB  1 
ATOM   1112 C  CG  . ARG A 1 141 ? 9.901   -18.718 -5.777  0.70 62.08  ? 180 ARG A CG  1 
ATOM   1113 C  CD  . ARG A 1 141 ? 10.270  -18.523 -4.318  0.70 66.10  ? 180 ARG A CD  1 
ATOM   1114 N  NE  . ARG A 1 141 ? 9.054   -18.519 -3.521  0.70 70.28  ? 180 ARG A NE  1 
ATOM   1115 C  CZ  . ARG A 1 141 ? 8.457   -19.607 -3.047  0.70 73.39  ? 180 ARG A CZ  1 
ATOM   1116 N  NH1 . ARG A 1 141 ? 7.334   -19.489 -2.355  0.70 71.51  ? 180 ARG A NH1 1 
ATOM   1117 N  NH2 . ARG A 1 141 ? 8.981   -20.806 -3.255  0.70 74.30  ? 180 ARG A NH2 1 
ATOM   1118 N  N   . MET A 1 142 ? 10.722  -17.110 -8.522  1.00 41.44  ? 181 MET A N   1 
ATOM   1119 C  CA  . MET A 1 142 ? 11.283  -15.761 -8.792  1.00 39.02  ? 181 MET A CA  1 
ATOM   1120 C  C   . MET A 1 142 ? 10.379  -14.728 -8.112  1.00 39.33  ? 181 MET A C   1 
ATOM   1121 O  O   . MET A 1 142 ? 9.165   -14.977 -7.941  1.00 29.47  ? 181 MET A O   1 
ATOM   1122 C  CB  . MET A 1 142 ? 11.387  -15.461 -10.291 1.00 35.78  ? 181 MET A CB  1 
ATOM   1123 C  CG  . MET A 1 142 ? 12.115  -14.155 -10.650 1.00 38.79  ? 181 MET A CG  1 
ATOM   1124 S  SD  . MET A 1 142 ? 13.676  -13.877 -9.773  1.00 37.92  ? 181 MET A SD  1 
ATOM   1125 C  CE  . MET A 1 142 ? 14.017  -12.164 -10.190 1.00 52.35  ? 181 MET A CE  1 
ATOM   1126 N  N   . ILE A 1 143 ? 10.975  -13.617 -7.713  1.00 32.98  ? 182 ILE A N   1 
ATOM   1127 C  CA  . ILE A 1 143 ? 10.275  -12.485 -7.055  1.00 31.35  ? 182 ILE A CA  1 
ATOM   1128 C  C   . ILE A 1 143 ? 10.711  -11.234 -7.779  1.00 30.52  ? 182 ILE A C   1 
ATOM   1129 O  O   . ILE A 1 143 ? 11.976  -11.039 -7.943  1.00 28.20  ? 182 ILE A O   1 
ATOM   1130 C  CB  . ILE A 1 143 ? 10.596  -12.417 -5.557  1.00 30.44  ? 182 ILE A CB  1 
ATOM   1131 C  CG1 . ILE A 1 143 ? 10.080  -13.663 -4.861  1.00 28.37  ? 182 ILE A CG1 1 
ATOM   1132 C  CG2 . ILE A 1 143 ? 10.019  -11.136 -4.910  1.00 30.87  ? 182 ILE A CG2 1 
ATOM   1133 C  CD1 . ILE A 1 143 ? 10.697  -13.886 -3.526  1.00 31.56  ? 182 ILE A CD1 1 
ATOM   1134 N  N   . THR A 1 144 ? 9.731   -10.440 -8.211  1.00 29.52  ? 183 THR A N   1 
ATOM   1135 C  CA  . THR A 1 144 ? 9.947   -9.044  -8.662  1.00 30.44  ? 183 THR A CA  1 
ATOM   1136 C  C   . THR A 1 144 ? 9.221   -8.137  -7.657  1.00 30.87  ? 183 THR A C   1 
ATOM   1137 O  O   . THR A 1 144 ? 8.028   -8.391  -7.345  1.00 29.59  ? 183 THR A O   1 
ATOM   1138 C  CB  . THR A 1 144 ? 9.574   -8.791  -10.122 1.00 34.07  ? 183 THR A CB  1 
ATOM   1139 O  OG1 . THR A 1 144 ? 8.159   -8.819  -10.260 1.00 58.05  ? 183 THR A OG1 1 
ATOM   1140 C  CG2 . THR A 1 144 ? 10.154  -9.819  -11.059 1.00 28.35  ? 183 THR A CG2 1 
ATOM   1141 N  N   . SER A 1 145 ? 9.934   -7.151  -7.119  1.00 27.95  ? 184 SER A N   1 
ATOM   1142 C  CA  . SER A 1 145 ? 9.369   -6.226  -6.107  1.00 25.41  ? 184 SER A CA  1 
ATOM   1143 C  C   . SER A 1 145 ? 9.268   -4.853  -6.733  1.00 27.30  ? 184 SER A C   1 
ATOM   1144 O  O   . SER A 1 145 ? 10.136  -4.462  -7.548  1.00 27.49  ? 184 SER A O   1 
ATOM   1145 C  CB  . SER A 1 145 ? 10.166  -6.213  -4.864  1.00 26.45  ? 184 SER A CB  1 
ATOM   1146 O  OG  . SER A 1 145 ? 10.101  -7.503  -4.276  1.00 29.04  ? 184 SER A OG  1 
ATOM   1147 N  N   . HIS A 1 146 ? 8.268   -4.090  -6.321  1.00 25.47  ? 185 HIS A N   1 
ATOM   1148 C  CA  . HIS A 1 146 ? 8.130   -2.701  -6.769  1.00 26.08  ? 185 HIS A CA  1 
ATOM   1149 C  C   . HIS A 1 146 ? 7.514   -1.836  -5.676  1.00 25.42  ? 185 HIS A C   1 
ATOM   1150 O  O   . HIS A 1 146 ? 6.460   -2.182  -5.134  1.00 26.38  ? 185 HIS A O   1 
ATOM   1151 C  CB  . HIS A 1 146 ? 7.295   -2.669  -8.041  1.00 27.45  ? 185 HIS A CB  1 
ATOM   1152 C  CG  . HIS A 1 146 ? 7.469   -1.414  -8.808  1.00 32.74  ? 185 HIS A CG  1 
ATOM   1153 N  ND1 . HIS A 1 146 ? 6.704   -0.279  -8.562  1.00 38.08  ? 185 HIS A ND1 1 
ATOM   1154 C  CD2 . HIS A 1 146 ? 8.284   -1.120  -9.830  1.00 35.50  ? 185 HIS A CD2 1 
ATOM   1155 C  CE1 . HIS A 1 146 ? 7.069   0.671   -9.398  1.00 39.05  ? 185 HIS A CE1 1 
ATOM   1156 N  NE2 . HIS A 1 146 ? 8.040   0.177   -10.174 1.00 40.16  ? 185 HIS A NE2 1 
ATOM   1157 N  N   A CYS A 1 147 ? 8.142   -0.681  -5.460  0.25 25.56  ? 186 CYS A N   1 
ATOM   1158 N  N   B CYS A 1 147 ? 8.139   -0.709  -5.338  0.25 25.28  ? 186 CYS A N   1 
ATOM   1159 C  CA  A CYS A 1 147 ? 7.712   0.400   -4.535  0.25 24.94  ? 186 CYS A CA  1 
ATOM   1160 C  CA  B CYS A 1 147 ? 7.563   0.261   -4.363  0.25 24.19  ? 186 CYS A CA  1 
ATOM   1161 C  C   A CYS A 1 147 ? 6.880   1.430   -5.268  0.25 25.50  ? 186 CYS A C   1 
ATOM   1162 C  C   B CYS A 1 147 ? 7.017   1.478   -5.115  0.25 24.52  ? 186 CYS A C   1 
ATOM   1163 O  O   A CYS A 1 147 ? 7.121   1.633   -6.474  0.25 25.18  ? 186 CYS A O   1 
ATOM   1164 O  O   B CYS A 1 147 ? 7.538   1.810   -6.185  0.25 24.16  ? 186 CYS A O   1 
ATOM   1165 C  CB  A CYS A 1 147 ? 8.929   1.130   -4.000  0.25 25.78  ? 186 CYS A CB  1 
ATOM   1166 C  CB  B CYS A 1 147 ? 8.568   0.630   -3.275  0.25 25.02  ? 186 CYS A CB  1 
ATOM   1167 S  SG  A CYS A 1 147 ? 9.859   0.077   -2.869  0.25 21.93  ? 186 CYS A SG  1 
ATOM   1168 S  SG  B CYS A 1 147 ? 10.124  1.345   -3.877  0.25 22.01  ? 186 CYS A SG  1 
ATOM   1169 N  N   . PHE A 1 148 ? 5.971   2.096   -4.551  1.00 25.82  ? 187 PHE A N   1 
ATOM   1170 C  CA  . PHE A 1 148 ? 5.151   3.149   -5.174  1.00 26.10  ? 187 PHE A CA  1 
ATOM   1171 C  C   . PHE A 1 148 ? 5.290   4.409   -4.346  1.00 26.39  ? 187 PHE A C   1 
ATOM   1172 O  O   . PHE A 1 148 ? 4.434   4.723   -3.531  1.00 24.61  ? 187 PHE A O   1 
ATOM   1173 C  CB  . PHE A 1 148 ? 3.713   2.657   -5.233  1.00 27.45  ? 187 PHE A CB  1 
ATOM   1174 C  CG  . PHE A 1 148 ? 3.536   1.508   -6.189  1.00 28.33  ? 187 PHE A CG  1 
ATOM   1175 C  CD1 . PHE A 1 148 ? 3.435   1.740   -7.556  1.00 29.30  ? 187 PHE A CD1 1 
ATOM   1176 C  CD2 . PHE A 1 148 ? 3.559   0.214   -5.715  1.00 26.41  ? 187 PHE A CD2 1 
ATOM   1177 C  CE1 . PHE A 1 148 ? 3.318   0.670   -8.438  1.00 31.74  ? 187 PHE A CE1 1 
ATOM   1178 C  CE2 . PHE A 1 148 ? 3.428   -0.848  -6.600  1.00 29.98  ? 187 PHE A CE2 1 
ATOM   1179 C  CZ  . PHE A 1 148 ? 3.293   -0.615  -7.950  1.00 28.53  ? 187 PHE A CZ  1 
ATOM   1180 N  N   . PRO A 1 149 ? 6.377   5.180   -4.535  1.00 26.97  ? 188 PRO A N   1 
ATOM   1181 C  CA  . PRO A 1 149 ? 6.501   6.436   -3.814  1.00 25.96  ? 188 PRO A CA  1 
ATOM   1182 C  C   . PRO A 1 149 ? 5.273   7.369   -3.892  1.00 25.51  ? 188 PRO A C   1 
ATOM   1183 O  O   . PRO A 1 149 ? 5.072   8.060   -2.936  1.00 24.22  ? 188 PRO A O   1 
ATOM   1184 C  CB  . PRO A 1 149 ? 7.724   7.088   -4.484  1.00 26.75  ? 188 PRO A CB  1 
ATOM   1185 C  CG  . PRO A 1 149 ? 8.530   5.959   -5.106  1.00 30.89  ? 188 PRO A CG  1 
ATOM   1186 C  CD  . PRO A 1 149 ? 7.494   4.913   -5.455  1.00 29.17  ? 188 PRO A CD  1 
ATOM   1187 N  N   . GLU A 1 150 ? 4.534   7.380   -5.019  1.00 24.96  ? 189 GLU A N   1 
ATOM   1188 C  CA  . GLU A 1 150 ? 3.322   8.229   -5.237  1.00 26.58  ? 189 GLU A CA  1 
ATOM   1189 C  C   . GLU A 1 150 ? 2.251   7.931   -4.177  1.00 25.90  ? 189 GLU A C   1 
ATOM   1190 O  O   . GLU A 1 150 ? 1.356   8.770   -3.949  1.00 26.43  ? 189 GLU A O   1 
ATOM   1191 C  CB  . GLU A 1 150 ? 2.836   7.952   -6.656  1.00 30.71  ? 189 GLU A CB  1 
ATOM   1192 C  CG  . GLU A 1 150 ? 4.000   7.870   -7.652  1.00 34.67  ? 189 GLU A CG  1 
ATOM   1193 C  CD  . GLU A 1 150 ? 4.436   6.512   -8.240  1.00 37.16  ? 189 GLU A CD  1 
ATOM   1194 O  OE1 . GLU A 1 150 ? 4.509   6.485   -9.493  1.00 50.89  ? 189 GLU A OE1 1 
ATOM   1195 O  OE2 . GLU A 1 150 ? 4.741   5.483   -7.517  1.00 22.78  ? 189 GLU A OE2 1 
ATOM   1196 N  N   . THR A 1 151 ? 2.322   6.764   -3.553  1.00 24.23  ? 190 THR A N   1 
ATOM   1197 C  CA  . THR A 1 151 ? 1.250   6.194   -2.701  1.00 23.88  ? 190 THR A CA  1 
ATOM   1198 C  C   . THR A 1 151 ? 1.666   6.257   -1.246  1.00 24.19  ? 190 THR A C   1 
ATOM   1199 O  O   . THR A 1 151 ? 0.946   5.717   -0.410  1.00 25.15  ? 190 THR A O   1 
ATOM   1200 C  CB  . THR A 1 151 ? 0.897   4.766   -3.138  1.00 25.04  ? 190 THR A CB  1 
ATOM   1201 O  OG1 . THR A 1 151 ? 1.957   3.878   -2.762  1.00 24.32  ? 190 THR A OG1 1 
ATOM   1202 C  CG2 . THR A 1 151 ? 0.583   4.723   -4.614  1.00 24.75  ? 190 THR A CG2 1 
ATOM   1203 N  N   . GLN A 1 152 ? 2.815   6.889   -0.949  1.00 22.47  ? 191 GLN A N   1 
ATOM   1204 C  CA  . GLN A 1 152 ? 3.199   7.128   0.452   1.00 22.24  ? 191 GLN A CA  1 
ATOM   1205 C  C   . GLN A 1 152 ? 2.057   7.773   1.255   1.00 24.25  ? 191 GLN A C   1 
ATOM   1206 O  O   . GLN A 1 152 ? 1.332   8.681   0.730   1.00 25.54  ? 191 GLN A O   1 
ATOM   1207 C  CB  . GLN A 1 152 ? 4.450   8.000   0.553   1.00 27.38  ? 191 GLN A CB  1 
ATOM   1208 C  CG  . GLN A 1 152 ? 5.720   7.199   0.292   1.00 30.65  ? 191 GLN A CG  1 
ATOM   1209 C  CD  . GLN A 1 152 ? 6.844   8.196   0.153   1.00 40.48  ? 191 GLN A CD  1 
ATOM   1210 O  OE1 . GLN A 1 152 ? 6.702   9.347   0.581   1.00 40.71  ? 191 GLN A OE1 1 
ATOM   1211 N  NE2 . GLN A 1 152 ? 7.913   7.802   -0.526  1.00 38.52  ? 191 GLN A NE2 1 
ATOM   1212 N  N   . PHE A 1 153 ? 1.928   7.347   2.483   1.00 23.82  ? 192 PHE A N   1 
ATOM   1213 C  CA  . PHE A 1 153 ? 0.980   7.968   3.416   1.00 25.23  ? 192 PHE A CA  1 
ATOM   1214 C  C   . PHE A 1 153 ? 1.457   7.837   4.846   1.00 25.31  ? 192 PHE A C   1 
ATOM   1215 O  O   . PHE A 1 153 ? 2.284   7.012   5.209   1.00 26.06  ? 192 PHE A O   1 
ATOM   1216 C  CB  . PHE A 1 153 ? -0.408  7.296   3.285   1.00 23.78  ? 192 PHE A CB  1 
ATOM   1217 C  CG  . PHE A 1 153 ? -0.427  5.836   3.634   1.00 23.27  ? 192 PHE A CG  1 
ATOM   1218 C  CD1 . PHE A 1 153 ? -0.605  5.425   4.938   1.00 22.97  ? 192 PHE A CD1 1 
ATOM   1219 C  CD2 . PHE A 1 153 ? -0.176  4.871   2.676   1.00 22.43  ? 192 PHE A CD2 1 
ATOM   1220 C  CE1 . PHE A 1 153 ? -0.583  4.082   5.271   1.00 26.62  ? 192 PHE A CE1 1 
ATOM   1221 C  CE2 . PHE A 1 153 ? -0.117  3.530   3.011   1.00 23.22  ? 192 PHE A CE2 1 
ATOM   1222 C  CZ  . PHE A 1 153 ? -0.319  3.129   4.309   1.00 25.24  ? 192 PHE A CZ  1 
ATOM   1223 N  N   . ILE A 1 154 ? 0.790   8.615   5.700   1.00 23.79  ? 193 ILE A N   1 
ATOM   1224 C  CA  . ILE A 1 154 ? 0.932   8.530   7.170   1.00 24.83  ? 193 ILE A CA  1 
ATOM   1225 C  C   . ILE A 1 154 ? -0.323  7.852   7.670   1.00 26.24  ? 193 ILE A C   1 
ATOM   1226 O  O   . ILE A 1 154 ? -1.388  8.283   7.222   1.00 27.25  ? 193 ILE A O   1 
ATOM   1227 C  CB  . ILE A 1 154 ? 1.119   9.920   7.808   1.00 25.99  ? 193 ILE A CB  1 
ATOM   1228 C  CG1 . ILE A 1 154 ? 2.365   10.618  7.259   1.00 28.94  ? 193 ILE A CG1 1 
ATOM   1229 C  CG2 . ILE A 1 154 ? 1.164   9.764   9.320   1.00 27.42  ? 193 ILE A CG2 1 
ATOM   1230 C  CD1 . ILE A 1 154 ? 2.604   12.010  7.764   1.00 31.09  ? 193 ILE A CD1 1 
ATOM   1231 N  N   . ALA A 1 155 ? -0.151  6.838   8.499   1.00 26.85  ? 194 ALA A N   1 
ATOM   1232 C  CA  . ALA A 1 155 ? -1.230  6.087   9.157   1.00 28.97  ? 194 ALA A CA  1 
ATOM   1233 C  C   . ALA A 1 155 ? -1.754  6.988   10.280  1.00 27.98  ? 194 ALA A C   1 
ATOM   1234 O  O   . ALA A 1 155 ? -0.928  7.500   11.043  1.00 27.88  ? 194 ALA A O   1 
ATOM   1235 C  CB  . ALA A 1 155 ? -0.695  4.784   9.666   1.00 32.27  ? 194 ALA A CB  1 
ATOM   1236 N  N   . VAL A 1 156 ? -3.070  7.189   10.334  1.00 29.73  ? 195 VAL A N   1 
ATOM   1237 C  CA  . VAL A 1 156 ? -3.741  8.096   11.321  1.00 30.76  ? 195 VAL A CA  1 
ATOM   1238 C  C   . VAL A 1 156 ? -5.005  7.419   11.832  1.00 30.73  ? 195 VAL A C   1 
ATOM   1239 O  O   . VAL A 1 156 ? -5.578  6.608   11.091  1.00 27.28  ? 195 VAL A O   1 
ATOM   1240 C  CB  . VAL A 1 156 ? -4.055  9.482   10.731  1.00 31.13  ? 195 VAL A CB  1 
ATOM   1241 C  CG1 . VAL A 1 156 ? -2.796  10.170  10.233  1.00 34.49  ? 195 VAL A CG1 1 
ATOM   1242 C  CG2 . VAL A 1 156 ? -5.133  9.464   9.649   1.00 30.75  ? 195 VAL A CG2 1 
ATOM   1243 N  N   . THR A 1 157 ? -5.412  7.725   13.067  1.00 32.18  ? 196 THR A N   1 
ATOM   1244 C  CA  . THR A 1 157 ? -6.681  7.200   13.644  1.00 36.21  ? 196 THR A CA  1 
ATOM   1245 C  C   . THR A 1 157 ? -7.847  8.109   13.240  1.00 35.22  ? 196 THR A C   1 
ATOM   1246 O  O   . THR A 1 157 ? -8.989  7.637   13.352  1.00 31.28  ? 196 THR A O   1 
ATOM   1247 C  CB  . THR A 1 157 ? -6.611  7.054   15.171  1.00 38.55  ? 196 THR A CB  1 
ATOM   1248 O  OG1 . THR A 1 157 ? -6.168  8.324   15.625  1.00 40.07  ? 196 THR A OG1 1 
ATOM   1249 C  CG2 . THR A 1 157 ? -5.685  5.955   15.637  1.00 40.98  ? 196 THR A CG2 1 
ATOM   1250 N  N   . ALA A 1 158 ? -7.559  9.342   12.802  1.00 30.62  ? 197 ALA A N   1 
ATOM   1251 C  CA  . ALA A 1 158 ? -8.514  10.308  12.210  1.00 33.62  ? 197 ALA A CA  1 
ATOM   1252 C  C   . ALA A 1 158 ? -7.745  11.282  11.328  1.00 29.56  ? 197 ALA A C   1 
ATOM   1253 O  O   . ALA A 1 158 ? -6.598  11.605  11.662  1.00 32.68  ? 197 ALA A O   1 
ATOM   1254 C  CB  . ALA A 1 158 ? -9.266  11.036  13.305  1.00 33.45  ? 197 ALA A CB  1 
ATOM   1255 N  N   . TYR A 1 159 ? -8.344  11.755  10.243  1.00 28.63  ? 198 TYR A N   1 
ATOM   1256 C  CA  . TYR A 1 159 ? -7.695  12.760  9.373   1.00 30.47  ? 198 TYR A CA  1 
ATOM   1257 C  C   . TYR A 1 159 ? -7.296  14.018  10.156  1.00 36.19  ? 198 TYR A C   1 
ATOM   1258 O  O   . TYR A 1 159 ? -8.102  14.583  10.911  1.00 31.01  ? 198 TYR A O   1 
ATOM   1259 C  CB  . TYR A 1 159 ? -8.588  13.131  8.194   1.00 31.09  ? 198 TYR A CB  1 
ATOM   1260 C  CG  . TYR A 1 159 ? -8.811  11.982  7.256   1.00 31.79  ? 198 TYR A CG  1 
ATOM   1261 C  CD1 . TYR A 1 159 ? -7.764  11.176  6.843   1.00 32.27  ? 198 TYR A CD1 1 
ATOM   1262 C  CD2 . TYR A 1 159 ? -10.083 11.653  6.834   1.00 32.89  ? 198 TYR A CD2 1 
ATOM   1263 C  CE1 . TYR A 1 159 ? -7.981  10.088  6.010   1.00 35.35  ? 198 TYR A CE1 1 
ATOM   1264 C  CE2 . TYR A 1 159 ? -10.317 10.571  6.015   1.00 34.57  ? 198 TYR A CE2 1 
ATOM   1265 C  CZ  . TYR A 1 159 ? -9.263  9.797   5.582   1.00 34.98  ? 198 TYR A CZ  1 
ATOM   1266 O  OH  . TYR A 1 159 ? -9.513  8.758   4.749   1.00 32.76  ? 198 TYR A OH  1 
ATOM   1267 N  N   . GLN A 1 160 ? -6.086  14.520  9.896   1.00 31.46  ? 199 GLN A N   1 
ATOM   1268 C  CA  . GLN A 1 160 ? -5.580  15.753  10.529  1.00 29.38  ? 199 GLN A CA  1 
ATOM   1269 C  C   . GLN A 1 160 ? -5.751  16.908  9.569   1.00 31.94  ? 199 GLN A C   1 
ATOM   1270 O  O   . GLN A 1 160 ? -6.148  17.998  9.995   1.00 32.86  ? 199 GLN A O   1 
ATOM   1271 C  CB  . GLN A 1 160 ? -4.131  15.528  10.927  1.00 32.95  ? 199 GLN A CB  1 
ATOM   1272 C  CG  . GLN A 1 160 ? -3.933  14.316  11.810  1.00 37.18  ? 199 GLN A CG  1 
ATOM   1273 C  CD  . GLN A 1 160 ? -4.622  14.483  13.132  1.00 43.26  ? 199 GLN A CD  1 
ATOM   1274 O  OE1 . GLN A 1 160 ? -4.277  15.387  13.881  1.00 48.93  ? 199 GLN A OE1 1 
ATOM   1275 N  NE2 . GLN A 1 160 ? -5.565  13.594  13.427  1.00 35.18  ? 199 GLN A NE2 1 
ATOM   1276 N  N   . ASN A 1 161 ? -5.421  16.693  8.301   1.00 28.87  ? 200 ASN A N   1 
ATOM   1277 C  CA  . ASN A 1 161 ? -5.428  17.772  7.305   1.00 28.12  ? 200 ASN A CA  1 
ATOM   1278 C  C   . ASN A 1 161 ? -6.780  17.720  6.587   1.00 29.28  ? 200 ASN A C   1 
ATOM   1279 O  O   . ASN A 1 161 ? -7.051  16.743  5.888   1.00 28.66  ? 200 ASN A O   1 
ATOM   1280 C  CB  . ASN A 1 161 ? -4.252  17.595  6.364   1.00 30.19  ? 200 ASN A CB  1 
ATOM   1281 C  CG  . ASN A 1 161 ? -4.245  18.600  5.253   1.00 28.69  ? 200 ASN A CG  1 
ATOM   1282 O  OD1 . ASN A 1 161 ? -5.090  19.483  5.192   1.00 31.47  ? 200 ASN A OD1 1 
ATOM   1283 N  ND2 . ASN A 1 161 ? -3.279  18.472  4.354   1.00 31.97  ? 200 ASN A ND2 1 
ATOM   1284 N  N   . GLU A 1 162 ? -7.600  18.764  6.739   1.00 31.09  ? 201 GLU A N   1 
ATOM   1285 C  CA  . GLU A 1 162 ? -8.992  18.739  6.211   1.00 31.66  ? 201 GLU A CA  1 
ATOM   1286 C  C   . GLU A 1 162 ? -8.929  18.754  4.681   1.00 29.74  ? 201 GLU A C   1 
ATOM   1287 O  O   . GLU A 1 162 ? -9.887  18.327  4.053   1.00 29.97  ? 201 GLU A O   1 
ATOM   1288 C  CB  . GLU A 1 162 ? -9.773  19.902  6.849   1.00 37.19  ? 201 GLU A CB  1 
ATOM   1289 C  CG  . GLU A 1 162 ? -10.083 21.021  5.892   1.00 50.59  ? 201 GLU A CG  1 
ATOM   1290 C  CD  . GLU A 1 162 ? -9.727  22.446  6.285   1.00 61.83  ? 201 GLU A CD  1 
ATOM   1291 O  OE1 . GLU A 1 162 ? -10.609 23.321  6.172   1.00 57.35  ? 201 GLU A OE1 1 
ATOM   1292 O  OE2 . GLU A 1 162 ? -8.554  22.693  6.621   1.00 80.28  ? 201 GLU A OE2 1 
ATOM   1293 N  N   . GLU A 1 163 ? -7.825  19.201  4.074   1.00 27.18  ? 202 GLU A N   1 
ATOM   1294 C  CA  . GLU A 1 163 ? -7.709  19.171  2.599   1.00 30.96  ? 202 GLU A CA  1 
ATOM   1295 C  C   . GLU A 1 163 ? -7.713  17.707  2.129   1.00 27.54  ? 202 GLU A C   1 
ATOM   1296 O  O   . GLU A 1 163 ? -8.230  17.455  1.015   1.00 27.90  ? 202 GLU A O   1 
ATOM   1297 C  CB  . GLU A 1 163 ? -6.443  19.870  2.101   1.00 30.24  ? 202 GLU A CB  1 
ATOM   1298 C  CG  . GLU A 1 163 ? -6.352  21.349  2.374   1.00 34.74  ? 202 GLU A CG  1 
ATOM   1299 C  CD  . GLU A 1 163 ? -4.910  21.846  2.223   1.00 44.01  ? 202 GLU A CD  1 
ATOM   1300 O  OE1 . GLU A 1 163 ? -4.633  22.637  1.290   1.00 52.13  ? 202 GLU A OE1 1 
ATOM   1301 O  OE2 . GLU A 1 163 ? -4.055  21.378  2.990   1.00 59.52  ? 202 GLU A OE2 1 
ATOM   1302 N  N   . ILE A 1 164 ? -7.130  16.786  2.930   1.00 26.05  ? 203 ILE A N   1 
ATOM   1303 C  CA  . ILE A 1 164 ? -7.162  15.315  2.681   1.00 27.58  ? 203 ILE A CA  1 
ATOM   1304 C  C   . ILE A 1 164 ? -8.612  14.829  2.826   1.00 28.28  ? 203 ILE A C   1 
ATOM   1305 O  O   . ILE A 1 164 ? -9.108  14.168  1.944   1.00 27.29  ? 203 ILE A O   1 
ATOM   1306 C  CB  . ILE A 1 164 ? -6.181  14.565  3.592   1.00 28.31  ? 203 ILE A CB  1 
ATOM   1307 C  CG1 . ILE A 1 164 ? -4.739  14.849  3.170   1.00 27.72  ? 203 ILE A CG1 1 
ATOM   1308 C  CG2 . ILE A 1 164 ? -6.463  13.082  3.626   1.00 32.79  ? 203 ILE A CG2 1 
ATOM   1309 C  CD1 . ILE A 1 164 ? -4.348  14.189  1.831   1.00 28.17  ? 203 ILE A CD1 1 
ATOM   1310 N  N   . THR A 1 165 ? -9.277  15.175  3.916   1.00 27.70  ? 204 THR A N   1 
ATOM   1311 C  CA  . THR A 1 165 ? -10.685 14.772  4.130   1.00 28.40  ? 204 THR A CA  1 
ATOM   1312 C  C   . THR A 1 165 ? -11.492 15.154  2.894   1.00 28.38  ? 204 THR A C   1 
ATOM   1313 O  O   . THR A 1 165 ? -12.203 14.292  2.392   1.00 29.42  ? 204 THR A O   1 
ATOM   1314 C  CB  . THR A 1 165 ? -11.243 15.430  5.381   1.00 29.81  ? 204 THR A CB  1 
ATOM   1315 O  OG1 . THR A 1 165 ? -10.253 15.230  6.388   1.00 28.73  ? 204 THR A OG1 1 
ATOM   1316 C  CG2 . THR A 1 165 ? -12.588 14.862  5.761   1.00 31.16  ? 204 THR A CG2 1 
ATOM   1317 N  N   . ALA A 1 166 ? -11.334 16.377  2.386   1.00 31.92  ? 205 ALA A N   1 
ATOM   1318 C  CA  . ALA A 1 166 ? -12.171 16.885  1.271   1.00 31.93  ? 205 ALA A CA  1 
ATOM   1319 C  C   . ALA A 1 166 ? -11.827 16.085  0.018   1.00 30.70  ? 205 ALA A C   1 
ATOM   1320 O  O   . ALA A 1 166 ? -12.724 15.777  -0.757  1.00 27.72  ? 205 ALA A O   1 
ATOM   1321 C  CB  . ALA A 1 166 ? -11.990 18.358  1.039   1.00 33.84  ? 205 ALA A CB  1 
ATOM   1322 N  N   . LEU A 1 167 ? -10.532 15.819  -0.223  1.00 30.08  ? 206 LEU A N   1 
ATOM   1323 C  CA  . LEU A 1 167 ? -10.115 15.108  -1.463  1.00 28.27  ? 206 LEU A CA  1 
ATOM   1324 C  C   . LEU A 1 167 ? -10.661 13.691  -1.440  1.00 26.51  ? 206 LEU A C   1 
ATOM   1325 O  O   . LEU A 1 167 ? -11.017 13.182  -2.513  1.00 28.61  ? 206 LEU A O   1 
ATOM   1326 C  CB  . LEU A 1 167 ? -8.582  15.049  -1.540  1.00 30.74  ? 206 LEU A CB  1 
ATOM   1327 C  CG  . LEU A 1 167 ? -7.863  15.880  -2.588  1.00 40.89  ? 206 LEU A CG  1 
ATOM   1328 C  CD1 . LEU A 1 167 ? -6.577  15.127  -2.986  1.00 39.53  ? 206 LEU A CD1 1 
ATOM   1329 C  CD2 . LEU A 1 167 ? -8.704  16.197  -3.822  1.00 38.00  ? 206 LEU A CD2 1 
ATOM   1330 N  N   . LYS A 1 168 ? -10.608 13.038  -0.274  1.00 25.72  ? 207 LYS A N   1 
ATOM   1331 C  CA  . LYS A 1 168 ? -11.088 11.648  -0.129  1.00 26.47  ? 207 LYS A CA  1 
ATOM   1332 C  C   . LYS A 1 168 ? -12.574 11.605  -0.544  1.00 31.62  ? 207 LYS A C   1 
ATOM   1333 O  O   . LYS A 1 168 ? -12.995 10.719  -1.307  1.00 31.11  ? 207 LYS A O   1 
ATOM   1334 C  CB  . LYS A 1 168 ? -10.935 11.140  1.298   1.00 28.23  ? 207 LYS A CB  1 
ATOM   1335 C  CG  . LYS A 1 168 ? -9.493  11.054  1.789   1.00 32.20  ? 207 LYS A CG  1 
ATOM   1336 C  CD  . LYS A 1 168 ? -8.840  9.728   1.644   1.00 32.20  ? 207 LYS A CD  1 
ATOM   1337 C  CE  . LYS A 1 168 ? -7.396  9.799   2.111   1.00 31.09  ? 207 LYS A CE  1 
ATOM   1338 N  NZ  . LYS A 1 168 ? -6.911  8.438   2.380   1.00 34.19  ? 207 LYS A NZ  1 
ATOM   1339 N  N   . ILE A 1 169 ? -13.348 12.566  -0.056  1.00 26.64  ? 208 ILE A N   1 
ATOM   1340 C  CA  . ILE A 1 169 ? -14.814 12.557  -0.339  1.00 24.80  ? 208 ILE A CA  1 
ATOM   1341 C  C   . ILE A 1 169 ? -15.005 12.894  -1.816  1.00 26.71  ? 208 ILE A C   1 
ATOM   1342 O  O   . ILE A 1 169 ? -15.758 12.170  -2.504  1.00 29.27  ? 208 ILE A O   1 
ATOM   1343 C  CB  . ILE A 1 169 ? -15.516 13.509  0.650   1.00 26.22  ? 208 ILE A CB  1 
ATOM   1344 C  CG1 . ILE A 1 169 ? -15.505 12.909  2.058   1.00 24.17  ? 208 ILE A CG1 1 
ATOM   1345 C  CG2 . ILE A 1 169 ? -16.933 13.835  0.158   1.00 28.58  ? 208 ILE A CG2 1 
ATOM   1346 C  CD1 . ILE A 1 169 ? -15.759 13.912  3.144   1.00 29.73  ? 208 ILE A CD1 1 
ATOM   1347 N  N   . LYS A 1 170 ? -14.327 13.928  -2.311  1.00 27.09  ? 209 LYS A N   1 
ATOM   1348 C  CA  . LYS A 1 170 ? -14.544 14.434  -3.692  1.00 27.86  ? 209 LYS A CA  1 
ATOM   1349 C  C   . LYS A 1 170 ? -14.386 13.280  -4.687  1.00 29.21  ? 209 LYS A C   1 
ATOM   1350 O  O   . LYS A 1 170 ? -15.170 13.215  -5.687  1.00 27.49  ? 209 LYS A O   1 
ATOM   1351 C  CB  . LYS A 1 170 ? -13.617 15.617  -3.981  1.00 29.36  ? 209 LYS A CB  1 
ATOM   1352 C  CG  . LYS A 1 170 ? -13.850 16.319  -5.308  1.00 32.38  ? 209 LYS A CG  1 
ATOM   1353 C  CD  . LYS A 1 170 ? -13.077 17.656  -5.414  1.00 36.40  ? 209 LYS A CD  1 
ATOM   1354 C  CE  . LYS A 1 170 ? -13.495 18.592  -6.532  1.00 41.00  ? 209 LYS A CE  1 
ATOM   1355 N  NZ  . LYS A 1 170 ? -13.021 18.127  -7.856  1.00 41.19  ? 209 LYS A NZ  1 
ATOM   1356 N  N   . TYR A 1 171 ? -13.413 12.392  -4.456  1.00 30.74  ? 210 TYR A N   1 
ATOM   1357 C  CA  . TYR A 1 171 ? -13.017 11.396  -5.479  1.00 33.23  ? 210 TYR A CA  1 
ATOM   1358 C  C   . TYR A 1 171 ? -13.543 10.018  -5.127  1.00 33.25  ? 210 TYR A C   1 
ATOM   1359 O  O   . TYR A 1 171 ? -13.454 9.169   -5.989  1.00 34.64  ? 210 TYR A O   1 
ATOM   1360 C  CB  . TYR A 1 171 ? -11.513 11.507  -5.766  1.00 33.33  ? 210 TYR A CB  1 
ATOM   1361 C  CG  . TYR A 1 171 ? -11.259 12.748  -6.576  1.00 31.30  ? 210 TYR A CG  1 
ATOM   1362 C  CD1 . TYR A 1 171 ? -11.737 12.839  -7.881  1.00 36.44  ? 210 TYR A CD1 1 
ATOM   1363 C  CD2 . TYR A 1 171 ? -10.692 13.873  -6.017  1.00 31.18  ? 210 TYR A CD2 1 
ATOM   1364 C  CE1 . TYR A 1 171 ? -11.589 14.002  -8.621  1.00 37.65  ? 210 TYR A CE1 1 
ATOM   1365 C  CE2 . TYR A 1 171 ? -10.530 15.045  -6.736  1.00 36.01  ? 210 TYR A CE2 1 
ATOM   1366 C  CZ  . TYR A 1 171 ? -11.003 15.114  -8.038  1.00 37.18  ? 210 TYR A CZ  1 
ATOM   1367 O  OH  . TYR A 1 171 ? -10.839 16.270  -8.749  1.00 39.96  ? 210 TYR A OH  1 
ATOM   1368 N  N   . ASN A 1 172 ? -14.171 9.829   -3.972  1.00 32.19  ? 211 ASN A N   1 
ATOM   1369 C  CA  . ASN A 1 172 ? -14.740 8.508   -3.629  1.00 34.69  ? 211 ASN A CA  1 
ATOM   1370 C  C   . ASN A 1 172 ? -16.123 8.418   -4.307  1.00 50.53  ? 211 ASN A C   1 
ATOM   1371 O  O   . ASN A 1 172 ? -16.656 9.421   -4.803  1.00 48.89  ? 211 ASN A O   1 
ATOM   1372 C  CB  . ASN A 1 172 ? -14.691 8.246   -2.130  1.00 38.17  ? 211 ASN A CB  1 
ATOM   1373 C  CG  . ASN A 1 172 ? -15.850 8.838   -1.341  1.00 42.02  ? 211 ASN A CG  1 
ATOM   1374 O  OD1 . ASN A 1 172 ? -15.828 8.830   -0.115  1.00 50.74  ? 211 ASN A OD1 1 
ATOM   1375 N  ND2 . ASN A 1 172 ? -16.874 9.302   -2.024  1.00 38.61  ? 211 ASN A ND2 1 
HETATM 1376 CD CD  . CD  B 2 .   ? 11.349  1.804   -1.835  0.50 24.92  ? 301 CD  A CD  1 
HETATM 1377 CD CD  . CD  C 2 .   ? 10.855  5.381   -1.547  1.00 26.27  ? 302 CD  A CD  1 
HETATM 1378 CD CD  . CD  D 2 .   ? -0.017  -10.163 10.793  1.00 95.82  ? 303 CD  A CD  1 
HETATM 1379 CD CD  . CD  E 2 .   ? 16.093  10.069  10.897  0.50 31.08  ? 304 CD  A CD  1 
HETATM 1380 CD CD  . CD  F 2 .   ? 3.372   -11.749 9.622   1.00 84.40  ? 305 CD  A CD  1 
HETATM 1381 N  N1  . LV4 G 3 .   ? 6.810   -13.311 1.976   0.70 58.73  ? 306 LV4 A N1  1 
HETATM 1382 C  C4  . LV4 G 3 .   ? 4.590   -16.196 2.220   0.70 60.57  ? 306 LV4 A C4  1 
HETATM 1383 C  C5  . LV4 G 3 .   ? 3.360   -15.967 2.811   0.70 57.78  ? 306 LV4 A C5  1 
HETATM 1384 C  C6  . LV4 G 3 .   ? 6.072   -14.231 2.586   0.70 64.68  ? 306 LV4 A C6  1 
HETATM 1385 C  C7  . LV4 G 3 .   ? 6.606   -18.803 0.804   0.70 65.97  ? 306 LV4 A C7  1 
HETATM 1386 N  N   . LV4 G 3 .   ? 5.498   -15.183 1.827   0.70 61.81  ? 306 LV4 A N   1 
HETATM 1387 C  C   . LV4 G 3 .   ? 2.541   -17.035 3.150   0.70 58.62  ? 306 LV4 A C   1 
HETATM 1388 O  O   . LV4 G 3 .   ? 6.245   -17.648 1.372   0.70 64.95  ? 306 LV4 A O   1 
HETATM 1389 C  C1  . LV4 G 3 .   ? 2.944   -18.329 2.904   0.70 58.39  ? 306 LV4 A C1  1 
HETATM 1390 C  C2  . LV4 G 3 .   ? 4.171   -18.581 2.317   0.70 61.80  ? 306 LV4 A C2  1 
HETATM 1391 C  C3  . LV4 G 3 .   ? 5.002   -17.519 1.963   0.70 60.80  ? 306 LV4 A C3  1 
HETATM 1392 F  F   . LV4 G 3 .   ? 7.722   -18.623 0.114   0.70 61.70  ? 306 LV4 A F   1 
HETATM 1393 F  F1  . LV4 G 3 .   ? 6.834   -19.754 1.696   0.70 65.33  ? 306 LV4 A F1  1 
HETATM 1394 F  F2  . LV4 G 3 .   ? 5.711   -19.275 -0.043  0.70 68.10  ? 306 LV4 A F2  1 
HETATM 1395 S  S   . LV4 G 3 .   ? 5.870   -14.225 4.273   0.70 66.05  ? 306 LV4 A S   1 
HETATM 1396 O  O   . HOH H 4 .   ? 7.684   -14.481 -15.094 1.00 41.62  ? 401 HOH A O   1 
HETATM 1397 O  O   . HOH H 4 .   ? -8.934  -15.410 -14.776 1.00 45.70  ? 402 HOH A O   1 
HETATM 1398 O  O   . HOH H 4 .   ? -8.763  -9.993  1.132   1.00 33.75  ? 403 HOH A O   1 
HETATM 1399 O  O   . HOH H 4 .   ? -4.009  3.130   -8.135  1.00 30.23  ? 404 HOH A O   1 
HETATM 1400 O  O   . HOH H 4 .   ? -7.309  -17.906 -14.058 1.00 46.24  ? 405 HOH A O   1 
HETATM 1401 O  O   . HOH H 4 .   ? -10.044 -10.354 -10.492 1.00 34.29  ? 406 HOH A O   1 
HETATM 1402 O  O   . HOH H 4 .   ? 12.353  -3.149  -7.757  1.00 38.08  ? 407 HOH A O   1 
HETATM 1403 O  O   . HOH H 4 .   ? -8.842  19.326  -0.669  1.00 34.35  ? 408 HOH A O   1 
HETATM 1404 O  O   . HOH H 4 .   ? -10.335 1.178   16.408  1.00 56.38  ? 409 HOH A O   1 
HETATM 1405 O  O   . HOH H 4 .   ? -6.461  -7.175  5.217   1.00 38.48  ? 410 HOH A O   1 
HETATM 1406 O  O   . HOH H 4 .   ? 7.443   6.968   10.087  1.00 26.97  ? 411 HOH A O   1 
HETATM 1407 O  O   . HOH H 4 .   ? 10.339  9.724   4.978   1.00 25.10  ? 412 HOH A O   1 
HETATM 1408 O  O   . HOH H 4 .   ? -1.987  15.644  5.404   1.00 26.88  ? 413 HOH A O   1 
HETATM 1409 O  O   . HOH H 4 .   ? 13.561  -9.289  -6.696  1.00 34.88  ? 414 HOH A O   1 
HETATM 1410 O  O   . HOH H 4 .   ? -8.113  -1.450  0.627   1.00 28.53  ? 415 HOH A O   1 
HETATM 1411 O  O   . HOH H 4 .   ? -1.477  -5.995  -19.033 1.00 45.87  ? 416 HOH A O   1 
HETATM 1412 O  O   . HOH H 4 .   ? -6.767  -18.927 -7.515  0.50 29.97  ? 417 HOH A O   1 
HETATM 1413 O  O   . HOH H 4 .   ? -6.675  3.887   -7.623  1.00 41.27  ? 418 HOH A O   1 
HETATM 1414 O  O   . HOH H 4 .   ? 9.680   2.760   -7.531  1.00 44.11  ? 419 HOH A O   1 
HETATM 1415 O  O   . HOH H 4 .   ? -16.588 14.752  -7.422  1.00 27.46  ? 420 HOH A O   1 
HETATM 1416 O  O   . HOH H 4 .   ? 0.038   9.330   -1.572  1.00 24.72  ? 421 HOH A O   1 
HETATM 1417 O  O   . HOH H 4 .   ? -6.513  -9.130  -10.093 1.00 35.16  ? 422 HOH A O   1 
HETATM 1418 O  O   . HOH H 4 .   ? -7.847  -6.868  -9.095  1.00 30.44  ? 423 HOH A O   1 
HETATM 1419 O  O   . HOH H 4 .   ? -0.384  2.456   16.251  1.00 47.49  ? 424 HOH A O   1 
HETATM 1420 O  O   . HOH H 4 .   ? -7.137  2.835   5.345   1.00 34.33  ? 425 HOH A O   1 
HETATM 1421 O  O   . HOH H 4 .   ? 2.017   11.372  1.076   1.00 27.55  ? 426 HOH A O   1 
HETATM 1422 O  O   . HOH H 4 .   ? -10.854 -9.834  -7.006  1.00 29.85  ? 427 HOH A O   1 
HETATM 1423 O  O   . HOH H 4 .   ? 1.587   -5.803  9.871   1.00 46.39  ? 428 HOH A O   1 
HETATM 1424 O  O   . HOH H 4 .   ? 6.228   -15.609 -0.861  1.00 20.61  ? 429 HOH A O   1 
HETATM 1425 O  O   . HOH H 4 .   ? -7.517  -6.737  -2.320  1.00 26.55  ? 430 HOH A O   1 
HETATM 1426 O  O   . HOH H 4 .   ? -6.077  -8.703  -13.000 1.00 35.05  ? 431 HOH A O   1 
HETATM 1427 O  O   . HOH H 4 .   ? -2.402  -5.681  -14.999 1.00 40.82  ? 432 HOH A O   1 
HETATM 1428 O  O   . HOH H 4 .   ? 2.447   18.777  6.018   1.00 39.39  ? 433 HOH A O   1 
HETATM 1429 O  O   . HOH H 4 .   ? 12.673  -6.876  -7.924  1.00 29.86  ? 434 HOH A O   1 
HETATM 1430 O  O   . HOH H 4 .   ? -6.900  20.789  8.659   1.00 40.43  ? 435 HOH A O   1 
HETATM 1431 O  O   . HOH H 4 .   ? -5.195  -0.592  -1.681  1.00 27.25  ? 436 HOH A O   1 
HETATM 1432 O  O   . HOH H 4 .   ? -1.611  6.134   -13.938 1.00 43.12  ? 437 HOH A O   1 
HETATM 1433 O  O   . HOH H 4 .   ? 14.620  6.983   9.339   1.00 31.51  ? 438 HOH A O   1 
HETATM 1434 O  O   . HOH H 4 .   ? -2.723  9.192   -14.165 1.00 39.73  ? 439 HOH A O   1 
HETATM 1435 O  O   . HOH H 4 .   ? -11.654 8.329   12.394  1.00 41.79  ? 440 HOH A O   1 
HETATM 1436 O  O   . HOH H 4 .   ? -7.629  -17.702 -5.174  1.00 35.84  ? 441 HOH A O   1 
HETATM 1437 O  O   . HOH H 4 .   ? -11.237 11.304  10.092  1.00 36.66  ? 442 HOH A O   1 
HETATM 1438 O  O   . HOH H 4 .   ? 6.069   10.621  -6.076  1.00 50.51  ? 443 HOH A O   1 
HETATM 1439 O  O   . HOH H 4 .   ? -3.694  9.706   14.750  1.00 45.07  ? 444 HOH A O   1 
HETATM 1440 O  O   . HOH H 4 .   ? -9.277  4.039   -5.848  1.00 33.12  ? 445 HOH A O   1 
HETATM 1441 O  O   . HOH H 4 .   ? 8.664   -12.507 -10.439 1.00 41.34  ? 446 HOH A O   1 
HETATM 1442 O  O   . HOH H 4 .   ? 12.170  -2.215  -1.132  1.00 27.62  ? 447 HOH A O   1 
HETATM 1443 O  O   . HOH H 4 .   ? -13.314 -0.542  5.471   1.00 37.23  ? 448 HOH A O   1 
HETATM 1444 O  O   . HOH H 4 .   ? -16.588 -3.571  4.998   1.00 51.98  ? 449 HOH A O   1 
HETATM 1445 O  O   . HOH H 4 .   ? 7.288   -7.680  4.787   1.00 51.68  ? 450 HOH A O   1 
HETATM 1446 O  O   . HOH H 4 .   ? -15.804 -7.391  1.201   1.00 39.58  ? 451 HOH A O   1 
HETATM 1447 O  O   . HOH H 4 .   ? 3.243   -11.852 6.892   1.00 38.49  ? 452 HOH A O   1 
HETATM 1448 O  O   . HOH H 4 .   ? -0.533  -7.687  10.796  1.00 42.36  ? 453 HOH A O   1 
HETATM 1449 O  O   . HOH H 4 .   ? -9.366  -7.504  -4.352  1.00 31.84  ? 454 HOH A O   1 
HETATM 1450 O  O   . HOH H 4 .   ? 8.790   -1.854  -13.754 1.00 42.89  ? 455 HOH A O   1 
HETATM 1451 O  O   . HOH H 4 .   ? 10.474  10.524  16.270  1.00 23.55  ? 456 HOH A O   1 
HETATM 1452 O  O   . HOH H 4 .   ? 11.054  -0.291  -6.990  1.00 21.66  ? 457 HOH A O   1 
HETATM 1453 O  O   . HOH H 4 .   ? -12.972 11.774  4.415   1.00 43.96  ? 458 HOH A O   1 
HETATM 1454 O  O   . HOH H 4 .   ? 10.884  0.366   -0.014  0.50 22.11  ? 459 HOH A O   1 
HETATM 1455 O  O   . HOH H 4 .   ? -9.637  -7.569  -7.046  1.00 33.14  ? 460 HOH A O   1 
HETATM 1456 O  O   . HOH H 4 .   ? 15.474  9.870   8.821   1.00 18.44  ? 461 HOH A O   1 
HETATM 1457 O  O   . HOH H 4 .   ? -10.888 18.674  -2.488  1.00 36.14  ? 462 HOH A O   1 
HETATM 1458 O  O   . HOH H 4 .   ? 11.437  6.316   0.518   1.00 21.57  ? 463 HOH A O   1 
HETATM 1459 O  O   . HOH H 4 .   ? -6.410  -17.007 -16.364 1.00 46.74  ? 464 HOH A O   1 
HETATM 1460 O  O   . HOH H 4 .   ? -17.542 16.086  -3.182  1.00 32.17  ? 465 HOH A O   1 
HETATM 1461 O  O   . HOH H 4 .   ? -8.099  23.732  -0.556  1.00 33.67  ? 466 HOH A O   1 
HETATM 1462 O  O   . HOH H 4 .   ? 3.098   -17.685 -1.526  1.00 47.52  ? 467 HOH A O   1 
HETATM 1463 O  O   . HOH H 4 .   ? -11.091 -10.867 0.061   1.00 31.13  ? 468 HOH A O   1 
HETATM 1464 O  O   . HOH H 4 .   ? 9.127   -13.787 -12.828 1.00 28.84  ? 469 HOH A O   1 
HETATM 1465 O  O   . HOH H 4 .   ? -14.083 11.954  6.872   1.00 40.53  ? 470 HOH A O   1 
HETATM 1466 O  O   . HOH H 4 .   ? 0.661   -13.283 10.172  1.00 60.55  ? 471 HOH A O   1 
HETATM 1467 O  O   . HOH H 4 .   ? 3.207   -12.721 12.511  1.00 56.40  ? 472 HOH A O   1 
# 
